data_1RXR
#
_entry.id   1RXR
#
_cell.length_a   1.000
_cell.length_b   1.000
_cell.length_c   1.000
_cell.angle_alpha   90.00
_cell.angle_beta   90.00
_cell.angle_gamma   90.00
#
_symmetry.space_group_name_H-M   'P 1'
#
loop_
_entity.id
_entity.type
_entity.pdbx_description
1 polymer 'RETINOIC ACID RECEPTOR-ALPHA'
2 non-polymer 'ZINC ION'
#
_entity_poly.entity_id   1
_entity_poly.type   'polypeptide(L)'
_entity_poly.pdbx_seq_one_letter_code
;FTKHICAICGDRSSGKHYGVYSCEGCKGFFKRTVRKDLTYTCRDNKDCLIDKRQRNRCQYCRYQKALAMGMKREAVQEER
QRG
;
_entity_poly.pdbx_strand_id   A
#
loop_
_chem_comp.id
_chem_comp.type
_chem_comp.name
_chem_comp.formula
ZN non-polymer 'ZINC ION' 'Zn 2'
#
# COMPACT_ATOMS: atom_id res chain seq x y z
N PHE A 1 -2.08 13.22 4.92
CA PHE A 1 -1.60 14.38 5.65
C PHE A 1 -1.73 15.60 4.73
N THR A 2 -1.56 16.80 5.29
CA THR A 2 -1.61 18.07 4.57
C THR A 2 -0.72 17.96 3.33
N LYS A 3 0.58 17.84 3.57
CA LYS A 3 1.55 17.53 2.54
C LYS A 3 1.31 16.04 2.25
N HIS A 4 0.81 15.72 1.05
CA HIS A 4 0.41 14.36 0.71
C HIS A 4 1.59 13.39 0.58
N ILE A 5 2.21 13.05 1.70
CA ILE A 5 3.19 11.98 1.74
C ILE A 5 2.41 10.67 1.70
N CYS A 6 3.04 9.60 1.21
CA CYS A 6 2.41 8.31 1.12
C CYS A 6 2.21 7.82 2.55
N ALA A 7 0.95 7.63 2.95
CA ALA A 7 0.56 7.20 4.28
C ALA A 7 1.42 6.04 4.80
N ILE A 8 1.82 5.15 3.90
CA ILE A 8 2.61 3.97 4.21
C ILE A 8 4.10 4.30 4.35
N CYS A 9 4.79 4.57 3.24
CA CYS A 9 6.25 4.70 3.19
C CYS A 9 6.79 6.13 3.17
N GLY A 10 5.93 7.15 3.21
CA GLY A 10 6.36 8.54 3.26
C GLY A 10 6.88 9.10 1.93
N ASP A 11 6.73 8.36 0.83
CA ASP A 11 7.12 8.79 -0.51
C ASP A 11 6.20 9.94 -0.95
N ARG A 12 6.50 10.61 -2.08
CA ARG A 12 5.58 11.61 -2.60
C ARG A 12 4.35 10.87 -3.12
N SER A 13 3.14 11.23 -2.68
CA SER A 13 1.95 10.58 -3.23
C SER A 13 1.65 11.07 -4.63
N SER A 14 1.04 10.21 -5.45
CA SER A 14 0.52 10.57 -6.76
C SER A 14 -0.97 10.84 -6.63
N GLY A 15 -1.66 10.15 -5.69
CA GLY A 15 -3.07 10.34 -5.48
C GLY A 15 -3.54 9.59 -4.23
N LYS A 16 -4.81 9.79 -3.86
CA LYS A 16 -5.41 9.11 -2.73
C LYS A 16 -5.84 7.70 -3.16
N HIS A 17 -4.85 6.80 -3.27
CA HIS A 17 -5.12 5.46 -3.76
C HIS A 17 -5.91 4.74 -2.68
N TYR A 18 -7.03 4.14 -3.09
CA TYR A 18 -7.92 3.43 -2.19
C TYR A 18 -8.34 4.35 -1.03
N GLY A 19 -8.49 5.65 -1.34
CA GLY A 19 -8.92 6.67 -0.40
C GLY A 19 -7.81 7.21 0.52
N VAL A 20 -6.56 6.80 0.35
CA VAL A 20 -5.47 7.24 1.22
C VAL A 20 -4.28 7.72 0.37
N TYR A 21 -3.70 8.89 0.72
CA TYR A 21 -2.55 9.46 0.04
C TYR A 21 -1.46 8.41 -0.15
N SER A 22 -1.15 8.08 -1.40
CA SER A 22 -0.29 6.96 -1.73
C SER A 22 0.53 7.26 -3.00
N CYS A 23 1.63 6.51 -3.18
CA CYS A 23 2.57 6.62 -4.29
C CYS A 23 2.40 5.47 -5.29
N GLU A 24 2.99 5.65 -6.48
CA GLU A 24 2.91 4.73 -7.62
C GLU A 24 3.20 3.28 -7.24
N GLY A 25 4.29 3.04 -6.51
CA GLY A 25 4.65 1.70 -6.08
C GLY A 25 3.50 1.05 -5.32
N CYS A 26 3.03 1.77 -4.30
CA CYS A 26 1.92 1.34 -3.45
C CYS A 26 0.63 1.15 -4.26
N LYS A 27 0.31 2.07 -5.17
CA LYS A 27 -0.86 1.98 -6.06
C LYS A 27 -0.95 0.57 -6.63
N GLY A 28 0.06 0.23 -7.45
CA GLY A 28 0.14 -1.04 -8.15
C GLY A 28 0.27 -2.21 -7.18
N PHE A 29 1.22 -2.13 -6.25
CA PHE A 29 1.48 -3.19 -5.29
C PHE A 29 0.21 -3.62 -4.55
N PHE A 30 -0.50 -2.66 -3.96
CA PHE A 30 -1.72 -2.96 -3.24
C PHE A 30 -2.72 -3.59 -4.19
N LYS A 31 -2.92 -3.00 -5.38
CA LYS A 31 -3.84 -3.54 -6.37
C LYS A 31 -3.53 -5.01 -6.66
N ARG A 32 -2.28 -5.31 -7.02
CA ARG A 32 -1.82 -6.66 -7.29
C ARG A 32 -2.17 -7.57 -6.11
N THR A 33 -1.65 -7.23 -4.94
CA THR A 33 -1.82 -8.00 -3.71
C THR A 33 -3.29 -8.34 -3.47
N VAL A 34 -4.16 -7.33 -3.49
CA VAL A 34 -5.57 -7.50 -3.23
C VAL A 34 -6.24 -8.32 -4.32
N ARG A 35 -6.02 -7.99 -5.60
CA ARG A 35 -6.62 -8.73 -6.72
C ARG A 35 -6.27 -10.21 -6.65
N LYS A 36 -5.02 -10.51 -6.36
CA LYS A 36 -4.52 -11.88 -6.21
C LYS A 36 -4.97 -12.46 -4.87
N ASP A 37 -5.17 -11.60 -3.87
CA ASP A 37 -5.53 -11.89 -2.50
C ASP A 37 -4.37 -12.59 -1.80
N LEU A 38 -3.18 -12.00 -1.94
CA LEU A 38 -1.94 -12.52 -1.41
C LEU A 38 -1.65 -12.03 0.02
N THR A 39 -0.64 -12.66 0.60
CA THR A 39 -0.06 -12.43 1.92
C THR A 39 1.45 -12.59 1.71
N TYR A 40 2.28 -11.95 2.54
CA TYR A 40 3.73 -11.98 2.42
C TYR A 40 4.36 -12.08 3.81
N THR A 41 5.67 -11.92 3.87
CA THR A 41 6.48 -11.90 5.09
C THR A 41 7.69 -11.00 4.81
N CYS A 42 8.36 -10.53 5.87
CA CYS A 42 9.53 -9.65 5.78
C CYS A 42 10.57 -10.18 6.77
N ARG A 43 11.86 -9.86 6.54
CA ARG A 43 12.95 -10.26 7.42
C ARG A 43 13.07 -9.24 8.56
N ASP A 44 11.97 -9.06 9.28
CA ASP A 44 11.81 -8.17 10.42
C ASP A 44 10.58 -8.68 11.17
N ASN A 45 10.26 -8.10 12.32
CA ASN A 45 9.05 -8.44 13.04
C ASN A 45 7.91 -7.71 12.35
N LYS A 46 6.67 -7.95 12.78
CA LYS A 46 5.52 -7.25 12.21
C LYS A 46 5.70 -5.74 12.32
N ASP A 47 6.29 -5.28 13.43
CA ASP A 47 6.58 -3.87 13.68
C ASP A 47 7.87 -3.46 12.94
N CYS A 48 7.89 -3.67 11.63
CA CYS A 48 9.03 -3.32 10.80
C CYS A 48 9.16 -1.80 10.72
N LEU A 49 10.39 -1.30 10.74
CA LEU A 49 10.66 0.13 10.68
C LEU A 49 10.37 0.65 9.27
N ILE A 50 9.11 0.93 8.96
CA ILE A 50 8.67 1.49 7.69
C ILE A 50 9.01 2.97 7.65
N ASP A 51 9.79 3.37 6.64
CA ASP A 51 10.22 4.73 6.33
C ASP A 51 10.64 4.70 4.86
N LYS A 52 11.03 5.85 4.31
CA LYS A 52 11.52 6.03 2.95
C LYS A 52 12.46 4.89 2.53
N ARG A 53 13.35 4.49 3.43
CA ARG A 53 14.34 3.42 3.25
C ARG A 53 13.71 2.13 2.75
N GLN A 54 12.53 1.79 3.28
CA GLN A 54 11.83 0.57 2.95
C GLN A 54 11.13 0.72 1.61
N ARG A 55 11.84 0.38 0.54
CA ARG A 55 11.29 0.42 -0.81
C ARG A 55 10.22 -0.66 -0.93
N ASN A 56 9.54 -0.72 -2.08
CA ASN A 56 8.45 -1.67 -2.28
C ASN A 56 8.84 -3.14 -2.11
N ARG A 57 10.15 -3.43 -1.99
CA ARG A 57 10.64 -4.75 -1.62
C ARG A 57 9.96 -5.20 -0.32
N CYS A 58 9.70 -4.26 0.60
CA CYS A 58 9.08 -4.53 1.90
C CYS A 58 7.55 -4.65 1.78
N GLN A 59 7.12 -5.51 0.84
CA GLN A 59 5.73 -5.79 0.50
C GLN A 59 4.86 -6.03 1.74
N TYR A 60 5.19 -7.06 2.52
CA TYR A 60 4.41 -7.45 3.70
C TYR A 60 4.06 -6.26 4.58
N CYS A 61 5.08 -5.52 4.98
CA CYS A 61 4.92 -4.42 5.90
C CYS A 61 4.15 -3.28 5.24
N ARG A 62 4.42 -2.98 3.97
CA ARG A 62 3.63 -1.96 3.27
C ARG A 62 2.15 -2.36 3.28
N TYR A 63 1.88 -3.64 3.02
CA TYR A 63 0.52 -4.19 3.02
C TYR A 63 -0.09 -4.05 4.42
N GLN A 64 0.62 -4.49 5.48
CA GLN A 64 0.16 -4.32 6.85
C GLN A 64 -0.23 -2.86 7.10
N LYS A 65 0.68 -1.94 6.80
CA LYS A 65 0.44 -0.51 6.98
C LYS A 65 -0.83 -0.09 6.25
N ALA A 66 -0.93 -0.42 4.95
CA ALA A 66 -2.11 -0.11 4.15
C ALA A 66 -3.40 -0.57 4.86
N LEU A 67 -3.38 -1.82 5.36
CA LEU A 67 -4.51 -2.38 6.07
C LEU A 67 -4.76 -1.65 7.39
N ALA A 68 -3.69 -1.33 8.12
CA ALA A 68 -3.75 -0.62 9.39
C ALA A 68 -4.46 0.72 9.23
N MET A 69 -4.07 1.53 8.23
CA MET A 69 -4.76 2.79 7.98
C MET A 69 -6.17 2.49 7.49
N GLY A 70 -6.32 1.44 6.68
CA GLY A 70 -7.61 0.99 6.18
C GLY A 70 -7.83 1.47 4.76
N MET A 71 -6.89 1.15 3.87
CA MET A 71 -7.07 1.44 2.44
C MET A 71 -8.32 0.69 1.99
N LYS A 72 -9.16 1.33 1.16
CA LYS A 72 -10.44 0.77 0.71
C LYS A 72 -10.21 -0.39 -0.26
N ARG A 73 -9.79 -1.53 0.30
CA ARG A 73 -9.48 -2.79 -0.35
C ARG A 73 -10.47 -3.08 -1.49
N GLU A 74 -11.76 -3.04 -1.18
CA GLU A 74 -12.83 -3.28 -2.14
C GLU A 74 -12.66 -2.50 -3.44
N ALA A 75 -12.25 -1.23 -3.38
CA ALA A 75 -12.08 -0.40 -4.55
C ALA A 75 -11.11 -1.00 -5.57
N VAL A 76 -10.15 -1.82 -5.11
CA VAL A 76 -9.24 -2.48 -6.02
C VAL A 76 -10.00 -3.28 -7.07
N GLN A 77 -11.15 -3.85 -6.69
CA GLN A 77 -11.96 -4.66 -7.58
C GLN A 77 -12.68 -3.83 -8.64
N GLU A 78 -12.39 -2.53 -8.79
CA GLU A 78 -13.00 -1.67 -9.80
C GLU A 78 -12.95 -2.33 -11.19
N GLU A 79 -11.75 -2.57 -11.70
CA GLU A 79 -11.59 -3.18 -13.02
C GLU A 79 -12.10 -4.62 -13.04
N ARG A 80 -12.21 -5.27 -11.88
CA ARG A 80 -12.74 -6.63 -11.78
C ARG A 80 -14.26 -6.63 -12.00
N GLN A 81 -14.94 -5.48 -11.99
CA GLN A 81 -16.37 -5.39 -12.25
C GLN A 81 -16.64 -5.57 -13.76
N ARG A 82 -16.30 -6.73 -14.31
CA ARG A 82 -16.48 -7.06 -15.71
C ARG A 82 -17.95 -7.33 -16.03
N GLY A 83 -18.80 -6.32 -15.89
CA GLY A 83 -20.23 -6.41 -16.14
C GLY A 83 -20.50 -6.95 -17.55
ZN ZN B . 4.09 4.32 -0.85
ZN ZN C . 9.32 -4.98 6.60
N PHE A 1 4.14 18.04 0.64
CA PHE A 1 4.46 17.20 1.77
C PHE A 1 3.73 17.73 3.00
N THR A 2 3.68 16.96 4.08
CA THR A 2 3.01 17.29 5.34
C THR A 2 1.48 17.22 5.18
N LYS A 3 0.93 18.05 4.29
CA LYS A 3 -0.49 18.10 3.99
C LYS A 3 -0.96 16.72 3.53
N HIS A 4 -0.23 16.14 2.58
CA HIS A 4 -0.41 14.80 2.05
C HIS A 4 0.99 14.23 1.90
N ILE A 5 1.13 12.92 2.12
CA ILE A 5 2.33 12.12 1.99
C ILE A 5 1.82 10.69 1.86
N CYS A 6 2.65 9.79 1.34
CA CYS A 6 2.21 8.41 1.20
C CYS A 6 2.03 7.80 2.58
N ALA A 7 0.82 7.35 2.91
CA ALA A 7 0.52 6.73 4.20
C ALA A 7 1.55 5.66 4.57
N ILE A 8 1.89 4.81 3.59
CA ILE A 8 2.78 3.68 3.78
C ILE A 8 4.25 4.06 3.99
N CYS A 9 4.84 4.85 3.08
CA CYS A 9 6.28 5.15 3.10
C CYS A 9 6.65 6.62 3.29
N GLY A 10 5.67 7.52 3.44
CA GLY A 10 5.91 8.94 3.69
C GLY A 10 6.44 9.72 2.49
N ASP A 11 6.61 9.07 1.33
CA ASP A 11 7.11 9.72 0.12
C ASP A 11 6.03 10.57 -0.53
N ARG A 12 6.37 11.24 -1.64
CA ARG A 12 5.43 12.06 -2.39
C ARG A 12 4.22 11.22 -2.79
N SER A 13 3.05 11.55 -2.29
CA SER A 13 1.82 10.87 -2.67
C SER A 13 1.50 11.28 -4.10
N SER A 14 1.15 10.31 -4.94
CA SER A 14 0.71 10.55 -6.30
C SER A 14 -0.75 11.02 -6.24
N GLY A 15 -1.53 10.46 -5.30
CA GLY A 15 -2.91 10.89 -5.13
C GLY A 15 -3.62 10.07 -4.06
N LYS A 16 -4.95 10.24 -4.01
CA LYS A 16 -5.84 9.52 -3.11
C LYS A 16 -6.06 8.15 -3.76
N HIS A 17 -5.65 7.07 -3.08
CA HIS A 17 -5.71 5.72 -3.60
C HIS A 17 -6.37 4.83 -2.55
N TYR A 18 -7.46 4.17 -2.93
CA TYR A 18 -8.22 3.30 -2.03
C TYR A 18 -8.60 4.03 -0.74
N GLY A 19 -8.87 5.34 -0.86
CA GLY A 19 -9.25 6.20 0.26
C GLY A 19 -8.07 6.69 1.11
N VAL A 20 -6.82 6.43 0.71
CA VAL A 20 -5.63 6.82 1.47
C VAL A 20 -4.63 7.53 0.55
N TYR A 21 -3.99 8.60 1.02
CA TYR A 21 -2.97 9.31 0.23
C TYR A 21 -1.79 8.36 0.00
N SER A 22 -1.42 8.10 -1.25
CA SER A 22 -0.33 7.17 -1.55
C SER A 22 0.32 7.44 -2.90
N CYS A 23 1.43 6.73 -3.17
CA CYS A 23 2.23 6.85 -4.36
C CYS A 23 1.97 5.67 -5.31
N GLU A 24 2.09 5.91 -6.62
CA GLU A 24 1.88 4.92 -7.67
C GLU A 24 2.49 3.54 -7.34
N GLY A 25 3.73 3.50 -6.88
CA GLY A 25 4.40 2.25 -6.53
C GLY A 25 3.57 1.44 -5.52
N CYS A 26 3.20 2.10 -4.41
CA CYS A 26 2.38 1.49 -3.38
C CYS A 26 1.00 1.13 -3.95
N LYS A 27 0.41 2.04 -4.74
CA LYS A 27 -0.88 1.82 -5.37
C LYS A 27 -0.87 0.49 -6.12
N GLY A 28 0.06 0.36 -7.06
CA GLY A 28 0.23 -0.82 -7.91
C GLY A 28 0.53 -2.05 -7.06
N PHE A 29 1.46 -1.92 -6.12
CA PHE A 29 1.83 -3.03 -5.25
C PHE A 29 0.59 -3.58 -4.54
N PHE A 30 -0.19 -2.69 -3.91
CA PHE A 30 -1.41 -3.06 -3.23
C PHE A 30 -2.37 -3.71 -4.23
N LYS A 31 -2.61 -3.04 -5.37
CA LYS A 31 -3.50 -3.55 -6.41
C LYS A 31 -3.17 -5.01 -6.74
N ARG A 32 -1.90 -5.24 -7.12
CA ARG A 32 -1.41 -6.57 -7.47
C ARG A 32 -1.61 -7.54 -6.32
N THR A 33 -1.14 -7.18 -5.11
CA THR A 33 -1.27 -8.02 -3.93
C THR A 33 -2.72 -8.45 -3.72
N VAL A 34 -3.64 -7.49 -3.74
CA VAL A 34 -5.05 -7.75 -3.52
C VAL A 34 -5.63 -8.61 -4.64
N ARG A 35 -5.43 -8.23 -5.91
CA ARG A 35 -5.95 -9.01 -7.04
C ARG A 35 -5.44 -10.45 -7.00
N LYS A 36 -4.16 -10.63 -6.69
CA LYS A 36 -3.56 -11.96 -6.55
C LYS A 36 -4.01 -12.62 -5.24
N ASP A 37 -4.48 -11.82 -4.28
CA ASP A 37 -4.91 -12.20 -2.94
C ASP A 37 -3.74 -12.83 -2.18
N LEU A 38 -2.60 -12.15 -2.23
CA LEU A 38 -1.35 -12.58 -1.61
C LEU A 38 -1.22 -12.08 -0.17
N THR A 39 -0.14 -12.51 0.47
CA THR A 39 0.32 -12.20 1.81
C THR A 39 1.81 -12.57 1.76
N TYR A 40 2.62 -11.99 2.65
CA TYR A 40 4.07 -12.18 2.64
C TYR A 40 4.57 -12.20 4.08
N THR A 41 5.88 -12.29 4.27
CA THR A 41 6.50 -12.28 5.59
C THR A 41 7.91 -11.67 5.53
N CYS A 42 8.06 -10.46 6.09
CA CYS A 42 9.36 -9.79 6.21
C CYS A 42 10.07 -10.44 7.41
N ARG A 43 11.39 -10.29 7.50
CA ARG A 43 12.14 -10.84 8.63
C ARG A 43 11.65 -10.16 9.91
N ASP A 44 11.50 -8.83 9.85
CA ASP A 44 10.96 -8.05 10.94
C ASP A 44 9.44 -8.19 10.95
N ASN A 45 8.83 -7.95 12.11
CA ASN A 45 7.39 -8.06 12.30
C ASN A 45 6.66 -6.79 11.82
N LYS A 46 5.33 -6.77 11.98
CA LYS A 46 4.42 -5.70 11.61
C LYS A 46 4.91 -4.29 11.97
N ASP A 47 5.74 -4.17 13.01
CA ASP A 47 6.29 -2.91 13.50
C ASP A 47 7.41 -2.34 12.62
N CYS A 48 7.93 -3.12 11.67
CA CYS A 48 9.00 -2.74 10.76
C CYS A 48 8.69 -1.40 10.07
N LEU A 49 9.28 -0.32 10.58
CA LEU A 49 9.07 1.03 10.08
C LEU A 49 9.50 1.12 8.62
N ILE A 50 8.55 1.38 7.72
CA ILE A 50 8.83 1.53 6.30
C ILE A 50 9.49 2.89 6.08
N ASP A 51 10.79 2.88 5.78
CA ASP A 51 11.54 4.09 5.50
C ASP A 51 11.09 4.70 4.18
N LYS A 52 11.49 5.96 3.94
CA LYS A 52 11.29 6.63 2.66
C LYS A 52 11.92 5.76 1.57
N ARG A 53 13.09 5.19 1.90
CA ARG A 53 13.80 4.22 1.09
C ARG A 53 13.08 2.89 1.26
N GLN A 54 11.80 2.84 0.83
CA GLN A 54 10.94 1.68 0.99
C GLN A 54 11.62 0.42 0.43
N ARG A 55 11.90 -0.53 1.30
CA ARG A 55 12.59 -1.77 0.96
C ARG A 55 11.72 -2.61 0.03
N ASN A 56 12.31 -3.12 -1.06
CA ASN A 56 11.61 -3.97 -2.02
C ASN A 56 11.15 -5.26 -1.33
N ARG A 57 12.08 -5.95 -0.65
CA ARG A 57 11.78 -7.18 0.07
C ARG A 57 11.13 -6.87 1.41
N CYS A 58 10.02 -6.12 1.39
CA CYS A 58 9.29 -5.74 2.60
C CYS A 58 7.80 -5.56 2.31
N GLN A 59 7.33 -6.43 1.41
CA GLN A 59 5.97 -6.52 0.92
C GLN A 59 5.00 -6.65 2.09
N TYR A 60 5.27 -7.59 3.00
CA TYR A 60 4.46 -7.86 4.18
C TYR A 60 4.13 -6.57 4.93
N CYS A 61 5.19 -5.86 5.34
CA CYS A 61 5.07 -4.66 6.14
C CYS A 61 4.33 -3.58 5.37
N ARG A 62 4.69 -3.33 4.12
CA ARG A 62 3.98 -2.34 3.29
C ARG A 62 2.49 -2.69 3.23
N TYR A 63 2.16 -3.95 2.96
CA TYR A 63 0.79 -4.44 2.88
C TYR A 63 0.08 -4.25 4.22
N GLN A 64 0.71 -4.64 5.32
CA GLN A 64 0.18 -4.46 6.67
C GLN A 64 -0.09 -2.97 6.92
N LYS A 65 0.84 -2.10 6.59
CA LYS A 65 0.67 -0.65 6.73
C LYS A 65 -0.58 -0.23 5.96
N ALA A 66 -0.64 -0.60 4.67
CA ALA A 66 -1.77 -0.28 3.80
C ALA A 66 -3.10 -0.67 4.44
N LEU A 67 -3.20 -1.93 4.87
CA LEU A 67 -4.41 -2.45 5.49
C LEU A 67 -4.72 -1.68 6.77
N ALA A 68 -3.74 -1.58 7.68
CA ALA A 68 -3.85 -0.88 8.95
C ALA A 68 -4.37 0.54 8.78
N MET A 69 -3.83 1.27 7.80
CA MET A 69 -4.25 2.65 7.53
C MET A 69 -5.57 2.74 6.76
N GLY A 70 -6.22 1.60 6.50
CA GLY A 70 -7.56 1.57 5.93
C GLY A 70 -7.61 1.65 4.41
N MET A 71 -6.61 1.11 3.70
CA MET A 71 -6.73 1.07 2.25
C MET A 71 -7.92 0.17 1.89
N LYS A 72 -8.94 0.77 1.26
CA LYS A 72 -10.17 0.09 0.93
C LYS A 72 -9.93 -0.98 -0.15
N ARG A 73 -9.54 -2.17 0.30
CA ARG A 73 -9.30 -3.37 -0.52
C ARG A 73 -10.37 -3.48 -1.61
N GLU A 74 -11.63 -3.26 -1.25
CA GLU A 74 -12.76 -3.31 -2.17
C GLU A 74 -12.52 -2.48 -3.43
N ALA A 75 -12.00 -1.26 -3.28
CA ALA A 75 -11.76 -0.35 -4.39
C ALA A 75 -10.76 -0.93 -5.40
N VAL A 76 -9.96 -1.95 -5.05
CA VAL A 76 -9.10 -2.58 -6.03
C VAL A 76 -9.97 -3.19 -7.13
N GLN A 77 -11.16 -3.68 -6.77
CA GLN A 77 -12.12 -4.24 -7.71
C GLN A 77 -12.90 -3.12 -8.41
N GLU A 78 -12.23 -2.01 -8.77
CA GLU A 78 -12.87 -0.88 -9.43
C GLU A 78 -13.50 -1.32 -10.76
N GLU A 79 -12.83 -2.25 -11.46
CA GLU A 79 -13.27 -2.79 -12.73
C GLU A 79 -14.47 -3.72 -12.57
N ARG A 80 -14.37 -4.67 -11.65
CA ARG A 80 -15.42 -5.65 -11.39
C ARG A 80 -16.55 -4.96 -10.61
N GLN A 81 -17.50 -4.38 -11.33
CA GLN A 81 -18.63 -3.66 -10.76
C GLN A 81 -19.33 -4.47 -9.67
N ARG A 82 -19.33 -3.94 -8.45
CA ARG A 82 -19.94 -4.51 -7.25
C ARG A 82 -21.47 -4.43 -7.34
N GLY A 83 -22.06 -5.11 -8.34
CA GLY A 83 -23.50 -5.08 -8.56
C GLY A 83 -23.95 -3.65 -8.87
ZN ZN B . 4.31 4.77 -0.99
ZN ZN C . 9.53 -5.19 6.95
N PHE A 1 8.26 16.90 -2.10
CA PHE A 1 7.01 16.63 -1.43
C PHE A 1 5.99 17.73 -1.68
N THR A 2 5.71 18.01 -2.95
CA THR A 2 4.70 18.99 -3.34
C THR A 2 3.34 18.44 -2.91
N LYS A 3 3.05 17.22 -3.40
CA LYS A 3 1.86 16.48 -3.05
C LYS A 3 2.01 15.94 -1.62
N HIS A 4 0.88 15.61 -1.00
CA HIS A 4 0.80 15.03 0.33
C HIS A 4 1.70 13.79 0.40
N ILE A 5 2.28 13.49 1.56
CA ILE A 5 3.14 12.32 1.70
C ILE A 5 2.31 11.03 1.67
N CYS A 6 2.88 9.96 1.13
CA CYS A 6 2.23 8.67 0.97
C CYS A 6 2.00 8.05 2.33
N ALA A 7 0.73 7.74 2.65
CA ALA A 7 0.36 7.12 3.92
C ALA A 7 1.24 5.92 4.29
N ILE A 8 1.63 5.12 3.29
CA ILE A 8 2.40 3.89 3.49
C ILE A 8 3.91 4.14 3.63
N CYS A 9 4.54 4.90 2.72
CA CYS A 9 5.99 5.07 2.69
C CYS A 9 6.53 6.49 2.78
N GLY A 10 5.68 7.50 2.89
CA GLY A 10 6.10 8.88 3.04
C GLY A 10 6.60 9.53 1.74
N ASP A 11 6.57 8.82 0.60
CA ASP A 11 6.98 9.35 -0.69
C ASP A 11 5.97 10.41 -1.15
N ARG A 12 6.30 11.23 -2.14
CA ARG A 12 5.37 12.20 -2.70
C ARG A 12 4.16 11.42 -3.29
N SER A 13 2.95 11.63 -2.78
CA SER A 13 1.79 10.90 -3.28
C SER A 13 1.47 11.24 -4.73
N SER A 14 0.87 10.26 -5.42
CA SER A 14 0.36 10.41 -6.77
C SER A 14 -1.06 10.97 -6.67
N GLY A 15 -1.84 10.51 -5.69
CA GLY A 15 -3.19 11.03 -5.48
C GLY A 15 -3.87 10.36 -4.29
N LYS A 16 -5.10 10.78 -4.02
CA LYS A 16 -5.94 10.27 -2.95
C LYS A 16 -6.53 8.92 -3.39
N HIS A 17 -5.64 7.96 -3.64
CA HIS A 17 -5.99 6.66 -4.16
C HIS A 17 -6.61 5.81 -3.05
N TYR A 18 -7.72 5.14 -3.37
CA TYR A 18 -8.50 4.35 -2.41
C TYR A 18 -8.92 5.23 -1.23
N GLY A 19 -9.08 6.53 -1.46
CA GLY A 19 -9.47 7.50 -0.45
C GLY A 19 -8.33 8.00 0.42
N VAL A 20 -7.07 7.60 0.18
CA VAL A 20 -5.93 8.02 0.99
C VAL A 20 -4.77 8.47 0.09
N TYR A 21 -4.08 9.54 0.49
CA TYR A 21 -2.93 10.04 -0.25
C TYR A 21 -1.84 8.98 -0.30
N SER A 22 -1.51 8.51 -1.50
CA SER A 22 -0.51 7.48 -1.73
C SER A 22 0.04 7.56 -3.15
N CYS A 23 1.14 6.84 -3.38
CA CYS A 23 1.86 6.83 -4.66
C CYS A 23 1.49 5.60 -5.49
N GLU A 24 1.53 5.75 -6.83
CA GLU A 24 1.20 4.70 -7.79
C GLU A 24 1.80 3.35 -7.39
N GLY A 25 3.09 3.31 -7.06
CA GLY A 25 3.77 2.08 -6.69
C GLY A 25 3.02 1.30 -5.62
N CYS A 26 2.84 1.92 -4.45
CA CYS A 26 2.14 1.32 -3.33
C CYS A 26 0.73 0.88 -3.72
N LYS A 27 0.01 1.76 -4.44
CA LYS A 27 -1.37 1.53 -4.79
C LYS A 27 -1.53 0.38 -5.79
N GLY A 28 -0.64 0.30 -6.79
CA GLY A 28 -0.61 -0.77 -7.78
C GLY A 28 -0.22 -2.08 -7.10
N PHE A 29 0.79 -2.01 -6.22
CA PHE A 29 1.25 -3.12 -5.41
C PHE A 29 0.04 -3.67 -4.64
N PHE A 30 -0.65 -2.79 -3.91
CA PHE A 30 -1.83 -3.14 -3.14
C PHE A 30 -2.87 -3.77 -4.06
N LYS A 31 -3.14 -3.16 -5.23
CA LYS A 31 -4.10 -3.68 -6.20
C LYS A 31 -3.83 -5.17 -6.47
N ARG A 32 -2.60 -5.49 -6.86
CA ARG A 32 -2.19 -6.86 -7.17
C ARG A 32 -2.29 -7.74 -5.92
N THR A 33 -1.70 -7.28 -4.82
CA THR A 33 -1.67 -7.99 -3.56
C THR A 33 -3.08 -8.40 -3.13
N VAL A 34 -4.03 -7.47 -3.15
CA VAL A 34 -5.41 -7.69 -2.77
C VAL A 34 -6.04 -8.77 -3.63
N ARG A 35 -5.99 -8.63 -4.96
CA ARG A 35 -6.58 -9.62 -5.86
C ARG A 35 -6.16 -11.04 -5.51
N LYS A 36 -4.86 -11.23 -5.29
CA LYS A 36 -4.29 -12.53 -4.97
C LYS A 36 -4.28 -12.81 -3.45
N ASP A 37 -4.73 -11.85 -2.63
CA ASP A 37 -4.63 -11.85 -1.18
C ASP A 37 -3.26 -12.35 -0.72
N LEU A 38 -2.23 -11.79 -1.35
CA LEU A 38 -0.86 -12.19 -1.13
C LEU A 38 -0.42 -11.91 0.30
N THR A 39 -0.56 -12.94 1.12
CA THR A 39 -0.20 -12.94 2.51
C THR A 39 1.30 -13.24 2.56
N TYR A 40 2.10 -12.22 2.28
CA TYR A 40 3.56 -12.35 2.21
C TYR A 40 4.13 -12.45 3.63
N THR A 41 5.46 -12.45 3.71
CA THR A 41 6.19 -12.43 4.96
C THR A 41 7.47 -11.61 4.73
N CYS A 42 7.91 -10.87 5.75
CA CYS A 42 9.11 -10.06 5.71
C CYS A 42 10.16 -10.73 6.60
N ARG A 43 11.43 -10.71 6.18
CA ARG A 43 12.53 -11.30 6.92
C ARG A 43 12.92 -10.41 8.11
N ASP A 44 11.94 -9.97 8.91
CA ASP A 44 12.09 -9.11 10.07
C ASP A 44 10.84 -9.32 10.93
N ASN A 45 10.83 -8.77 12.14
CA ASN A 45 9.68 -8.85 13.03
C ASN A 45 8.64 -7.82 12.60
N LYS A 46 7.40 -7.99 13.09
CA LYS A 46 6.26 -7.15 12.75
C LYS A 46 6.46 -5.65 13.05
N ASP A 47 7.49 -5.29 13.82
CA ASP A 47 7.81 -3.89 14.10
C ASP A 47 8.52 -3.23 12.91
N CYS A 48 8.82 -4.00 11.85
CA CYS A 48 9.47 -3.52 10.64
C CYS A 48 8.52 -2.63 9.83
N LEU A 49 8.19 -1.46 10.37
CA LEU A 49 7.31 -0.51 9.71
C LEU A 49 7.95 0.03 8.43
N ILE A 50 7.11 0.53 7.52
CA ILE A 50 7.55 1.11 6.27
C ILE A 50 7.84 2.59 6.51
N ASP A 51 8.90 3.10 5.86
CA ASP A 51 9.35 4.48 5.94
C ASP A 51 10.07 4.78 4.63
N LYS A 52 10.43 6.05 4.43
CA LYS A 52 11.12 6.56 3.24
C LYS A 52 12.20 5.65 2.69
N ARG A 53 13.03 5.06 3.56
CA ARG A 53 14.18 4.25 3.17
C ARG A 53 13.86 2.76 2.97
N GLN A 54 12.63 2.31 3.24
CA GLN A 54 12.27 0.89 3.09
C GLN A 54 11.99 0.57 1.62
N ARG A 55 12.99 0.75 0.76
CA ARG A 55 12.89 0.50 -0.68
C ARG A 55 12.94 -0.99 -1.00
N ASN A 56 13.38 -1.81 -0.04
CA ASN A 56 13.50 -3.26 -0.17
C ASN A 56 12.14 -3.89 -0.44
N ARG A 57 12.11 -5.18 -0.81
CA ARG A 57 10.90 -5.96 -1.10
C ARG A 57 10.20 -6.33 0.20
N CYS A 58 9.84 -5.31 0.98
CA CYS A 58 9.18 -5.40 2.28
C CYS A 58 7.66 -5.50 2.05
N GLN A 59 7.29 -6.45 1.19
CA GLN A 59 5.94 -6.72 0.72
C GLN A 59 4.94 -6.83 1.87
N TYR A 60 5.16 -7.79 2.77
CA TYR A 60 4.28 -8.05 3.90
C TYR A 60 3.98 -6.77 4.65
N CYS A 61 5.03 -6.13 5.16
CA CYS A 61 4.93 -4.90 5.91
C CYS A 61 4.17 -3.84 5.11
N ARG A 62 4.43 -3.68 3.81
CA ARG A 62 3.66 -2.73 3.00
C ARG A 62 2.17 -3.10 2.97
N TYR A 63 1.84 -4.38 2.78
CA TYR A 63 0.45 -4.82 2.76
C TYR A 63 -0.21 -4.50 4.11
N GLN A 64 0.44 -4.91 5.21
CA GLN A 64 -0.02 -4.65 6.56
C GLN A 64 -0.19 -3.15 6.80
N LYS A 65 0.79 -2.33 6.41
CA LYS A 65 0.75 -0.89 6.56
C LYS A 65 -0.47 -0.35 5.80
N ALA A 66 -0.63 -0.73 4.53
CA ALA A 66 -1.78 -0.32 3.73
C ALA A 66 -3.08 -0.67 4.45
N LEU A 67 -3.22 -1.93 4.89
CA LEU A 67 -4.39 -2.39 5.61
C LEU A 67 -4.63 -1.57 6.87
N ALA A 68 -3.58 -1.24 7.62
CA ALA A 68 -3.65 -0.47 8.87
C ALA A 68 -4.50 0.80 8.74
N MET A 69 -4.27 1.62 7.71
CA MET A 69 -5.05 2.84 7.52
C MET A 69 -6.45 2.57 6.96
N GLY A 70 -6.84 1.30 6.78
CA GLY A 70 -8.15 0.95 6.27
C GLY A 70 -8.22 1.22 4.78
N MET A 71 -7.16 0.89 4.03
CA MET A 71 -7.16 1.05 2.59
C MET A 71 -8.32 0.22 2.02
N LYS A 72 -9.17 0.86 1.21
CA LYS A 72 -10.37 0.25 0.69
C LYS A 72 -10.04 -0.83 -0.35
N ARG A 73 -9.79 -2.05 0.13
CA ARG A 73 -9.55 -3.23 -0.70
C ARG A 73 -10.59 -3.29 -1.82
N GLU A 74 -11.85 -2.96 -1.50
CA GLU A 74 -12.95 -2.92 -2.43
C GLU A 74 -12.60 -2.16 -3.72
N ALA A 75 -11.93 -1.01 -3.57
CA ALA A 75 -11.54 -0.14 -4.67
C ALA A 75 -10.67 -0.87 -5.70
N VAL A 76 -9.93 -1.91 -5.30
CA VAL A 76 -9.13 -2.69 -6.22
C VAL A 76 -10.02 -3.29 -7.31
N GLN A 77 -11.23 -3.69 -6.93
CA GLN A 77 -12.19 -4.27 -7.84
C GLN A 77 -12.90 -3.19 -8.67
N GLU A 78 -12.62 -1.90 -8.44
CA GLU A 78 -13.24 -0.84 -9.23
C GLU A 78 -12.71 -0.95 -10.65
N GLU A 79 -11.40 -1.21 -10.77
CA GLU A 79 -10.73 -1.44 -12.03
C GLU A 79 -10.94 -2.91 -12.40
N ARG A 80 -10.45 -3.81 -11.54
CA ARG A 80 -10.52 -5.24 -11.76
C ARG A 80 -11.89 -5.78 -11.37
N GLN A 81 -12.92 -5.32 -12.08
CA GLN A 81 -14.30 -5.73 -11.85
C GLN A 81 -14.44 -7.22 -12.14
N ARG A 82 -14.06 -7.60 -13.35
CA ARG A 82 -14.13 -8.97 -13.83
C ARG A 82 -12.97 -9.79 -13.28
N GLY A 83 -12.84 -9.84 -11.95
CA GLY A 83 -11.78 -10.57 -11.26
C GLY A 83 -10.40 -10.22 -11.81
ZN ZN B . 4.06 4.89 -1.24
ZN ZN C . 9.43 -5.45 6.72
N PHE A 1 0.00 19.15 2.98
CA PHE A 1 0.40 19.69 1.70
C PHE A 1 -0.54 19.13 0.62
N THR A 2 -0.45 19.63 -0.61
CA THR A 2 -1.26 19.16 -1.72
C THR A 2 -0.86 17.71 -2.01
N LYS A 3 0.40 17.53 -2.40
CA LYS A 3 0.98 16.23 -2.66
C LYS A 3 1.30 15.59 -1.31
N HIS A 4 0.24 15.13 -0.61
CA HIS A 4 0.29 14.51 0.69
C HIS A 4 1.36 13.42 0.76
N ILE A 5 1.84 13.11 1.98
CA ILE A 5 2.78 12.02 2.16
C ILE A 5 2.04 10.70 2.10
N CYS A 6 2.69 9.70 1.51
CA CYS A 6 2.18 8.36 1.30
C CYS A 6 1.95 7.73 2.67
N ALA A 7 0.72 7.31 2.95
CA ALA A 7 0.39 6.66 4.22
C ALA A 7 1.39 5.56 4.57
N ILE A 8 1.76 4.77 3.56
CA ILE A 8 2.65 3.63 3.70
C ILE A 8 4.12 4.06 3.81
N CYS A 9 4.67 4.68 2.76
CA CYS A 9 6.10 5.02 2.67
C CYS A 9 6.51 6.35 3.31
N GLY A 10 5.58 7.30 3.42
CA GLY A 10 5.89 8.64 3.89
C GLY A 10 6.51 9.52 2.78
N ASP A 11 6.70 8.97 1.57
CA ASP A 11 7.25 9.71 0.44
C ASP A 11 6.13 10.50 -0.23
N ARG A 12 6.39 11.24 -1.29
CA ARG A 12 5.35 11.99 -2.00
C ARG A 12 4.27 11.04 -2.52
N SER A 13 2.99 11.31 -2.24
CA SER A 13 1.90 10.53 -2.84
C SER A 13 1.66 11.00 -4.27
N SER A 14 1.23 10.10 -5.15
CA SER A 14 0.80 10.48 -6.49
C SER A 14 -0.61 11.05 -6.37
N GLY A 15 -1.41 10.53 -5.43
CA GLY A 15 -2.75 11.03 -5.19
C GLY A 15 -3.44 10.20 -4.12
N LYS A 16 -4.75 10.42 -3.95
CA LYS A 16 -5.58 9.68 -3.04
C LYS A 16 -5.94 8.38 -3.76
N HIS A 17 -5.58 7.24 -3.18
CA HIS A 17 -5.73 5.93 -3.77
C HIS A 17 -6.44 5.03 -2.76
N TYR A 18 -7.58 4.45 -3.16
CA TYR A 18 -8.39 3.59 -2.31
C TYR A 18 -8.74 4.30 -0.99
N GLY A 19 -8.96 5.61 -1.08
CA GLY A 19 -9.32 6.46 0.05
C GLY A 19 -8.12 6.92 0.90
N VAL A 20 -6.88 6.55 0.56
CA VAL A 20 -5.69 6.90 1.33
C VAL A 20 -4.63 7.53 0.43
N TYR A 21 -3.99 8.61 0.88
CA TYR A 21 -2.93 9.27 0.12
C TYR A 21 -1.77 8.30 -0.05
N SER A 22 -1.37 8.01 -1.31
CA SER A 22 -0.30 7.07 -1.58
C SER A 22 0.35 7.26 -2.96
N CYS A 23 1.44 6.52 -3.18
CA CYS A 23 2.22 6.54 -4.40
C CYS A 23 1.80 5.39 -5.31
N GLU A 24 1.82 5.62 -6.63
CA GLU A 24 1.49 4.67 -7.68
C GLU A 24 2.02 3.26 -7.39
N GLY A 25 3.27 3.16 -6.90
CA GLY A 25 3.86 1.88 -6.53
C GLY A 25 2.97 1.13 -5.54
N CYS A 26 2.52 1.81 -4.48
CA CYS A 26 1.62 1.24 -3.50
C CYS A 26 0.27 0.94 -4.15
N LYS A 27 -0.22 1.87 -4.99
CA LYS A 27 -1.49 1.69 -5.69
C LYS A 27 -1.51 0.35 -6.41
N GLY A 28 -0.55 0.14 -7.30
CA GLY A 28 -0.41 -1.08 -8.09
C GLY A 28 -0.18 -2.29 -7.18
N PHE A 29 0.81 -2.20 -6.29
CA PHE A 29 1.14 -3.26 -5.34
C PHE A 29 -0.11 -3.75 -4.61
N PHE A 30 -0.85 -2.84 -3.99
CA PHE A 30 -2.06 -3.16 -3.26
C PHE A 30 -3.07 -3.80 -4.21
N LYS A 31 -3.29 -3.21 -5.38
CA LYS A 31 -4.21 -3.77 -6.37
C LYS A 31 -3.88 -5.24 -6.64
N ARG A 32 -2.62 -5.52 -6.96
CA ARG A 32 -2.15 -6.88 -7.22
C ARG A 32 -2.39 -7.78 -6.00
N THR A 33 -1.92 -7.32 -4.83
CA THR A 33 -2.06 -8.04 -3.57
C THR A 33 -3.50 -8.45 -3.32
N VAL A 34 -4.44 -7.51 -3.43
CA VAL A 34 -5.86 -7.75 -3.20
C VAL A 34 -6.40 -8.66 -4.31
N ARG A 35 -6.10 -8.36 -5.58
CA ARG A 35 -6.53 -9.18 -6.72
C ARG A 35 -6.21 -10.66 -6.48
N LYS A 36 -4.98 -10.93 -6.08
CA LYS A 36 -4.50 -12.27 -5.79
C LYS A 36 -4.82 -12.70 -4.34
N ASP A 37 -5.38 -11.80 -3.54
CA ASP A 37 -5.69 -11.96 -2.11
C ASP A 37 -4.52 -12.61 -1.37
N LEU A 38 -3.33 -12.04 -1.54
CA LEU A 38 -2.12 -12.58 -0.94
C LEU A 38 -2.03 -12.24 0.54
N THR A 39 -1.27 -13.08 1.25
CA THR A 39 -0.98 -13.01 2.67
C THR A 39 0.54 -13.14 2.80
N TYR A 40 1.26 -12.01 2.81
CA TYR A 40 2.71 -12.01 2.87
C TYR A 40 3.20 -12.28 4.29
N THR A 41 4.53 -12.23 4.45
CA THR A 41 5.22 -12.35 5.72
C THR A 41 6.46 -11.47 5.59
N CYS A 42 6.84 -10.76 6.65
CA CYS A 42 7.93 -9.80 6.60
C CYS A 42 9.29 -10.50 6.68
N ARG A 43 10.08 -10.37 5.61
CA ARG A 43 11.41 -10.93 5.48
C ARG A 43 12.43 -10.11 6.29
N ASP A 44 12.12 -9.77 7.55
CA ASP A 44 12.96 -9.01 8.47
C ASP A 44 12.43 -9.30 9.89
N ASN A 45 11.78 -8.32 10.53
CA ASN A 45 11.14 -8.39 11.84
C ASN A 45 9.92 -7.48 11.74
N LYS A 46 8.86 -7.74 12.51
CA LYS A 46 7.63 -6.96 12.47
C LYS A 46 7.84 -5.43 12.54
N ASP A 47 8.92 -4.99 13.20
CA ASP A 47 9.24 -3.58 13.37
C ASP A 47 9.87 -2.94 12.11
N CYS A 48 9.88 -3.67 10.99
CA CYS A 48 10.37 -3.26 9.67
C CYS A 48 9.48 -2.16 9.07
N LEU A 49 9.49 -0.98 9.71
CA LEU A 49 8.72 0.18 9.30
C LEU A 49 9.10 0.59 7.88
N ILE A 50 8.11 0.96 7.06
CA ILE A 50 8.38 1.41 5.70
C ILE A 50 8.85 2.86 5.71
N ASP A 51 10.09 3.07 6.17
CA ASP A 51 10.70 4.40 6.16
C ASP A 51 10.89 4.86 4.72
N LYS A 52 11.07 6.18 4.54
CA LYS A 52 11.20 6.85 3.25
C LYS A 52 12.01 6.04 2.25
N ARG A 53 13.26 5.71 2.61
CA ARG A 53 14.19 4.95 1.78
C ARG A 53 14.45 3.59 2.43
N GLN A 54 13.39 2.76 2.53
CA GLN A 54 13.49 1.43 3.10
C GLN A 54 14.58 0.63 2.40
N ARG A 55 15.47 0.00 3.18
CA ARG A 55 16.50 -0.88 2.68
C ARG A 55 15.86 -2.09 1.99
N ASN A 56 14.65 -2.47 2.41
CA ASN A 56 13.83 -3.54 1.84
C ASN A 56 12.38 -3.07 1.80
N ARG A 57 11.79 -2.89 0.61
CA ARG A 57 10.39 -2.49 0.46
C ARG A 57 9.50 -3.70 0.79
N CYS A 58 9.50 -4.09 2.06
CA CYS A 58 8.85 -5.25 2.60
C CYS A 58 7.33 -5.30 2.37
N GLN A 59 6.90 -6.24 1.53
CA GLN A 59 5.53 -6.48 1.14
C GLN A 59 4.58 -6.60 2.34
N TYR A 60 4.90 -7.43 3.34
CA TYR A 60 4.00 -7.60 4.48
C TYR A 60 3.77 -6.30 5.21
N CYS A 61 4.85 -5.58 5.53
CA CYS A 61 4.74 -4.32 6.23
C CYS A 61 3.96 -3.31 5.38
N ARG A 62 4.27 -3.21 4.08
CA ARG A 62 3.53 -2.33 3.16
C ARG A 62 2.03 -2.65 3.21
N TYR A 63 1.69 -3.94 3.08
CA TYR A 63 0.31 -4.40 3.11
C TYR A 63 -0.34 -4.07 4.45
N GLN A 64 0.30 -4.41 5.56
CA GLN A 64 -0.20 -4.12 6.89
C GLN A 64 -0.46 -2.62 7.05
N LYS A 65 0.47 -1.76 6.61
CA LYS A 65 0.29 -0.32 6.67
C LYS A 65 -0.96 0.06 5.86
N ALA A 66 -1.03 -0.38 4.61
CA ALA A 66 -2.17 -0.11 3.73
C ALA A 66 -3.49 -0.48 4.40
N LEU A 67 -3.55 -1.68 4.98
CA LEU A 67 -4.72 -2.18 5.67
C LEU A 67 -5.02 -1.32 6.90
N ALA A 68 -4.00 -1.03 7.71
CA ALA A 68 -4.13 -0.23 8.92
C ALA A 68 -4.79 1.10 8.63
N MET A 69 -4.34 1.81 7.59
CA MET A 69 -4.94 3.10 7.22
C MET A 69 -6.28 2.93 6.50
N GLY A 70 -6.73 1.70 6.26
CA GLY A 70 -8.04 1.42 5.72
C GLY A 70 -8.11 1.60 4.21
N MET A 71 -7.07 1.16 3.48
CA MET A 71 -7.16 1.20 2.02
C MET A 71 -8.36 0.35 1.59
N LYS A 72 -9.30 0.95 0.87
CA LYS A 72 -10.54 0.31 0.48
C LYS A 72 -10.31 -0.79 -0.54
N ARG A 73 -10.01 -2.01 -0.07
CA ARG A 73 -9.85 -3.21 -0.87
C ARG A 73 -10.94 -3.32 -1.94
N GLU A 74 -12.18 -2.96 -1.57
CA GLU A 74 -13.32 -3.00 -2.46
C GLU A 74 -13.04 -2.25 -3.77
N ALA A 75 -12.34 -1.13 -3.73
CA ALA A 75 -12.02 -0.37 -4.94
C ALA A 75 -11.19 -1.19 -5.92
N VAL A 76 -10.40 -2.17 -5.44
CA VAL A 76 -9.63 -3.02 -6.34
C VAL A 76 -10.58 -3.83 -7.23
N GLN A 77 -11.83 -4.00 -6.80
CA GLN A 77 -12.84 -4.69 -7.57
C GLN A 77 -13.47 -3.76 -8.62
N GLU A 78 -12.93 -2.56 -8.83
CA GLU A 78 -13.45 -1.63 -9.84
C GLU A 78 -12.94 -2.05 -11.23
N GLU A 79 -11.69 -2.51 -11.30
CA GLU A 79 -11.06 -2.92 -12.55
C GLU A 79 -11.89 -3.97 -13.30
N ARG A 80 -12.49 -4.90 -12.55
CA ARG A 80 -13.35 -5.92 -13.11
C ARG A 80 -14.54 -5.31 -13.87
N GLN A 81 -14.93 -4.09 -13.50
CA GLN A 81 -16.05 -3.35 -14.05
C GLN A 81 -15.55 -2.49 -15.22
N ARG A 82 -14.44 -1.79 -15.00
CA ARG A 82 -13.82 -0.94 -16.01
C ARG A 82 -13.43 -1.77 -17.24
N GLY A 83 -12.88 -2.96 -17.01
CA GLY A 83 -12.45 -3.85 -18.09
C GLY A 83 -11.50 -3.14 -19.05
ZN ZN B . 3.95 4.28 -1.06
ZN ZN C . 8.85 -6.00 6.98
N PHE A 1 1.21 18.68 1.87
CA PHE A 1 0.79 19.05 0.53
C PHE A 1 -0.61 18.51 0.30
N THR A 2 -1.27 18.90 -0.81
CA THR A 2 -2.59 18.41 -1.17
C THR A 2 -2.52 16.88 -1.18
N LYS A 3 -1.70 16.36 -2.08
CA LYS A 3 -1.39 14.95 -2.12
C LYS A 3 -0.31 14.75 -1.04
N HIS A 4 -0.75 14.33 0.16
CA HIS A 4 0.11 14.16 1.32
C HIS A 4 1.22 13.12 1.07
N ILE A 5 2.02 12.84 2.09
CA ILE A 5 3.02 11.80 2.02
C ILE A 5 2.33 10.44 2.02
N CYS A 6 2.97 9.45 1.42
CA CYS A 6 2.46 8.11 1.29
C CYS A 6 2.33 7.51 2.68
N ALA A 7 1.11 7.14 3.08
CA ALA A 7 0.84 6.54 4.37
C ALA A 7 1.84 5.43 4.72
N ILE A 8 2.16 4.60 3.73
CA ILE A 8 3.02 3.44 3.87
C ILE A 8 4.51 3.76 3.98
N CYS A 9 5.08 4.58 3.08
CA CYS A 9 6.53 4.81 3.02
C CYS A 9 7.01 6.26 3.08
N GLY A 10 6.09 7.23 3.18
CA GLY A 10 6.44 8.64 3.35
C GLY A 10 6.74 9.39 2.06
N ASP A 11 6.84 8.72 0.91
CA ASP A 11 7.14 9.37 -0.37
C ASP A 11 5.94 10.22 -0.77
N ARG A 12 6.13 11.38 -1.42
CA ARG A 12 5.00 12.22 -1.79
C ARG A 12 4.00 11.44 -2.67
N SER A 13 2.72 11.41 -2.28
CA SER A 13 1.72 10.57 -2.95
C SER A 13 1.33 11.00 -4.37
N SER A 14 0.89 10.04 -5.18
CA SER A 14 0.32 10.32 -6.49
C SER A 14 -1.15 10.69 -6.29
N GLY A 15 -1.81 10.12 -5.28
CA GLY A 15 -3.19 10.43 -4.97
C GLY A 15 -3.67 9.64 -3.74
N LYS A 16 -4.90 9.93 -3.30
CA LYS A 16 -5.52 9.23 -2.19
C LYS A 16 -6.13 7.92 -2.69
N HIS A 17 -5.25 7.01 -3.09
CA HIS A 17 -5.66 5.75 -3.69
C HIS A 17 -6.25 4.85 -2.61
N TYR A 18 -7.37 4.21 -2.93
CA TYR A 18 -8.13 3.39 -1.99
C TYR A 18 -8.45 4.20 -0.73
N GLY A 19 -8.64 5.51 -0.89
CA GLY A 19 -8.98 6.43 0.18
C GLY A 19 -7.78 6.88 1.03
N VAL A 20 -6.54 6.46 0.73
CA VAL A 20 -5.37 6.81 1.53
C VAL A 20 -4.25 7.34 0.63
N TYR A 21 -3.66 8.48 1.03
CA TYR A 21 -2.55 9.12 0.34
C TYR A 21 -1.44 8.10 0.09
N SER A 22 -1.17 7.78 -1.19
CA SER A 22 -0.17 6.79 -1.55
C SER A 22 0.46 7.06 -2.92
N CYS A 23 1.61 6.41 -3.17
CA CYS A 23 2.38 6.52 -4.39
C CYS A 23 2.11 5.31 -5.30
N GLU A 24 2.18 5.54 -6.63
CA GLU A 24 1.91 4.56 -7.68
C GLU A 24 2.43 3.14 -7.38
N GLY A 25 3.68 3.02 -6.94
CA GLY A 25 4.26 1.72 -6.63
C GLY A 25 3.44 1.00 -5.56
N CYS A 26 3.16 1.68 -4.44
CA CYS A 26 2.34 1.16 -3.37
C CYS A 26 0.94 0.85 -3.90
N LYS A 27 0.37 1.76 -4.70
CA LYS A 27 -0.94 1.58 -5.30
C LYS A 27 -1.00 0.24 -6.04
N GLY A 28 -0.14 0.09 -7.05
CA GLY A 28 -0.08 -1.10 -7.90
C GLY A 28 0.22 -2.34 -7.08
N PHE A 29 1.19 -2.24 -6.17
CA PHE A 29 1.58 -3.33 -5.29
C PHE A 29 0.35 -3.84 -4.54
N PHE A 30 -0.35 -2.94 -3.86
CA PHE A 30 -1.54 -3.27 -3.11
C PHE A 30 -2.58 -3.88 -4.04
N LYS A 31 -2.81 -3.24 -5.20
CA LYS A 31 -3.75 -3.72 -6.20
C LYS A 31 -3.50 -5.21 -6.52
N ARG A 32 -2.28 -5.51 -6.94
CA ARG A 32 -1.86 -6.87 -7.27
C ARG A 32 -2.03 -7.80 -6.07
N THR A 33 -1.46 -7.41 -4.92
CA THR A 33 -1.53 -8.19 -3.69
C THR A 33 -2.98 -8.59 -3.40
N VAL A 34 -3.88 -7.61 -3.38
CA VAL A 34 -5.29 -7.83 -3.11
C VAL A 34 -5.88 -8.76 -4.17
N ARG A 35 -5.72 -8.43 -5.46
CA ARG A 35 -6.28 -9.24 -6.55
C ARG A 35 -5.88 -10.71 -6.46
N LYS A 36 -4.59 -10.99 -6.24
CA LYS A 36 -4.14 -12.37 -6.12
C LYS A 36 -4.38 -12.91 -4.71
N ASP A 37 -4.81 -12.06 -3.78
CA ASP A 37 -5.00 -12.35 -2.36
C ASP A 37 -3.71 -12.94 -1.77
N LEU A 38 -2.61 -12.25 -2.04
CA LEU A 38 -1.28 -12.62 -1.59
C LEU A 38 -1.07 -12.17 -0.15
N THR A 39 0.06 -12.60 0.41
CA THR A 39 0.57 -12.32 1.74
C THR A 39 2.06 -12.61 1.63
N TYR A 40 2.88 -12.03 2.50
CA TYR A 40 4.33 -12.15 2.47
C TYR A 40 4.84 -12.24 3.89
N THR A 41 6.16 -12.15 4.08
CA THR A 41 6.79 -12.17 5.39
C THR A 41 8.03 -11.27 5.36
N CYS A 42 8.47 -10.79 6.52
CA CYS A 42 9.65 -9.95 6.75
C CYS A 42 10.23 -10.42 8.08
N ARG A 43 11.54 -10.32 8.27
CA ARG A 43 12.19 -10.73 9.53
C ARG A 43 12.02 -9.65 10.59
N ASP A 44 10.77 -9.27 10.85
CA ASP A 44 10.32 -8.27 11.82
C ASP A 44 8.87 -8.64 12.14
N ASN A 45 7.98 -7.65 12.27
CA ASN A 45 6.54 -7.78 12.48
C ASN A 45 5.93 -6.65 11.66
N LYS A 46 4.59 -6.60 11.56
CA LYS A 46 3.88 -5.56 10.81
C LYS A 46 4.41 -4.14 11.09
N ASP A 47 4.72 -3.85 12.35
CA ASP A 47 5.25 -2.57 12.80
C ASP A 47 6.75 -2.44 12.50
N CYS A 48 7.13 -2.69 11.24
CA CYS A 48 8.50 -2.58 10.76
C CYS A 48 8.80 -1.11 10.48
N LEU A 49 10.06 -0.70 10.59
CA LEU A 49 10.46 0.68 10.36
C LEU A 49 10.51 0.96 8.86
N ILE A 50 9.34 1.17 8.23
CA ILE A 50 9.23 1.43 6.81
C ILE A 50 9.53 2.91 6.52
N ASP A 51 10.36 3.17 5.52
CA ASP A 51 10.70 4.51 5.03
C ASP A 51 11.07 4.36 3.55
N LYS A 52 11.49 5.47 2.92
CA LYS A 52 11.96 5.53 1.54
C LYS A 52 12.85 4.32 1.22
N ARG A 53 13.74 4.00 2.18
CA ARG A 53 14.68 2.89 2.15
C ARG A 53 14.09 1.62 1.54
N GLN A 54 12.88 1.22 1.95
CA GLN A 54 12.23 0.02 1.44
C GLN A 54 10.97 0.33 0.62
N ARG A 55 10.96 1.47 -0.08
CA ARG A 55 9.83 2.03 -0.82
C ARG A 55 8.90 0.99 -1.44
N ASN A 56 9.46 0.02 -2.19
CA ASN A 56 8.68 -1.05 -2.80
C ASN A 56 9.32 -2.42 -2.55
N ARG A 57 10.08 -2.55 -1.45
CA ARG A 57 10.83 -3.77 -1.14
C ARG A 57 10.21 -4.56 0.01
N CYS A 58 9.83 -3.91 1.10
CA CYS A 58 9.32 -4.60 2.28
C CYS A 58 7.84 -5.00 2.13
N GLN A 59 7.56 -5.89 1.17
CA GLN A 59 6.24 -6.36 0.77
C GLN A 59 5.27 -6.56 1.96
N TYR A 60 5.57 -7.52 2.84
CA TYR A 60 4.71 -7.86 3.97
C TYR A 60 4.27 -6.64 4.75
N CYS A 61 5.23 -5.97 5.37
CA CYS A 61 4.98 -4.84 6.21
C CYS A 61 4.25 -3.75 5.44
N ARG A 62 4.65 -3.47 4.19
CA ARG A 62 3.94 -2.48 3.38
C ARG A 62 2.45 -2.84 3.25
N TYR A 63 2.14 -4.11 2.96
CA TYR A 63 0.77 -4.60 2.87
C TYR A 63 0.06 -4.42 4.22
N GLN A 64 0.70 -4.86 5.31
CA GLN A 64 0.14 -4.71 6.64
C GLN A 64 -0.15 -3.25 6.96
N LYS A 65 0.78 -2.34 6.67
CA LYS A 65 0.64 -0.91 6.87
C LYS A 65 -0.59 -0.42 6.10
N ALA A 66 -0.67 -0.76 4.81
CA ALA A 66 -1.79 -0.38 3.96
C ALA A 66 -3.13 -0.79 4.60
N LEU A 67 -3.23 -2.05 5.01
CA LEU A 67 -4.44 -2.56 5.63
C LEU A 67 -4.71 -1.82 6.94
N ALA A 68 -3.72 -1.77 7.84
CA ALA A 68 -3.81 -1.14 9.14
C ALA A 68 -4.29 0.31 9.04
N MET A 69 -3.75 1.09 8.10
CA MET A 69 -4.16 2.48 7.91
C MET A 69 -5.50 2.62 7.20
N GLY A 70 -6.13 1.50 6.82
CA GLY A 70 -7.47 1.49 6.28
C GLY A 70 -7.54 1.74 4.79
N MET A 71 -6.65 1.14 4.00
CA MET A 71 -6.81 1.22 2.55
C MET A 71 -8.08 0.43 2.19
N LYS A 72 -9.01 1.06 1.45
CA LYS A 72 -10.27 0.44 1.08
C LYS A 72 -10.01 -0.68 0.06
N ARG A 73 -9.61 -1.84 0.56
CA ARG A 73 -9.30 -3.05 -0.21
C ARG A 73 -10.27 -3.24 -1.37
N GLU A 74 -11.58 -3.21 -1.09
CA GLU A 74 -12.62 -3.37 -2.09
C GLU A 74 -12.43 -2.48 -3.33
N ALA A 75 -11.94 -1.25 -3.15
CA ALA A 75 -11.72 -0.30 -4.24
C ALA A 75 -10.79 -0.85 -5.31
N VAL A 76 -9.91 -1.81 -4.96
CA VAL A 76 -9.04 -2.47 -5.93
C VAL A 76 -9.85 -3.09 -7.08
N GLN A 77 -11.13 -3.38 -6.85
CA GLN A 77 -12.00 -3.96 -7.86
C GLN A 77 -12.52 -2.89 -8.84
N GLU A 78 -12.07 -1.63 -8.77
CA GLU A 78 -12.56 -0.56 -9.66
C GLU A 78 -12.60 -1.01 -11.12
N GLU A 79 -11.52 -1.63 -11.59
CA GLU A 79 -11.43 -2.13 -12.95
C GLU A 79 -12.46 -3.24 -13.22
N ARG A 80 -12.70 -4.12 -12.25
CA ARG A 80 -13.66 -5.21 -12.38
C ARG A 80 -15.06 -4.63 -12.60
N GLN A 81 -15.42 -3.59 -11.83
CA GLN A 81 -16.70 -2.92 -12.04
C GLN A 81 -16.82 -2.52 -13.52
N ARG A 82 -15.73 -1.96 -14.05
CA ARG A 82 -15.60 -1.50 -15.42
C ARG A 82 -15.05 -2.63 -16.32
N GLY A 83 -15.29 -3.90 -15.97
CA GLY A 83 -14.73 -5.02 -16.70
C GLY A 83 -13.21 -4.95 -16.70
ZN ZN B . 4.44 4.43 -0.98
ZN ZN C . 9.38 -5.29 7.28
N PHE A 1 4.46 18.91 -0.41
CA PHE A 1 3.50 17.81 -0.37
C PHE A 1 3.27 17.30 1.06
N THR A 2 3.84 17.97 2.05
CA THR A 2 3.73 17.64 3.47
C THR A 2 2.28 17.34 3.87
N LYS A 3 1.36 18.19 3.41
CA LYS A 3 -0.06 18.08 3.66
C LYS A 3 -0.61 16.70 3.27
N HIS A 4 -0.06 16.06 2.24
CA HIS A 4 -0.50 14.76 1.76
C HIS A 4 0.69 13.84 1.53
N ILE A 5 1.48 13.57 2.57
CA ILE A 5 2.55 12.59 2.45
C ILE A 5 1.93 11.20 2.25
N CYS A 6 2.66 10.28 1.65
CA CYS A 6 2.16 8.93 1.42
C CYS A 6 1.93 8.26 2.76
N ALA A 7 0.68 7.88 3.03
CA ALA A 7 0.30 7.24 4.28
C ALA A 7 1.27 6.14 4.71
N ILE A 8 1.63 5.27 3.76
CA ILE A 8 2.45 4.09 4.02
C ILE A 8 3.95 4.38 4.21
N CYS A 9 4.57 5.25 3.40
CA CYS A 9 6.03 5.47 3.45
C CYS A 9 6.50 6.92 3.57
N GLY A 10 5.58 7.87 3.69
CA GLY A 10 5.90 9.29 3.87
C GLY A 10 6.45 9.98 2.62
N ASP A 11 6.53 9.28 1.49
CA ASP A 11 7.02 9.82 0.22
C ASP A 11 6.00 10.79 -0.37
N ARG A 12 6.35 11.43 -1.48
CA ARG A 12 5.46 12.33 -2.20
C ARG A 12 4.30 11.54 -2.77
N SER A 13 3.08 11.72 -2.24
CA SER A 13 1.92 11.04 -2.80
C SER A 13 1.72 11.44 -4.24
N SER A 14 1.32 10.46 -5.06
CA SER A 14 0.95 10.65 -6.43
C SER A 14 -0.50 11.16 -6.44
N GLY A 15 -1.32 10.67 -5.50
CA GLY A 15 -2.70 11.12 -5.38
C GLY A 15 -3.45 10.34 -4.31
N LYS A 16 -4.77 10.52 -4.31
CA LYS A 16 -5.70 9.83 -3.43
C LYS A 16 -5.90 8.45 -4.05
N HIS A 17 -5.51 7.39 -3.34
CA HIS A 17 -5.56 6.02 -3.83
C HIS A 17 -6.27 5.16 -2.79
N TYR A 18 -7.35 4.51 -3.21
CA TYR A 18 -8.16 3.64 -2.35
C TYR A 18 -8.58 4.39 -1.07
N GLY A 19 -8.86 5.69 -1.21
CA GLY A 19 -9.28 6.55 -0.11
C GLY A 19 -8.13 7.05 0.78
N VAL A 20 -6.86 6.79 0.43
CA VAL A 20 -5.72 7.21 1.23
C VAL A 20 -4.68 7.89 0.34
N TYR A 21 -4.06 8.98 0.80
CA TYR A 21 -3.03 9.67 0.03
C TYR A 21 -1.81 8.75 -0.09
N SER A 22 -1.38 8.42 -1.30
CA SER A 22 -0.26 7.51 -1.52
C SER A 22 0.42 7.72 -2.86
N CYS A 23 1.56 7.04 -3.05
CA CYS A 23 2.41 7.11 -4.23
C CYS A 23 2.22 5.89 -5.13
N GLU A 24 2.47 6.08 -6.44
CA GLU A 24 2.37 5.07 -7.49
C GLU A 24 2.90 3.70 -7.04
N GLY A 25 4.09 3.66 -6.45
CA GLY A 25 4.69 2.43 -5.96
C GLY A 25 3.74 1.69 -5.02
N CYS A 26 3.26 2.39 -4.00
CA CYS A 26 2.32 1.84 -3.03
C CYS A 26 1.00 1.47 -3.72
N LYS A 27 0.52 2.34 -4.62
CA LYS A 27 -0.70 2.12 -5.38
C LYS A 27 -0.66 0.75 -6.06
N GLY A 28 0.35 0.55 -6.91
CA GLY A 28 0.57 -0.68 -7.65
C GLY A 28 0.79 -1.85 -6.72
N PHE A 29 1.71 -1.69 -5.76
CA PHE A 29 2.03 -2.69 -4.75
C PHE A 29 0.75 -3.25 -4.13
N PHE A 30 -0.09 -2.35 -3.59
CA PHE A 30 -1.32 -2.73 -2.93
C PHE A 30 -2.26 -3.40 -3.92
N LYS A 31 -2.51 -2.79 -5.08
CA LYS A 31 -3.40 -3.35 -6.08
C LYS A 31 -3.02 -4.80 -6.39
N ARG A 32 -1.75 -5.00 -6.77
CA ARG A 32 -1.22 -6.31 -7.10
C ARG A 32 -1.35 -7.26 -5.91
N THR A 33 -0.84 -6.88 -4.75
CA THR A 33 -0.88 -7.69 -3.54
C THR A 33 -2.30 -8.18 -3.24
N VAL A 34 -3.26 -7.25 -3.20
CA VAL A 34 -4.66 -7.53 -2.93
C VAL A 34 -5.23 -8.47 -4.01
N ARG A 35 -5.09 -8.11 -5.29
CA ARG A 35 -5.65 -8.91 -6.37
C ARG A 35 -5.10 -10.34 -6.35
N LYS A 36 -3.78 -10.46 -6.18
CA LYS A 36 -3.10 -11.74 -6.09
C LYS A 36 -3.51 -12.48 -4.82
N ASP A 37 -3.75 -11.72 -3.75
CA ASP A 37 -4.09 -12.22 -2.42
C ASP A 37 -2.88 -13.02 -1.91
N LEU A 38 -1.72 -12.37 -1.94
CA LEU A 38 -0.45 -12.98 -1.56
C LEU A 38 -0.43 -13.37 -0.08
N THR A 39 0.54 -14.22 0.28
CA THR A 39 0.80 -14.64 1.65
C THR A 39 1.75 -13.59 2.24
N TYR A 40 1.42 -13.01 3.39
CA TYR A 40 2.26 -11.98 3.98
C TYR A 40 3.46 -12.59 4.71
N THR A 41 4.65 -12.11 4.37
CA THR A 41 5.93 -12.49 4.93
C THR A 41 6.85 -11.31 4.65
N CYS A 42 7.94 -11.17 5.39
CA CYS A 42 8.93 -10.12 5.25
C CYS A 42 10.17 -10.61 6.01
N ARG A 43 11.27 -9.85 5.98
CA ARG A 43 12.48 -10.13 6.74
C ARG A 43 12.12 -10.36 8.22
N ASP A 44 11.16 -9.56 8.71
CA ASP A 44 10.63 -9.66 10.07
C ASP A 44 9.09 -9.64 9.93
N ASN A 45 8.38 -8.87 10.75
CA ASN A 45 6.94 -8.68 10.67
C ASN A 45 6.73 -7.16 10.68
N LYS A 46 5.55 -6.65 11.06
CA LYS A 46 5.24 -5.22 11.08
C LYS A 46 6.21 -4.33 11.89
N ASP A 47 7.19 -4.93 12.58
CA ASP A 47 8.23 -4.22 13.30
C ASP A 47 9.25 -3.65 12.30
N CYS A 48 9.35 -4.23 11.10
CA CYS A 48 10.19 -3.75 10.02
C CYS A 48 9.49 -2.50 9.44
N LEU A 49 9.60 -1.41 10.18
CA LEU A 49 8.99 -0.11 9.92
C LEU A 49 9.17 0.33 8.46
N ILE A 50 8.14 0.98 7.92
CA ILE A 50 8.16 1.51 6.56
C ILE A 50 8.63 2.96 6.59
N ASP A 51 9.47 3.31 5.62
CA ASP A 51 10.01 4.64 5.38
C ASP A 51 10.47 4.65 3.92
N LYS A 52 11.07 5.77 3.51
CA LYS A 52 11.69 5.99 2.20
C LYS A 52 12.54 4.78 1.77
N ARG A 53 13.20 4.16 2.75
CA ARG A 53 14.07 3.00 2.60
C ARG A 53 13.46 1.79 1.89
N GLN A 54 12.18 1.48 2.15
CA GLN A 54 11.57 0.22 1.72
C GLN A 54 11.29 0.03 0.22
N ARG A 55 12.22 0.38 -0.67
CA ARG A 55 12.06 0.12 -2.10
C ARG A 55 12.43 -1.34 -2.37
N ASN A 56 11.58 -2.23 -1.87
CA ASN A 56 11.64 -3.68 -1.98
C ASN A 56 10.22 -4.19 -1.71
N ARG A 57 9.92 -5.45 -2.00
CA ARG A 57 8.59 -6.01 -1.77
C ARG A 57 8.38 -6.29 -0.28
N CYS A 58 8.27 -5.23 0.52
CA CYS A 58 8.07 -5.30 1.96
C CYS A 58 6.60 -5.61 2.26
N GLN A 59 6.14 -6.76 1.75
CA GLN A 59 4.76 -7.26 1.79
C GLN A 59 4.07 -7.06 3.13
N TYR A 60 4.35 -7.93 4.13
CA TYR A 60 3.71 -7.90 5.43
C TYR A 60 3.51 -6.48 5.96
N CYS A 61 4.61 -5.75 6.11
CA CYS A 61 4.62 -4.41 6.66
C CYS A 61 3.79 -3.44 5.84
N ARG A 62 4.06 -3.26 4.54
CA ARG A 62 3.29 -2.31 3.75
C ARG A 62 1.81 -2.69 3.72
N TYR A 63 1.52 -3.99 3.60
CA TYR A 63 0.15 -4.47 3.60
C TYR A 63 -0.53 -4.08 4.92
N GLN A 64 0.13 -4.37 6.05
CA GLN A 64 -0.35 -4.00 7.37
C GLN A 64 -0.60 -2.49 7.45
N LYS A 65 0.35 -1.67 7.00
CA LYS A 65 0.17 -0.22 7.00
C LYS A 65 -1.08 0.16 6.18
N ALA A 66 -1.15 -0.32 4.93
CA ALA A 66 -2.26 -0.06 4.04
C ALA A 66 -3.60 -0.42 4.70
N LEU A 67 -3.68 -1.60 5.30
CA LEU A 67 -4.89 -2.02 5.99
C LEU A 67 -5.17 -1.11 7.18
N ALA A 68 -4.17 -0.83 8.01
CA ALA A 68 -4.29 0.02 9.18
C ALA A 68 -4.89 1.38 8.81
N MET A 69 -4.37 2.01 7.75
CA MET A 69 -4.89 3.29 7.29
C MET A 69 -6.21 3.17 6.52
N GLY A 70 -6.73 1.95 6.33
CA GLY A 70 -8.03 1.72 5.74
C GLY A 70 -8.04 1.85 4.23
N MET A 71 -6.99 1.38 3.56
CA MET A 71 -7.00 1.38 2.11
C MET A 71 -8.16 0.51 1.61
N LYS A 72 -9.00 1.07 0.74
CA LYS A 72 -10.17 0.41 0.22
C LYS A 72 -9.80 -0.79 -0.66
N ARG A 73 -9.59 -1.94 -0.02
CA ARG A 73 -9.32 -3.23 -0.62
C ARG A 73 -10.36 -3.56 -1.70
N GLU A 74 -11.57 -2.99 -1.56
CA GLU A 74 -12.67 -3.15 -2.50
C GLU A 74 -12.40 -2.33 -3.76
N ALA A 75 -11.96 -1.08 -3.60
CA ALA A 75 -11.68 -0.17 -4.71
C ALA A 75 -10.64 -0.78 -5.64
N VAL A 76 -9.61 -1.42 -5.07
CA VAL A 76 -8.60 -2.13 -5.84
C VAL A 76 -9.25 -3.04 -6.88
N GLN A 77 -10.34 -3.70 -6.49
CA GLN A 77 -11.04 -4.67 -7.28
C GLN A 77 -12.16 -4.02 -8.11
N GLU A 78 -12.11 -2.71 -8.36
CA GLU A 78 -13.14 -2.03 -9.15
C GLU A 78 -13.38 -2.71 -10.49
N GLU A 79 -12.31 -3.21 -11.12
CA GLU A 79 -12.38 -3.94 -12.38
C GLU A 79 -12.94 -5.35 -12.20
N ARG A 80 -12.55 -6.04 -11.12
CA ARG A 80 -12.93 -7.43 -10.87
C ARG A 80 -14.36 -7.57 -10.36
N GLN A 81 -15.33 -7.06 -11.13
CA GLN A 81 -16.75 -7.09 -10.81
C GLN A 81 -17.34 -8.49 -11.06
N ARG A 82 -16.77 -9.50 -10.42
CA ARG A 82 -17.18 -10.89 -10.53
C ARG A 82 -18.47 -11.16 -9.74
N GLY A 83 -19.55 -10.47 -10.11
CA GLY A 83 -20.84 -10.60 -9.46
C GLY A 83 -20.72 -10.37 -7.95
ZN ZN B . 4.23 5.13 -0.67
ZN ZN C . 9.07 -5.15 6.25
N PHE A 1 1.32 14.71 -3.00
CA PHE A 1 0.91 15.67 -1.96
C PHE A 1 2.12 16.00 -1.08
N THR A 2 2.30 17.29 -0.77
CA THR A 2 3.36 17.77 0.08
C THR A 2 3.24 17.14 1.47
N LYS A 3 2.20 17.57 2.20
CA LYS A 3 1.90 17.12 3.53
C LYS A 3 1.59 15.62 3.58
N HIS A 4 0.53 15.20 2.87
CA HIS A 4 0.11 13.81 2.88
C HIS A 4 1.05 12.93 2.05
N ILE A 5 2.28 12.71 2.51
CA ILE A 5 3.19 11.80 1.84
C ILE A 5 2.56 10.41 1.72
N CYS A 6 3.07 9.60 0.81
CA CYS A 6 2.56 8.26 0.60
C CYS A 6 2.57 7.47 1.91
N ALA A 7 1.39 7.13 2.43
CA ALA A 7 1.20 6.41 3.68
C ALA A 7 2.20 5.26 3.86
N ILE A 8 2.44 4.50 2.80
CA ILE A 8 3.29 3.32 2.83
C ILE A 8 4.78 3.66 2.76
N CYS A 9 5.26 4.23 1.63
CA CYS A 9 6.69 4.45 1.41
C CYS A 9 7.21 5.85 1.75
N GLY A 10 6.34 6.82 2.06
CA GLY A 10 6.75 8.16 2.45
C GLY A 10 7.18 9.06 1.29
N ASP A 11 7.03 8.59 0.04
CA ASP A 11 7.40 9.35 -1.14
C ASP A 11 6.26 10.29 -1.52
N ARG A 12 6.47 11.10 -2.56
CA ARG A 12 5.43 11.99 -3.07
C ARG A 12 4.24 11.13 -3.52
N SER A 13 3.07 11.38 -2.94
CA SER A 13 1.87 10.65 -3.27
C SER A 13 1.32 11.12 -4.62
N SER A 14 0.50 10.29 -5.25
CA SER A 14 -0.18 10.55 -6.50
C SER A 14 -1.64 10.88 -6.21
N GLY A 15 -2.27 10.21 -5.24
CA GLY A 15 -3.66 10.50 -4.90
C GLY A 15 -4.14 9.70 -3.69
N LYS A 16 -5.36 10.01 -3.23
CA LYS A 16 -6.00 9.34 -2.11
C LYS A 16 -6.57 8.01 -2.59
N HIS A 17 -5.68 7.09 -2.97
CA HIS A 17 -6.06 5.82 -3.54
C HIS A 17 -6.61 4.91 -2.46
N TYR A 18 -7.76 4.29 -2.74
CA TYR A 18 -8.46 3.42 -1.81
C TYR A 18 -8.70 4.13 -0.47
N GLY A 19 -8.86 5.46 -0.49
CA GLY A 19 -9.10 6.26 0.69
C GLY A 19 -7.83 6.69 1.44
N VAL A 20 -6.62 6.35 0.95
CA VAL A 20 -5.38 6.70 1.63
C VAL A 20 -4.40 7.37 0.66
N TYR A 21 -3.83 8.50 1.08
CA TYR A 21 -2.84 9.23 0.30
C TYR A 21 -1.66 8.31 -0.01
N SER A 22 -1.49 7.95 -1.29
CA SER A 22 -0.48 7.03 -1.74
C SER A 22 -0.08 7.34 -3.18
N CYS A 23 0.95 6.64 -3.69
CA CYS A 23 1.48 6.81 -5.03
C CYS A 23 1.04 5.67 -5.95
N GLU A 24 0.99 5.92 -7.26
CA GLU A 24 0.57 4.93 -8.25
C GLU A 24 1.27 3.57 -8.05
N GLY A 25 2.58 3.57 -7.79
CA GLY A 25 3.32 2.34 -7.55
C GLY A 25 2.69 1.52 -6.43
N CYS A 26 2.37 2.19 -5.32
CA CYS A 26 1.72 1.56 -4.18
C CYS A 26 0.29 1.16 -4.54
N LYS A 27 -0.42 2.02 -5.27
CA LYS A 27 -1.78 1.71 -5.73
C LYS A 27 -1.78 0.36 -6.44
N GLY A 28 -0.90 0.23 -7.44
CA GLY A 28 -0.73 -0.96 -8.24
C GLY A 28 -0.33 -2.13 -7.37
N PHE A 29 0.72 -1.97 -6.56
CA PHE A 29 1.19 -3.00 -5.63
C PHE A 29 0.04 -3.56 -4.81
N PHE A 30 -0.72 -2.69 -4.16
CA PHE A 30 -1.85 -3.08 -3.33
C PHE A 30 -2.88 -3.83 -4.20
N LYS A 31 -3.22 -3.27 -5.37
CA LYS A 31 -4.16 -3.91 -6.29
C LYS A 31 -3.71 -5.35 -6.57
N ARG A 32 -2.48 -5.53 -7.05
CA ARG A 32 -1.90 -6.82 -7.34
C ARG A 32 -1.96 -7.72 -6.11
N THR A 33 -1.47 -7.25 -4.96
CA THR A 33 -1.46 -7.99 -3.71
C THR A 33 -2.85 -8.56 -3.40
N VAL A 34 -3.86 -7.69 -3.40
CA VAL A 34 -5.23 -8.05 -3.09
C VAL A 34 -5.77 -9.02 -4.13
N ARG A 35 -5.68 -8.68 -5.42
CA ARG A 35 -6.17 -9.53 -6.51
C ARG A 35 -5.58 -10.95 -6.41
N LYS A 36 -4.26 -11.03 -6.23
CA LYS A 36 -3.54 -12.28 -6.13
C LYS A 36 -3.74 -12.95 -4.77
N ASP A 37 -4.07 -12.15 -3.74
CA ASP A 37 -4.16 -12.56 -2.34
C ASP A 37 -2.77 -13.07 -1.92
N LEU A 38 -1.76 -12.26 -2.18
CA LEU A 38 -0.37 -12.62 -1.92
C LEU A 38 -0.07 -12.65 -0.42
N THR A 39 0.01 -13.85 0.13
CA THR A 39 0.33 -14.11 1.52
C THR A 39 1.84 -13.90 1.71
N TYR A 40 2.25 -12.63 1.87
CA TYR A 40 3.66 -12.30 2.08
C TYR A 40 4.06 -12.66 3.50
N THR A 41 5.35 -12.51 3.82
CA THR A 41 5.89 -12.78 5.15
C THR A 41 7.16 -11.92 5.29
N CYS A 42 7.61 -11.71 6.53
CA CYS A 42 8.81 -10.97 6.88
C CYS A 42 9.28 -11.55 8.22
N ARG A 43 10.57 -11.37 8.54
CA ARG A 43 11.15 -11.89 9.78
C ARG A 43 10.41 -11.36 11.01
N ASP A 44 9.94 -10.12 10.93
CA ASP A 44 9.18 -9.44 11.97
C ASP A 44 7.90 -8.93 11.31
N ASN A 45 6.90 -8.56 12.11
CA ASN A 45 5.62 -8.09 11.59
C ASN A 45 5.67 -6.58 11.34
N LYS A 46 4.54 -5.88 11.46
CA LYS A 46 4.39 -4.45 11.23
C LYS A 46 5.35 -3.54 12.02
N ASP A 47 6.14 -4.09 12.95
CA ASP A 47 7.14 -3.35 13.70
C ASP A 47 8.33 -3.05 12.77
N CYS A 48 8.51 -3.83 11.71
CA CYS A 48 9.49 -3.57 10.66
C CYS A 48 8.88 -2.46 9.80
N LEU A 49 8.82 -1.25 10.38
CA LEU A 49 8.21 -0.06 9.82
C LEU A 49 8.85 0.32 8.48
N ILE A 50 8.07 0.96 7.60
CA ILE A 50 8.51 1.45 6.29
C ILE A 50 8.57 2.97 6.40
N ASP A 51 9.66 3.58 5.89
CA ASP A 51 9.93 5.00 5.89
C ASP A 51 10.86 5.29 4.70
N LYS A 52 11.18 6.55 4.46
CA LYS A 52 12.09 7.00 3.40
C LYS A 52 13.38 6.18 3.37
N ARG A 53 13.98 5.90 4.52
CA ARG A 53 15.22 5.14 4.59
C ARG A 53 15.03 3.68 4.16
N GLN A 54 13.83 3.12 4.32
CA GLN A 54 13.56 1.72 4.05
C GLN A 54 13.38 1.48 2.55
N ARG A 55 14.44 1.71 1.76
CA ARG A 55 14.42 1.47 0.33
C ARG A 55 14.64 -0.04 0.07
N ASN A 56 13.72 -0.83 0.61
CA ASN A 56 13.63 -2.27 0.51
C ASN A 56 12.14 -2.52 0.39
N ARG A 57 11.70 -3.13 -0.72
CA ARG A 57 10.29 -3.36 -0.96
C ARG A 57 9.83 -4.58 -0.14
N CYS A 58 9.75 -4.36 1.17
CA CYS A 58 9.35 -5.33 2.17
C CYS A 58 7.83 -5.51 2.09
N GLN A 59 7.39 -6.18 1.02
CA GLN A 59 6.00 -6.42 0.63
C GLN A 59 5.06 -6.66 1.81
N TYR A 60 5.37 -7.60 2.70
CA TYR A 60 4.50 -7.88 3.85
C TYR A 60 4.23 -6.61 4.65
N CYS A 61 5.28 -5.94 5.11
CA CYS A 61 5.18 -4.75 5.92
C CYS A 61 4.53 -3.62 5.14
N ARG A 62 4.88 -3.46 3.86
CA ARG A 62 4.25 -2.46 3.01
C ARG A 62 2.73 -2.71 2.96
N TYR A 63 2.33 -3.98 2.83
CA TYR A 63 0.93 -4.35 2.87
C TYR A 63 0.35 -4.07 4.26
N GLN A 64 1.05 -4.39 5.35
CA GLN A 64 0.58 -4.08 6.68
C GLN A 64 0.34 -2.58 6.83
N LYS A 65 1.23 -1.73 6.31
CA LYS A 65 1.06 -0.29 6.34
C LYS A 65 -0.26 0.07 5.64
N ALA A 66 -0.43 -0.39 4.40
CA ALA A 66 -1.63 -0.16 3.61
C ALA A 66 -2.89 -0.52 4.40
N LEU A 67 -2.90 -1.71 5.01
CA LEU A 67 -4.01 -2.19 5.80
C LEU A 67 -4.22 -1.32 7.03
N ALA A 68 -3.15 -1.02 7.76
CA ALA A 68 -3.17 -0.20 8.96
C ALA A 68 -3.84 1.15 8.71
N MET A 69 -3.45 1.84 7.63
CA MET A 69 -4.06 3.11 7.28
C MET A 69 -5.48 2.95 6.72
N GLY A 70 -5.93 1.72 6.50
CA GLY A 70 -7.29 1.44 6.10
C GLY A 70 -7.50 1.60 4.60
N MET A 71 -6.59 1.07 3.78
CA MET A 71 -6.84 1.07 2.34
C MET A 71 -8.08 0.21 2.07
N LYS A 72 -9.11 0.80 1.44
CA LYS A 72 -10.38 0.14 1.15
C LYS A 72 -10.16 -1.01 0.15
N ARG A 73 -9.79 -2.18 0.66
CA ARG A 73 -9.56 -3.41 -0.10
C ARG A 73 -10.56 -3.57 -1.23
N GLU A 74 -11.87 -3.52 -0.92
CA GLU A 74 -12.96 -3.65 -1.89
C GLU A 74 -12.75 -2.79 -3.13
N ALA A 75 -12.21 -1.57 -2.97
CA ALA A 75 -12.00 -0.66 -4.09
C ALA A 75 -11.07 -1.24 -5.17
N VAL A 76 -10.25 -2.24 -4.82
CA VAL A 76 -9.41 -2.93 -5.80
C VAL A 76 -10.28 -3.54 -6.90
N GLN A 77 -11.55 -3.81 -6.62
CA GLN A 77 -12.49 -4.38 -7.56
C GLN A 77 -13.24 -3.30 -8.36
N GLU A 78 -12.86 -2.01 -8.24
CA GLU A 78 -13.53 -0.94 -8.99
C GLU A 78 -13.49 -1.17 -10.50
N GLU A 79 -12.50 -1.91 -10.99
CA GLU A 79 -12.37 -2.25 -12.40
C GLU A 79 -13.61 -3.04 -12.90
N ARG A 80 -14.41 -3.64 -12.01
CA ARG A 80 -15.63 -4.34 -12.41
C ARG A 80 -16.51 -3.38 -13.22
N GLN A 81 -16.83 -3.75 -14.47
CA GLN A 81 -17.64 -2.93 -15.36
C GLN A 81 -19.12 -2.96 -14.94
N ARG A 82 -19.42 -2.38 -13.78
CA ARG A 82 -20.76 -2.32 -13.20
C ARG A 82 -21.61 -1.28 -13.95
N GLY A 83 -21.86 -1.52 -15.23
CA GLY A 83 -22.65 -0.62 -16.07
C GLY A 83 -24.01 -0.33 -15.44
ZN ZN B . 4.08 4.67 -2.17
ZN ZN C . 9.32 -6.17 7.18
N PHE A 1 4.67 17.96 -0.12
CA PHE A 1 5.23 18.85 -1.12
C PHE A 1 4.47 18.63 -2.42
N THR A 2 3.64 19.60 -2.82
CA THR A 2 2.74 19.56 -3.99
C THR A 2 1.59 18.58 -3.75
N LYS A 3 1.91 17.31 -3.46
CA LYS A 3 1.01 16.29 -3.01
C LYS A 3 1.45 15.90 -1.60
N HIS A 4 0.63 15.12 -0.89
CA HIS A 4 0.96 14.64 0.45
C HIS A 4 1.99 13.51 0.33
N ILE A 5 2.63 13.14 1.44
CA ILE A 5 3.51 11.98 1.44
C ILE A 5 2.62 10.74 1.44
N CYS A 6 3.11 9.68 0.77
CA CYS A 6 2.42 8.43 0.62
C CYS A 6 2.27 7.78 1.98
N ALA A 7 1.03 7.54 2.41
CA ALA A 7 0.71 6.93 3.68
C ALA A 7 1.61 5.73 4.01
N ILE A 8 1.88 4.92 2.99
CA ILE A 8 2.71 3.72 3.15
C ILE A 8 4.20 4.07 3.14
N CYS A 9 4.78 4.30 1.95
CA CYS A 9 6.23 4.49 1.81
C CYS A 9 6.79 5.87 2.15
N GLY A 10 5.97 6.91 2.26
CA GLY A 10 6.44 8.24 2.60
C GLY A 10 7.00 9.03 1.40
N ASP A 11 6.95 8.46 0.20
CA ASP A 11 7.40 9.14 -1.03
C ASP A 11 6.28 10.08 -1.47
N ARG A 12 6.54 11.03 -2.37
CA ARG A 12 5.48 11.94 -2.79
C ARG A 12 4.31 11.16 -3.40
N SER A 13 3.09 11.38 -2.90
CA SER A 13 1.91 10.70 -3.43
C SER A 13 1.63 11.14 -4.87
N SER A 14 0.99 10.25 -5.62
CA SER A 14 0.49 10.52 -6.95
C SER A 14 -0.88 11.17 -6.76
N GLY A 15 -1.67 10.68 -5.80
CA GLY A 15 -2.97 11.25 -5.50
C GLY A 15 -3.66 10.47 -4.38
N LYS A 16 -4.97 10.68 -4.24
CA LYS A 16 -5.78 9.96 -3.28
C LYS A 16 -6.06 8.60 -3.91
N HIS A 17 -5.76 7.52 -3.20
CA HIS A 17 -5.92 6.15 -3.67
C HIS A 17 -6.64 5.35 -2.61
N TYR A 18 -7.81 4.80 -2.95
CA TYR A 18 -8.61 3.99 -2.04
C TYR A 18 -8.88 4.73 -0.72
N GLY A 19 -9.06 6.05 -0.81
CA GLY A 19 -9.33 6.91 0.33
C GLY A 19 -8.09 7.33 1.12
N VAL A 20 -6.87 6.98 0.68
CA VAL A 20 -5.62 7.30 1.38
C VAL A 20 -4.62 7.93 0.41
N TYR A 21 -3.90 8.99 0.81
CA TYR A 21 -2.89 9.61 -0.04
C TYR A 21 -1.77 8.60 -0.32
N SER A 22 -1.50 8.29 -1.59
CA SER A 22 -0.47 7.32 -1.96
C SER A 22 0.02 7.53 -3.39
N CYS A 23 1.01 6.72 -3.79
CA CYS A 23 1.63 6.75 -5.11
C CYS A 23 1.18 5.56 -5.95
N GLU A 24 1.20 5.72 -7.28
CA GLU A 24 0.77 4.69 -8.23
C GLU A 24 1.40 3.32 -7.93
N GLY A 25 2.69 3.29 -7.57
CA GLY A 25 3.37 2.04 -7.26
C GLY A 25 2.63 1.28 -6.15
N CYS A 26 2.37 1.98 -5.03
CA CYS A 26 1.64 1.42 -3.91
C CYS A 26 0.21 1.07 -4.34
N LYS A 27 -0.42 1.94 -5.12
CA LYS A 27 -1.77 1.72 -5.65
C LYS A 27 -1.85 0.36 -6.34
N GLY A 28 -1.00 0.16 -7.34
CA GLY A 28 -0.92 -1.04 -8.15
C GLY A 28 -0.56 -2.26 -7.32
N PHE A 29 0.45 -2.10 -6.46
CA PHE A 29 0.91 -3.15 -5.55
C PHE A 29 -0.27 -3.65 -4.73
N PHE A 30 -0.97 -2.73 -4.05
CA PHE A 30 -2.13 -3.05 -3.24
C PHE A 30 -3.20 -3.72 -4.10
N LYS A 31 -3.53 -3.16 -5.26
CA LYS A 31 -4.53 -3.71 -6.16
C LYS A 31 -4.28 -5.20 -6.42
N ARG A 32 -3.07 -5.53 -6.88
CA ARG A 32 -2.68 -6.90 -7.17
C ARG A 32 -2.68 -7.74 -5.90
N THR A 33 -2.02 -7.24 -4.85
CA THR A 33 -1.91 -7.93 -3.57
C THR A 33 -3.29 -8.32 -3.04
N VAL A 34 -4.26 -7.41 -3.02
CA VAL A 34 -5.59 -7.70 -2.53
C VAL A 34 -6.21 -8.86 -3.32
N ARG A 35 -6.23 -8.75 -4.65
CA ARG A 35 -6.84 -9.79 -5.49
C ARG A 35 -6.16 -11.15 -5.34
N LYS A 36 -4.83 -11.18 -5.39
CA LYS A 36 -4.06 -12.42 -5.35
C LYS A 36 -3.80 -12.94 -3.93
N ASP A 37 -3.84 -12.04 -2.94
CA ASP A 37 -3.58 -12.27 -1.52
C ASP A 37 -2.30 -13.06 -1.27
N LEU A 38 -1.18 -12.53 -1.79
CA LEU A 38 0.14 -13.13 -1.63
C LEU A 38 0.48 -13.29 -0.15
N THR A 39 0.84 -14.51 0.25
CA THR A 39 1.27 -14.80 1.60
C THR A 39 2.68 -14.24 1.80
N TYR A 40 2.79 -12.92 1.88
CA TYR A 40 4.07 -12.25 2.03
C TYR A 40 4.61 -12.43 3.45
N THR A 41 5.89 -12.12 3.62
CA THR A 41 6.60 -12.13 4.88
C THR A 41 7.78 -11.19 4.68
N CYS A 42 8.18 -10.47 5.73
CA CYS A 42 9.32 -9.56 5.71
C CYS A 42 10.39 -10.17 6.60
N ARG A 43 11.65 -10.15 6.16
CA ARG A 43 12.78 -10.70 6.88
C ARG A 43 13.19 -9.79 8.05
N ASP A 44 12.23 -9.47 8.91
CA ASP A 44 12.37 -8.65 10.11
C ASP A 44 11.31 -9.17 11.10
N ASN A 45 10.46 -8.31 11.65
CA ASN A 45 9.36 -8.62 12.56
C ASN A 45 8.21 -7.67 12.23
N LYS A 46 7.01 -7.94 12.77
CA LYS A 46 5.81 -7.14 12.55
C LYS A 46 6.03 -5.64 12.83
N ASP A 47 6.95 -5.32 13.74
CA ASP A 47 7.26 -3.94 14.11
C ASP A 47 8.13 -3.22 13.06
N CYS A 48 8.42 -3.86 11.92
CA CYS A 48 9.20 -3.27 10.84
C CYS A 48 8.39 -2.16 10.16
N LEU A 49 8.28 -1.03 10.84
CA LEU A 49 7.55 0.16 10.40
C LEU A 49 8.09 0.61 9.04
N ILE A 50 7.19 0.95 8.12
CA ILE A 50 7.58 1.47 6.81
C ILE A 50 7.89 2.96 6.94
N ASP A 51 8.95 3.37 6.26
CA ASP A 51 9.43 4.74 6.08
C ASP A 51 10.33 4.65 4.85
N LYS A 52 10.85 5.79 4.38
CA LYS A 52 11.80 5.85 3.26
C LYS A 52 12.90 4.80 3.44
N ARG A 53 13.32 4.62 4.70
CA ARG A 53 14.32 3.66 5.14
C ARG A 53 14.10 2.25 4.57
N GLN A 54 12.85 1.80 4.49
CA GLN A 54 12.51 0.46 4.08
C GLN A 54 12.59 0.27 2.58
N ARG A 55 13.46 -0.64 2.16
CA ARG A 55 13.67 -1.00 0.77
C ARG A 55 12.34 -1.46 0.15
N ASN A 56 12.11 -1.14 -1.13
CA ASN A 56 10.87 -1.45 -1.85
C ASN A 56 10.31 -2.84 -1.50
N ARG A 57 11.16 -3.88 -1.53
CA ARG A 57 10.74 -5.23 -1.22
C ARG A 57 10.50 -5.42 0.29
N CYS A 58 9.46 -4.78 0.82
CA CYS A 58 9.00 -4.91 2.20
C CYS A 58 7.49 -5.14 2.15
N GLN A 59 7.12 -6.01 1.21
CA GLN A 59 5.78 -6.37 0.79
C GLN A 59 4.79 -6.53 1.95
N TYR A 60 5.07 -7.50 2.83
CA TYR A 60 4.21 -7.80 3.97
C TYR A 60 3.87 -6.54 4.76
N CYS A 61 4.90 -5.84 5.24
CA CYS A 61 4.74 -4.63 6.02
C CYS A 61 3.95 -3.57 5.23
N ARG A 62 4.26 -3.38 3.94
CA ARG A 62 3.51 -2.42 3.12
C ARG A 62 2.02 -2.79 3.06
N TYR A 63 1.71 -4.07 2.82
CA TYR A 63 0.34 -4.54 2.77
C TYR A 63 -0.35 -4.28 4.12
N GLN A 64 0.32 -4.68 5.21
CA GLN A 64 -0.18 -4.46 6.56
C GLN A 64 -0.45 -2.97 6.80
N LYS A 65 0.48 -2.08 6.41
CA LYS A 65 0.28 -0.65 6.54
C LYS A 65 -1.00 -0.25 5.80
N ALA A 66 -1.09 -0.58 4.51
CA ALA A 66 -2.25 -0.24 3.69
C ALA A 66 -3.56 -0.67 4.35
N LEU A 67 -3.60 -1.92 4.84
CA LEU A 67 -4.77 -2.46 5.52
C LEU A 67 -5.06 -1.66 6.78
N ALA A 68 -4.06 -1.53 7.65
CA ALA A 68 -4.15 -0.81 8.92
C ALA A 68 -4.69 0.62 8.74
N MET A 69 -4.18 1.32 7.73
CA MET A 69 -4.61 2.70 7.44
C MET A 69 -6.02 2.74 6.82
N GLY A 70 -6.60 1.58 6.48
CA GLY A 70 -7.95 1.50 5.98
C GLY A 70 -8.06 1.80 4.50
N MET A 71 -7.07 1.37 3.69
CA MET A 71 -7.22 1.52 2.24
C MET A 71 -8.48 0.76 1.83
N LYS A 72 -9.42 1.42 1.15
CA LYS A 72 -10.68 0.84 0.76
C LYS A 72 -10.52 -0.29 -0.25
N ARG A 73 -10.21 -1.48 0.28
CA ARG A 73 -10.04 -2.74 -0.43
C ARG A 73 -11.06 -2.88 -1.57
N GLU A 74 -12.32 -2.55 -1.29
CA GLU A 74 -13.42 -2.62 -2.27
C GLU A 74 -13.01 -1.99 -3.61
N ALA A 75 -12.40 -0.81 -3.56
CA ALA A 75 -11.97 -0.06 -4.73
C ALA A 75 -11.10 -0.90 -5.68
N VAL A 76 -10.35 -1.86 -5.16
CA VAL A 76 -9.54 -2.74 -5.99
C VAL A 76 -10.42 -3.42 -7.03
N GLN A 77 -11.56 -3.94 -6.59
CA GLN A 77 -12.53 -4.61 -7.45
C GLN A 77 -13.30 -3.62 -8.33
N GLU A 78 -13.13 -2.31 -8.11
CA GLU A 78 -13.81 -1.28 -8.89
C GLU A 78 -12.90 -0.88 -10.05
N GLU A 79 -11.60 -0.76 -9.78
CA GLU A 79 -10.60 -0.41 -10.78
C GLU A 79 -10.17 -1.65 -11.57
N ARG A 80 -9.69 -2.68 -10.86
CA ARG A 80 -9.32 -3.94 -11.47
C ARG A 80 -10.62 -4.74 -11.66
N GLN A 81 -11.22 -4.57 -12.86
CA GLN A 81 -12.48 -5.19 -13.23
C GLN A 81 -12.54 -6.67 -12.84
N ARG A 82 -13.67 -7.09 -12.28
CA ARG A 82 -13.93 -8.43 -11.79
C ARG A 82 -13.92 -9.50 -12.91
N GLY A 83 -12.75 -9.76 -13.47
CA GLY A 83 -12.54 -10.75 -14.52
C GLY A 83 -11.05 -11.03 -14.67
ZN ZN B . 3.92 4.68 -1.88
ZN ZN C . 9.29 -4.98 6.75
N PHE A 1 -0.64 16.81 5.73
CA PHE A 1 -0.31 18.03 5.03
C PHE A 1 -1.21 18.15 3.79
N THR A 2 -1.19 19.30 3.11
CA THR A 2 -1.97 19.54 1.90
C THR A 2 -1.60 18.46 0.88
N LYS A 3 -0.33 18.48 0.45
CA LYS A 3 0.23 17.46 -0.42
C LYS A 3 0.56 16.26 0.48
N HIS A 4 -0.48 15.64 1.04
CA HIS A 4 -0.40 14.54 1.98
C HIS A 4 0.54 13.45 1.46
N ILE A 5 1.55 13.10 2.26
CA ILE A 5 2.54 12.07 1.95
C ILE A 5 1.90 10.69 1.92
N CYS A 6 2.57 9.73 1.27
CA CYS A 6 2.08 8.37 1.16
C CYS A 6 1.97 7.77 2.56
N ALA A 7 0.76 7.36 2.95
CA ALA A 7 0.51 6.77 4.26
C ALA A 7 1.50 5.66 4.61
N ILE A 8 1.84 4.84 3.61
CA ILE A 8 2.68 3.67 3.78
C ILE A 8 4.18 3.99 3.89
N CYS A 9 4.74 4.83 3.01
CA CYS A 9 6.19 5.07 2.95
C CYS A 9 6.63 6.54 2.98
N GLY A 10 5.70 7.49 3.12
CA GLY A 10 6.03 8.90 3.22
C GLY A 10 6.42 9.57 1.91
N ASP A 11 6.49 8.84 0.79
CA ASP A 11 6.85 9.41 -0.50
C ASP A 11 5.70 10.27 -1.05
N ARG A 12 5.94 10.94 -2.18
CA ARG A 12 4.94 11.78 -2.84
C ARG A 12 3.75 10.92 -3.28
N SER A 13 2.57 11.18 -2.72
CA SER A 13 1.37 10.45 -3.09
C SER A 13 0.90 10.90 -4.46
N SER A 14 0.45 9.95 -5.27
CA SER A 14 -0.16 10.20 -6.57
C SER A 14 -1.64 10.51 -6.35
N GLY A 15 -2.26 9.94 -5.31
CA GLY A 15 -3.67 10.22 -5.01
C GLY A 15 -4.17 9.42 -3.81
N LYS A 16 -5.42 9.71 -3.42
CA LYS A 16 -6.10 9.02 -2.32
C LYS A 16 -6.60 7.66 -2.81
N HIS A 17 -5.64 6.78 -3.11
CA HIS A 17 -5.93 5.49 -3.67
C HIS A 17 -6.52 4.60 -2.58
N TYR A 18 -7.65 3.96 -2.91
CA TYR A 18 -8.42 3.14 -1.98
C TYR A 18 -8.78 3.95 -0.74
N GLY A 19 -8.97 5.27 -0.92
CA GLY A 19 -9.34 6.20 0.13
C GLY A 19 -8.18 6.69 1.00
N VAL A 20 -6.94 6.30 0.71
CA VAL A 20 -5.78 6.70 1.50
C VAL A 20 -4.69 7.27 0.59
N TYR A 21 -4.15 8.43 0.94
CA TYR A 21 -3.09 9.09 0.19
C TYR A 21 -1.91 8.12 0.02
N SER A 22 -1.63 7.74 -1.23
CA SER A 22 -0.59 6.77 -1.55
C SER A 22 0.07 7.09 -2.89
N CYS A 23 1.20 6.41 -3.14
CA CYS A 23 2.01 6.54 -4.34
C CYS A 23 1.82 5.32 -5.24
N GLU A 24 1.96 5.52 -6.55
CA GLU A 24 1.82 4.52 -7.60
C GLU A 24 2.40 3.15 -7.24
N GLY A 25 3.63 3.09 -6.70
CA GLY A 25 4.27 1.84 -6.32
C GLY A 25 3.42 1.07 -5.31
N CYS A 26 3.10 1.72 -4.20
CA CYS A 26 2.28 1.14 -3.14
C CYS A 26 0.89 0.78 -3.70
N LYS A 27 0.29 1.71 -4.44
CA LYS A 27 -1.01 1.53 -5.05
C LYS A 27 -1.04 0.22 -5.85
N GLY A 28 -0.11 0.09 -6.79
CA GLY A 28 0.03 -1.06 -7.67
C GLY A 28 0.30 -2.33 -6.86
N PHE A 29 1.30 -2.28 -5.97
CA PHE A 29 1.66 -3.40 -5.12
C PHE A 29 0.43 -3.94 -4.38
N PHE A 30 -0.31 -3.03 -3.74
CA PHE A 30 -1.53 -3.38 -3.03
C PHE A 30 -2.53 -3.99 -4.00
N LYS A 31 -2.78 -3.33 -5.14
CA LYS A 31 -3.69 -3.83 -6.16
C LYS A 31 -3.38 -5.29 -6.51
N ARG A 32 -2.13 -5.56 -6.87
CA ARG A 32 -1.66 -6.89 -7.22
C ARG A 32 -1.91 -7.84 -6.05
N THR A 33 -1.44 -7.48 -4.85
CA THR A 33 -1.61 -8.29 -3.65
C THR A 33 -3.06 -8.70 -3.45
N VAL A 34 -3.97 -7.73 -3.51
CA VAL A 34 -5.39 -7.96 -3.31
C VAL A 34 -5.95 -8.85 -4.42
N ARG A 35 -5.71 -8.51 -5.68
CA ARG A 35 -6.19 -9.30 -6.81
C ARG A 35 -5.74 -10.76 -6.71
N LYS A 36 -4.46 -10.95 -6.41
CA LYS A 36 -3.89 -12.28 -6.24
C LYS A 36 -4.35 -12.90 -4.92
N ASP A 37 -4.77 -12.06 -3.96
CA ASP A 37 -5.20 -12.40 -2.62
C ASP A 37 -4.05 -13.04 -1.84
N LEU A 38 -2.89 -12.38 -1.90
CA LEU A 38 -1.66 -12.84 -1.28
C LEU A 38 -1.51 -12.33 0.16
N THR A 39 -0.43 -12.77 0.80
CA THR A 39 0.03 -12.46 2.14
C THR A 39 1.52 -12.81 2.09
N TYR A 40 2.34 -12.20 2.95
CA TYR A 40 3.79 -12.38 2.92
C TYR A 40 4.34 -12.34 4.34
N THR A 41 5.67 -12.26 4.44
CA THR A 41 6.41 -12.12 5.68
C THR A 41 7.65 -11.27 5.39
N CYS A 42 8.26 -10.67 6.42
CA CYS A 42 9.45 -9.84 6.33
C CYS A 42 10.38 -10.26 7.48
N ARG A 43 11.64 -9.82 7.43
CA ARG A 43 12.62 -10.08 8.47
C ARG A 43 12.10 -9.56 9.81
N ASP A 44 11.54 -8.35 9.78
CA ASP A 44 10.94 -7.67 10.92
C ASP A 44 9.43 -7.92 10.94
N ASN A 45 8.76 -7.52 12.01
CA ASN A 45 7.32 -7.62 12.13
C ASN A 45 6.70 -6.48 11.30
N LYS A 46 5.37 -6.40 11.26
CA LYS A 46 4.65 -5.38 10.51
C LYS A 46 5.17 -3.95 10.78
N ASP A 47 5.59 -3.69 12.02
CA ASP A 47 6.10 -2.39 12.46
C ASP A 47 7.55 -2.23 12.00
N CYS A 48 7.77 -2.31 10.70
CA CYS A 48 9.07 -2.23 10.05
C CYS A 48 9.36 -0.78 9.62
N LEU A 49 10.63 -0.47 9.40
CA LEU A 49 11.09 0.86 9.03
C LEU A 49 10.76 1.20 7.57
N ILE A 50 9.47 1.35 7.26
CA ILE A 50 9.01 1.72 5.92
C ILE A 50 9.29 3.21 5.69
N ASP A 51 10.58 3.52 5.52
CA ASP A 51 11.07 4.85 5.26
C ASP A 51 10.82 5.17 3.77
N LYS A 52 11.29 6.33 3.31
CA LYS A 52 11.24 6.69 1.89
C LYS A 52 11.87 5.56 1.09
N ARG A 53 12.98 5.04 1.62
CA ARG A 53 13.72 3.90 1.10
C ARG A 53 12.94 2.62 1.46
N GLN A 54 11.69 2.50 1.01
CA GLN A 54 10.88 1.33 1.30
C GLN A 54 11.56 0.08 0.71
N ARG A 55 12.22 -0.70 1.56
CA ARG A 55 12.99 -1.89 1.17
C ARG A 55 12.15 -2.75 0.21
N ASN A 56 12.73 -3.18 -0.92
CA ASN A 56 11.97 -3.95 -1.91
C ASN A 56 11.41 -5.24 -1.32
N ARG A 57 12.19 -5.95 -0.52
CA ARG A 57 11.74 -7.17 0.16
C ARG A 57 10.97 -6.76 1.42
N CYS A 58 9.79 -6.14 1.25
CA CYS A 58 8.99 -5.67 2.39
C CYS A 58 7.50 -5.58 2.10
N GLN A 59 7.04 -6.53 1.29
CA GLN A 59 5.67 -6.71 0.85
C GLN A 59 4.74 -6.78 2.07
N TYR A 60 5.06 -7.71 2.99
CA TYR A 60 4.29 -7.94 4.21
C TYR A 60 3.97 -6.64 4.93
N CYS A 61 5.01 -5.93 5.34
CA CYS A 61 4.87 -4.72 6.10
C CYS A 61 4.08 -3.68 5.32
N ARG A 62 4.43 -3.42 4.06
CA ARG A 62 3.67 -2.46 3.25
C ARG A 62 2.17 -2.83 3.22
N TYR A 63 1.87 -4.11 3.00
CA TYR A 63 0.50 -4.60 2.99
C TYR A 63 -0.16 -4.34 4.36
N GLN A 64 0.52 -4.72 5.45
CA GLN A 64 0.04 -4.50 6.80
C GLN A 64 -0.24 -3.01 7.04
N LYS A 65 0.67 -2.12 6.65
CA LYS A 65 0.49 -0.68 6.79
C LYS A 65 -0.77 -0.25 6.05
N ALA A 66 -0.89 -0.64 4.78
CA ALA A 66 -2.05 -0.34 3.95
C ALA A 66 -3.35 -0.74 4.65
N LEU A 67 -3.39 -1.98 5.15
CA LEU A 67 -4.54 -2.51 5.85
C LEU A 67 -4.79 -1.72 7.13
N ALA A 68 -3.74 -1.47 7.92
CA ALA A 68 -3.82 -0.73 9.17
C ALA A 68 -4.48 0.64 8.97
N MET A 69 -4.04 1.39 7.94
CA MET A 69 -4.64 2.68 7.63
C MET A 69 -6.03 2.55 6.99
N GLY A 70 -6.51 1.33 6.77
CA GLY A 70 -7.86 1.09 6.29
C GLY A 70 -8.00 1.32 4.80
N MET A 71 -7.00 0.93 4.01
CA MET A 71 -7.15 1.01 2.56
C MET A 71 -8.36 0.17 2.16
N LYS A 72 -9.27 0.75 1.38
CA LYS A 72 -10.50 0.09 0.98
C LYS A 72 -10.18 -1.03 0.00
N ARG A 73 -9.79 -2.19 0.52
CA ARG A 73 -9.36 -3.37 -0.22
C ARG A 73 -10.17 -3.57 -1.50
N GLU A 74 -11.49 -3.70 -1.37
CA GLU A 74 -12.42 -3.87 -2.48
C GLU A 74 -12.25 -2.81 -3.59
N ALA A 75 -11.90 -1.58 -3.23
CA ALA A 75 -11.69 -0.49 -4.18
C ALA A 75 -10.59 -0.80 -5.20
N VAL A 76 -9.79 -1.84 -4.95
CA VAL A 76 -8.84 -2.33 -5.94
C VAL A 76 -9.61 -2.65 -7.22
N GLN A 77 -10.77 -3.29 -7.06
CA GLN A 77 -11.68 -3.63 -8.14
C GLN A 77 -12.69 -2.51 -8.37
N GLU A 78 -12.26 -1.24 -8.27
CA GLU A 78 -13.17 -0.12 -8.51
C GLU A 78 -13.22 0.13 -10.02
N GLU A 79 -12.19 0.77 -10.56
CA GLU A 79 -12.05 1.02 -11.99
C GLU A 79 -11.33 -0.18 -12.59
N ARG A 80 -10.22 -0.56 -11.94
CA ARG A 80 -9.32 -1.64 -12.33
C ARG A 80 -9.91 -3.04 -12.06
N GLN A 81 -11.18 -3.24 -12.41
CA GLN A 81 -11.86 -4.51 -12.25
C GLN A 81 -11.15 -5.57 -13.09
N ARG A 82 -11.06 -5.27 -14.38
CA ARG A 82 -10.44 -6.10 -15.39
C ARG A 82 -8.97 -6.34 -15.02
N GLY A 83 -8.22 -5.24 -14.87
CA GLY A 83 -6.81 -5.26 -14.50
C GLY A 83 -6.63 -4.92 -13.04
ZN ZN B . 4.18 4.61 -0.99
ZN ZN C . 9.41 -5.04 6.68
N PHE A 1 -2.14 18.26 5.77
CA PHE A 1 -1.69 18.86 4.54
C PHE A 1 -2.66 18.47 3.43
N THR A 2 -2.70 19.23 2.33
CA THR A 2 -3.57 18.97 1.20
C THR A 2 -3.12 17.68 0.53
N LYS A 3 -1.94 17.73 -0.09
CA LYS A 3 -1.33 16.58 -0.75
C LYS A 3 -0.63 15.72 0.31
N HIS A 4 -1.39 15.31 1.33
CA HIS A 4 -0.95 14.45 2.43
C HIS A 4 -0.11 13.30 1.87
N ILE A 5 1.12 13.13 2.37
CA ILE A 5 2.06 12.11 1.92
C ILE A 5 1.47 10.70 1.95
N CYS A 6 2.12 9.77 1.26
CA CYS A 6 1.69 8.38 1.25
C CYS A 6 1.59 7.85 2.68
N ALA A 7 0.41 7.40 3.08
CA ALA A 7 0.16 6.87 4.42
C ALA A 7 1.20 5.81 4.84
N ILE A 8 1.52 4.92 3.91
CA ILE A 8 2.41 3.78 4.15
C ILE A 8 3.88 4.17 4.35
N CYS A 9 4.46 4.95 3.42
CA CYS A 9 5.89 5.26 3.41
C CYS A 9 6.28 6.73 3.48
N GLY A 10 5.31 7.65 3.51
CA GLY A 10 5.59 9.07 3.62
C GLY A 10 6.21 9.68 2.37
N ASP A 11 6.18 8.98 1.24
CA ASP A 11 6.69 9.50 -0.03
C ASP A 11 5.61 10.40 -0.65
N ARG A 12 5.97 11.09 -1.73
CA ARG A 12 5.05 11.96 -2.46
C ARG A 12 3.83 11.12 -2.87
N SER A 13 2.65 11.46 -2.35
CA SER A 13 1.42 10.80 -2.69
C SER A 13 1.08 11.08 -4.15
N SER A 14 0.53 10.06 -4.82
CA SER A 14 0.06 10.13 -6.19
C SER A 14 -1.44 10.41 -6.17
N GLY A 15 -2.17 9.82 -5.21
CA GLY A 15 -3.59 10.07 -5.08
C GLY A 15 -4.16 9.34 -3.87
N LYS A 16 -5.43 9.62 -3.56
CA LYS A 16 -6.13 9.02 -2.45
C LYS A 16 -6.68 7.66 -2.90
N HIS A 17 -5.78 6.74 -3.23
CA HIS A 17 -6.15 5.44 -3.75
C HIS A 17 -6.70 4.58 -2.62
N TYR A 18 -7.72 3.77 -2.92
CA TYR A 18 -8.41 2.96 -1.92
C TYR A 18 -8.89 3.83 -0.73
N GLY A 19 -9.18 5.11 -0.99
CA GLY A 19 -9.65 6.04 0.02
C GLY A 19 -8.55 6.55 0.97
N VAL A 20 -7.27 6.28 0.71
CA VAL A 20 -6.18 6.74 1.56
C VAL A 20 -5.04 7.27 0.70
N TYR A 21 -4.45 8.40 1.11
CA TYR A 21 -3.31 9.01 0.43
C TYR A 21 -2.21 7.99 0.22
N SER A 22 -1.87 7.71 -1.04
CA SER A 22 -0.88 6.71 -1.38
C SER A 22 -0.16 7.09 -2.68
N CYS A 23 0.98 6.43 -2.93
CA CYS A 23 1.82 6.65 -4.11
C CYS A 23 1.73 5.46 -5.06
N GLU A 24 1.91 5.68 -6.36
CA GLU A 24 1.81 4.65 -7.41
C GLU A 24 2.45 3.31 -7.03
N GLY A 25 3.66 3.32 -6.46
CA GLY A 25 4.33 2.08 -6.07
C GLY A 25 3.45 1.26 -5.11
N CYS A 26 3.02 1.91 -4.02
CA CYS A 26 2.15 1.30 -3.03
C CYS A 26 0.81 0.92 -3.67
N LYS A 27 0.27 1.82 -4.50
CA LYS A 27 -0.97 1.59 -5.22
C LYS A 27 -0.91 0.25 -5.94
N GLY A 28 0.02 0.13 -6.88
CA GLY A 28 0.24 -1.05 -7.69
C GLY A 28 0.48 -2.28 -6.81
N PHE A 29 1.41 -2.18 -5.88
CA PHE A 29 1.75 -3.26 -4.96
C PHE A 29 0.50 -3.80 -4.24
N PHE A 30 -0.28 -2.90 -3.65
CA PHE A 30 -1.49 -3.27 -2.94
C PHE A 30 -2.48 -3.91 -3.91
N LYS A 31 -2.71 -3.27 -5.07
CA LYS A 31 -3.61 -3.79 -6.08
C LYS A 31 -3.22 -5.24 -6.43
N ARG A 32 -1.95 -5.47 -6.79
CA ARG A 32 -1.43 -6.80 -7.09
C ARG A 32 -1.79 -7.76 -5.96
N THR A 33 -1.33 -7.44 -4.75
CA THR A 33 -1.53 -8.26 -3.57
C THR A 33 -2.99 -8.67 -3.40
N VAL A 34 -3.90 -7.69 -3.41
CA VAL A 34 -5.32 -7.93 -3.21
C VAL A 34 -5.91 -8.71 -4.38
N ARG A 35 -5.61 -8.31 -5.61
CA ARG A 35 -6.09 -8.99 -6.82
C ARG A 35 -5.76 -10.48 -6.76
N LYS A 36 -4.51 -10.77 -6.39
CA LYS A 36 -4.02 -12.14 -6.24
C LYS A 36 -4.57 -12.77 -4.94
N ASP A 37 -4.89 -11.93 -3.95
CA ASP A 37 -5.36 -12.27 -2.62
C ASP A 37 -4.25 -12.95 -1.82
N LEU A 38 -3.07 -12.35 -1.87
CA LEU A 38 -1.86 -12.84 -1.23
C LEU A 38 -1.70 -12.29 0.19
N THR A 39 -0.62 -12.74 0.84
CA THR A 39 -0.14 -12.39 2.16
C THR A 39 1.33 -12.79 2.13
N TYR A 40 2.18 -12.15 2.95
CA TYR A 40 3.62 -12.35 2.94
C TYR A 40 4.16 -12.31 4.36
N THR A 41 5.48 -12.27 4.48
CA THR A 41 6.19 -12.17 5.75
C THR A 41 7.49 -11.38 5.52
N CYS A 42 8.06 -10.81 6.58
CA CYS A 42 9.32 -10.06 6.59
C CYS A 42 10.01 -10.49 7.88
N ARG A 43 11.32 -10.23 8.02
CA ARG A 43 12.04 -10.57 9.23
C ARG A 43 11.45 -9.76 10.40
N ASP A 44 11.20 -8.47 10.15
CA ASP A 44 10.59 -7.58 11.11
C ASP A 44 9.08 -7.80 11.09
N ASN A 45 8.39 -7.35 12.14
CA ASN A 45 6.94 -7.39 12.21
C ASN A 45 6.41 -6.22 11.37
N LYS A 46 5.08 -6.08 11.30
CA LYS A 46 4.42 -5.01 10.55
C LYS A 46 5.07 -3.63 10.73
N ASP A 47 5.48 -3.31 11.95
CA ASP A 47 6.14 -2.05 12.30
C ASP A 47 7.61 -2.10 11.90
N CYS A 48 7.86 -2.29 10.60
CA CYS A 48 9.18 -2.36 10.01
C CYS A 48 9.64 -0.95 9.61
N LEU A 49 10.92 -0.80 9.29
CA LEU A 49 11.53 0.47 8.90
C LEU A 49 11.06 0.85 7.49
N ILE A 50 9.78 1.19 7.33
CA ILE A 50 9.20 1.58 6.05
C ILE A 50 9.57 3.04 5.75
N ASP A 51 10.86 3.27 5.55
CA ASP A 51 11.42 4.55 5.19
C ASP A 51 11.29 4.72 3.67
N LYS A 52 11.63 5.91 3.17
CA LYS A 52 11.52 6.23 1.75
C LYS A 52 12.32 5.23 0.90
N ARG A 53 13.55 4.94 1.33
CA ARG A 53 14.48 4.06 0.65
C ARG A 53 14.13 2.59 0.90
N GLN A 54 12.92 2.19 0.50
CA GLN A 54 12.44 0.81 0.57
C GLN A 54 12.38 0.20 -0.83
N ARG A 55 12.14 -1.10 -0.90
CA ARG A 55 12.03 -1.87 -2.14
C ARG A 55 10.81 -2.80 -2.05
N ASN A 56 10.28 -3.19 -3.23
CA ASN A 56 9.11 -4.06 -3.33
C ASN A 56 9.17 -5.23 -2.35
N ARG A 57 10.34 -5.86 -2.21
CA ARG A 57 10.57 -6.98 -1.30
C ARG A 57 9.84 -6.87 0.05
N CYS A 58 9.75 -5.67 0.66
CA CYS A 58 9.07 -5.52 1.94
C CYS A 58 7.53 -5.46 1.80
N GLN A 59 7.00 -6.45 1.08
CA GLN A 59 5.58 -6.61 0.76
C GLN A 59 4.72 -6.69 2.02
N TYR A 60 5.03 -7.65 2.90
CA TYR A 60 4.27 -7.89 4.13
C TYR A 60 3.97 -6.60 4.88
N CYS A 61 5.02 -5.91 5.29
CA CYS A 61 4.92 -4.71 6.09
C CYS A 61 4.12 -3.64 5.36
N ARG A 62 4.42 -3.35 4.10
CA ARG A 62 3.64 -2.35 3.36
C ARG A 62 2.16 -2.75 3.31
N TYR A 63 1.86 -4.02 3.07
CA TYR A 63 0.50 -4.53 3.01
C TYR A 63 -0.19 -4.32 4.36
N GLN A 64 0.46 -4.75 5.44
CA GLN A 64 -0.03 -4.57 6.79
C GLN A 64 -0.30 -3.09 7.08
N LYS A 65 0.66 -2.22 6.75
CA LYS A 65 0.53 -0.78 6.91
C LYS A 65 -0.70 -0.27 6.14
N ALA A 66 -0.81 -0.65 4.86
CA ALA A 66 -1.93 -0.28 4.01
C ALA A 66 -3.26 -0.64 4.68
N LEU A 67 -3.37 -1.89 5.14
CA LEU A 67 -4.58 -2.35 5.82
C LEU A 67 -4.81 -1.54 7.09
N ALA A 68 -3.78 -1.39 7.92
CA ALA A 68 -3.84 -0.64 9.17
C ALA A 68 -4.40 0.77 8.95
N MET A 69 -3.89 1.50 7.96
CA MET A 69 -4.37 2.85 7.66
C MET A 69 -5.72 2.86 6.94
N GLY A 70 -6.27 1.69 6.61
CA GLY A 70 -7.62 1.58 6.07
C GLY A 70 -7.71 1.64 4.55
N MET A 71 -6.71 1.12 3.82
CA MET A 71 -6.86 1.02 2.37
C MET A 71 -8.08 0.15 2.08
N LYS A 72 -9.11 0.73 1.45
CA LYS A 72 -10.34 0.03 1.12
C LYS A 72 -10.09 -1.05 0.08
N ARG A 73 -9.71 -2.24 0.55
CA ARG A 73 -9.48 -3.45 -0.23
C ARG A 73 -10.51 -3.57 -1.36
N GLU A 74 -11.77 -3.32 -1.04
CA GLU A 74 -12.89 -3.36 -1.97
C GLU A 74 -12.61 -2.60 -3.26
N ALA A 75 -12.06 -1.39 -3.14
CA ALA A 75 -11.77 -0.51 -4.25
C ALA A 75 -10.74 -1.09 -5.22
N VAL A 76 -9.93 -2.08 -4.81
CA VAL A 76 -9.00 -2.72 -5.73
C VAL A 76 -9.74 -3.25 -6.94
N GLN A 77 -10.88 -3.90 -6.69
CA GLN A 77 -11.74 -4.45 -7.73
C GLN A 77 -12.22 -3.38 -8.72
N GLU A 78 -12.14 -2.10 -8.35
CA GLU A 78 -12.54 -0.98 -9.20
C GLU A 78 -11.31 -0.47 -9.93
N GLU A 79 -10.23 -0.26 -9.18
CA GLU A 79 -8.97 0.25 -9.71
C GLU A 79 -8.30 -0.76 -10.65
N ARG A 80 -8.69 -2.05 -10.63
CA ARG A 80 -8.14 -3.11 -11.47
C ARG A 80 -7.85 -2.64 -12.90
N GLN A 81 -6.66 -2.95 -13.41
CA GLN A 81 -6.21 -2.63 -14.76
C GLN A 81 -5.27 -3.73 -15.22
N ARG A 82 -5.31 -4.09 -16.50
CA ARG A 82 -4.45 -5.10 -17.10
C ARG A 82 -3.08 -4.50 -17.42
N GLY A 83 -2.42 -3.95 -16.40
CA GLY A 83 -1.12 -3.32 -16.55
C GLY A 83 -1.19 -2.17 -17.55
ZN ZN B . 3.92 4.71 -0.67
ZN ZN C . 9.48 -5.29 6.60
N PHE A 1 -1.64 19.40 3.53
CA PHE A 1 -0.30 19.18 2.96
C PHE A 1 -0.28 19.52 1.48
N THR A 2 -1.37 19.19 0.76
CA THR A 2 -1.50 19.29 -0.68
C THR A 2 -0.61 18.22 -1.30
N LYS A 3 0.71 18.39 -1.20
CA LYS A 3 1.73 17.43 -1.59
C LYS A 3 1.79 16.39 -0.46
N HIS A 4 0.68 15.67 -0.26
CA HIS A 4 0.53 14.70 0.81
C HIS A 4 1.62 13.64 0.78
N ILE A 5 2.18 13.33 1.96
CA ILE A 5 3.14 12.25 2.08
C ILE A 5 2.37 10.93 2.08
N CYS A 6 2.97 9.91 1.47
CA CYS A 6 2.38 8.61 1.30
C CYS A 6 2.21 7.95 2.65
N ALA A 7 0.96 7.61 2.99
CA ALA A 7 0.62 6.95 4.24
C ALA A 7 1.59 5.84 4.61
N ILE A 8 1.88 4.96 3.64
CA ILE A 8 2.67 3.76 3.86
C ILE A 8 4.18 4.00 4.00
N CYS A 9 4.80 4.88 3.18
CA CYS A 9 6.26 5.05 3.17
C CYS A 9 6.80 6.48 3.20
N GLY A 10 5.94 7.50 3.20
CA GLY A 10 6.36 8.89 3.30
C GLY A 10 6.83 9.53 1.97
N ASP A 11 6.72 8.82 0.85
CA ASP A 11 7.06 9.33 -0.47
C ASP A 11 6.02 10.39 -0.88
N ARG A 12 6.31 11.26 -1.85
CA ARG A 12 5.29 12.22 -2.29
C ARG A 12 4.16 11.44 -2.94
N SER A 13 2.93 11.57 -2.43
CA SER A 13 1.80 10.82 -2.96
C SER A 13 1.46 11.23 -4.38
N SER A 14 1.06 10.27 -5.21
CA SER A 14 0.55 10.53 -6.54
C SER A 14 -0.95 10.81 -6.45
N GLY A 15 -1.65 10.15 -5.51
CA GLY A 15 -3.07 10.41 -5.33
C GLY A 15 -3.64 9.71 -4.09
N LYS A 16 -4.92 10.00 -3.82
CA LYS A 16 -5.67 9.44 -2.71
C LYS A 16 -6.13 8.04 -3.12
N HIS A 17 -5.18 7.13 -3.26
CA HIS A 17 -5.42 5.79 -3.76
C HIS A 17 -6.14 4.95 -2.70
N TYR A 18 -7.27 4.36 -3.11
CA TYR A 18 -8.12 3.56 -2.24
C TYR A 18 -8.55 4.37 -1.01
N GLY A 19 -8.67 5.69 -1.15
CA GLY A 19 -9.07 6.59 -0.09
C GLY A 19 -7.91 7.06 0.79
N VAL A 20 -6.66 6.68 0.49
CA VAL A 20 -5.50 7.06 1.30
C VAL A 20 -4.42 7.68 0.40
N TYR A 21 -3.85 8.81 0.83
CA TYR A 21 -2.77 9.47 0.09
C TYR A 21 -1.58 8.51 -0.04
N SER A 22 -1.21 8.16 -1.27
CA SER A 22 -0.12 7.24 -1.52
C SER A 22 0.50 7.43 -2.90
N CYS A 23 1.64 6.77 -3.11
CA CYS A 23 2.45 6.81 -4.33
C CYS A 23 2.16 5.58 -5.20
N GLU A 24 2.32 5.72 -6.52
CA GLU A 24 2.09 4.66 -7.50
C GLU A 24 2.72 3.32 -7.07
N GLY A 25 3.95 3.36 -6.54
CA GLY A 25 4.64 2.16 -6.08
C GLY A 25 3.80 1.39 -5.06
N CYS A 26 3.11 2.11 -4.17
CA CYS A 26 2.22 1.55 -3.18
C CYS A 26 0.89 1.18 -3.82
N LYS A 27 0.38 2.05 -4.71
CA LYS A 27 -0.85 1.82 -5.44
C LYS A 27 -0.82 0.42 -6.08
N GLY A 28 0.18 0.21 -6.94
CA GLY A 28 0.41 -1.03 -7.65
C GLY A 28 0.58 -2.18 -6.68
N PHE A 29 1.43 -2.00 -5.67
CA PHE A 29 1.65 -3.01 -4.64
C PHE A 29 0.32 -3.49 -4.07
N PHE A 30 -0.49 -2.56 -3.54
CA PHE A 30 -1.76 -2.91 -2.92
C PHE A 30 -2.67 -3.59 -3.93
N LYS A 31 -2.83 -3.03 -5.14
CA LYS A 31 -3.69 -3.61 -6.17
C LYS A 31 -3.31 -5.08 -6.41
N ARG A 32 -2.03 -5.31 -6.74
CA ARG A 32 -1.51 -6.64 -6.99
C ARG A 32 -1.70 -7.54 -5.77
N THR A 33 -1.32 -7.05 -4.59
CA THR A 33 -1.44 -7.79 -3.34
C THR A 33 -2.86 -8.27 -3.11
N VAL A 34 -3.84 -7.38 -3.22
CA VAL A 34 -5.24 -7.71 -3.02
C VAL A 34 -5.65 -8.77 -4.05
N ARG A 35 -5.36 -8.52 -5.33
CA ARG A 35 -5.71 -9.47 -6.40
C ARG A 35 -5.12 -10.87 -6.17
N LYS A 36 -3.84 -10.91 -5.81
CA LYS A 36 -3.08 -12.15 -5.64
C LYS A 36 -3.34 -12.85 -4.30
N ASP A 37 -3.60 -12.07 -3.26
CA ASP A 37 -3.69 -12.52 -1.87
C ASP A 37 -2.36 -13.19 -1.50
N LEU A 38 -1.27 -12.43 -1.66
CA LEU A 38 0.09 -12.88 -1.46
C LEU A 38 0.37 -13.48 -0.09
N THR A 39 1.40 -14.33 -0.04
CA THR A 39 1.90 -14.91 1.19
C THR A 39 2.53 -13.77 2.00
N TYR A 40 1.84 -13.31 3.05
CA TYR A 40 2.31 -12.15 3.80
C TYR A 40 3.50 -12.51 4.67
N THR A 41 4.66 -12.02 4.25
CA THR A 41 5.93 -12.17 4.91
C THR A 41 6.61 -10.79 4.92
N CYS A 42 7.71 -10.68 5.65
CA CYS A 42 8.48 -9.47 5.85
C CYS A 42 9.95 -9.81 5.67
N ARG A 43 10.78 -8.82 5.31
CA ARG A 43 12.21 -9.02 5.15
C ARG A 43 12.88 -9.17 6.52
N ASP A 44 12.51 -8.29 7.46
CA ASP A 44 13.04 -8.26 8.81
C ASP A 44 12.04 -8.92 9.77
N ASN A 45 11.39 -8.14 10.65
CA ASN A 45 10.41 -8.60 11.65
C ASN A 45 9.29 -7.56 11.72
N LYS A 46 8.25 -7.84 12.51
CA LYS A 46 7.08 -6.98 12.71
C LYS A 46 7.41 -5.50 12.95
N ASP A 47 8.58 -5.22 13.55
CA ASP A 47 9.02 -3.85 13.86
C ASP A 47 9.52 -3.10 12.62
N CYS A 48 9.42 -3.70 11.44
CA CYS A 48 9.78 -3.13 10.15
C CYS A 48 8.80 -2.01 9.77
N LEU A 49 8.90 -0.88 10.47
CA LEU A 49 8.09 0.30 10.22
C LEU A 49 8.49 0.87 8.86
N ILE A 50 7.68 0.61 7.84
CA ILE A 50 7.94 1.05 6.47
C ILE A 50 8.17 2.57 6.40
N ASP A 51 9.17 2.97 5.60
CA ASP A 51 9.56 4.33 5.31
C ASP A 51 10.31 4.29 3.98
N LYS A 52 10.51 5.45 3.35
CA LYS A 52 11.12 5.68 2.04
C LYS A 52 12.27 4.70 1.72
N ARG A 53 13.16 4.47 2.67
CA ARG A 53 14.29 3.57 2.49
C ARG A 53 13.83 2.16 2.09
N GLN A 54 12.84 1.63 2.81
CA GLN A 54 12.28 0.30 2.64
C GLN A 54 11.33 0.22 1.44
N ARG A 55 11.83 0.58 0.26
CA ARG A 55 11.06 0.55 -0.98
C ARG A 55 10.60 -0.87 -1.36
N ASN A 56 11.31 -1.90 -0.89
CA ASN A 56 10.98 -3.30 -1.16
C ASN A 56 9.51 -3.61 -0.89
N ARG A 57 8.93 -4.51 -1.70
CA ARG A 57 7.55 -4.96 -1.59
C ARG A 57 7.41 -5.87 -0.36
N CYS A 58 7.59 -5.30 0.84
CA CYS A 58 7.46 -6.00 2.11
C CYS A 58 5.98 -6.25 2.39
N GLN A 59 5.43 -7.29 1.76
CA GLN A 59 4.01 -7.60 1.79
C GLN A 59 3.35 -7.42 3.15
N TYR A 60 3.76 -8.18 4.17
CA TYR A 60 3.12 -8.13 5.48
C TYR A 60 2.99 -6.69 6.00
N CYS A 61 4.11 -6.01 6.18
CA CYS A 61 4.12 -4.67 6.73
C CYS A 61 3.40 -3.68 5.84
N ARG A 62 3.69 -3.65 4.53
CA ARG A 62 3.03 -2.71 3.65
C ARG A 62 1.51 -2.91 3.67
N TYR A 63 1.08 -4.18 3.58
CA TYR A 63 -0.33 -4.53 3.60
C TYR A 63 -0.94 -4.10 4.94
N GLN A 64 -0.32 -4.44 6.06
CA GLN A 64 -0.80 -4.04 7.37
C GLN A 64 -0.91 -2.52 7.47
N LYS A 65 0.12 -1.79 7.05
CA LYS A 65 0.17 -0.33 7.07
C LYS A 65 -1.01 0.22 6.26
N ALA A 66 -1.18 -0.28 5.04
CA ALA A 66 -2.26 0.09 4.14
C ALA A 66 -3.63 -0.12 4.78
N LEU A 67 -3.87 -1.34 5.29
CA LEU A 67 -5.13 -1.70 5.89
C LEU A 67 -5.40 -0.86 7.14
N ALA A 68 -4.40 -0.71 8.00
CA ALA A 68 -4.48 0.07 9.23
C ALA A 68 -5.01 1.47 8.95
N MET A 69 -4.47 2.15 7.92
CA MET A 69 -4.93 3.49 7.55
C MET A 69 -6.20 3.48 6.69
N GLY A 70 -6.79 2.31 6.45
CA GLY A 70 -8.08 2.20 5.80
C GLY A 70 -8.04 2.20 4.28
N MET A 71 -7.01 1.61 3.66
CA MET A 71 -7.03 1.50 2.22
C MET A 71 -8.22 0.60 1.82
N LYS A 72 -9.18 1.18 1.10
CA LYS A 72 -10.40 0.50 0.73
C LYS A 72 -10.14 -0.60 -0.31
N ARG A 73 -9.83 -1.80 0.17
CA ARG A 73 -9.63 -3.01 -0.63
C ARG A 73 -10.65 -3.07 -1.77
N GLU A 74 -11.90 -2.78 -1.46
CA GLU A 74 -13.03 -2.76 -2.38
C GLU A 74 -12.66 -2.05 -3.70
N ALA A 75 -12.04 -0.87 -3.59
CA ALA A 75 -11.68 -0.06 -4.75
C ALA A 75 -10.73 -0.78 -5.70
N VAL A 76 -9.94 -1.75 -5.24
CA VAL A 76 -9.08 -2.52 -6.13
C VAL A 76 -9.93 -3.22 -7.21
N GLN A 77 -11.18 -3.54 -6.90
CA GLN A 77 -12.07 -4.19 -7.84
C GLN A 77 -12.42 -3.28 -9.03
N GLU A 78 -11.99 -2.00 -9.03
CA GLU A 78 -12.24 -1.05 -10.11
C GLU A 78 -11.95 -1.63 -11.49
N GLU A 79 -10.86 -2.39 -11.63
CA GLU A 79 -10.45 -3.00 -12.89
C GLU A 79 -11.45 -4.06 -13.37
N ARG A 80 -12.21 -4.64 -12.45
CA ARG A 80 -13.21 -5.66 -12.70
C ARG A 80 -14.59 -5.03 -12.56
N GLN A 81 -14.98 -4.20 -13.53
CA GLN A 81 -16.28 -3.51 -13.53
C GLN A 81 -17.43 -4.49 -13.28
N ARG A 82 -17.32 -5.71 -13.82
CA ARG A 82 -18.27 -6.79 -13.66
C ARG A 82 -18.57 -7.06 -12.18
N GLY A 83 -17.59 -6.85 -11.30
CA GLY A 83 -17.71 -7.04 -9.87
C GLY A 83 -16.57 -6.33 -9.15
ZN ZN B . 4.27 4.74 -0.84
ZN ZN C . 8.47 -5.66 7.06
N PHE A 1 7.85 17.90 -0.43
CA PHE A 1 7.00 16.95 -1.14
C PHE A 1 5.75 17.61 -1.71
N THR A 2 5.33 18.73 -1.13
CA THR A 2 4.12 19.50 -1.45
C THR A 2 2.86 18.70 -1.09
N LYS A 3 2.64 17.57 -1.76
CA LYS A 3 1.55 16.68 -1.47
C LYS A 3 1.85 15.92 -0.17
N HIS A 4 0.80 15.40 0.48
CA HIS A 4 0.94 14.56 1.66
C HIS A 4 1.68 13.29 1.25
N ILE A 5 2.91 13.09 1.74
CA ILE A 5 3.74 11.92 1.43
C ILE A 5 2.94 10.63 1.40
N CYS A 6 3.33 9.71 0.51
CA CYS A 6 2.69 8.42 0.39
C CYS A 6 2.68 7.73 1.75
N ALA A 7 1.48 7.50 2.29
CA ALA A 7 1.27 6.89 3.59
C ALA A 7 2.19 5.70 3.84
N ILE A 8 2.36 4.86 2.81
CA ILE A 8 3.15 3.65 2.90
C ILE A 8 4.65 3.95 2.77
N CYS A 9 5.14 4.19 1.55
CA CYS A 9 6.57 4.33 1.27
C CYS A 9 7.20 5.70 1.61
N GLY A 10 6.42 6.70 2.00
CA GLY A 10 6.95 8.01 2.40
C GLY A 10 7.55 8.81 1.25
N ASP A 11 7.29 8.43 0.00
CA ASP A 11 7.77 9.16 -1.18
C ASP A 11 6.73 10.21 -1.53
N ARG A 12 6.99 11.03 -2.57
CA ARG A 12 5.99 11.97 -3.02
C ARG A 12 4.80 11.18 -3.55
N SER A 13 3.58 11.52 -3.12
CA SER A 13 2.37 10.86 -3.52
C SER A 13 1.92 11.34 -4.90
N SER A 14 0.91 10.67 -5.45
CA SER A 14 0.25 11.03 -6.69
C SER A 14 -1.08 11.68 -6.30
N GLY A 15 -1.80 11.07 -5.34
CA GLY A 15 -3.07 11.62 -4.87
C GLY A 15 -3.68 10.71 -3.81
N LYS A 16 -4.95 10.94 -3.47
CA LYS A 16 -5.67 10.11 -2.52
C LYS A 16 -6.13 8.86 -3.28
N HIS A 17 -5.77 7.68 -2.78
CA HIS A 17 -6.08 6.40 -3.41
C HIS A 17 -6.63 5.47 -2.34
N TYR A 18 -7.79 4.85 -2.62
CA TYR A 18 -8.43 3.92 -1.69
C TYR A 18 -8.58 4.53 -0.29
N GLY A 19 -8.85 5.85 -0.26
CA GLY A 19 -9.07 6.61 0.97
C GLY A 19 -7.79 7.11 1.67
N VAL A 20 -6.58 6.82 1.14
CA VAL A 20 -5.33 7.22 1.78
C VAL A 20 -4.39 7.88 0.78
N TYR A 21 -3.64 8.90 1.21
CA TYR A 21 -2.67 9.59 0.35
C TYR A 21 -1.58 8.61 -0.08
N SER A 22 -1.43 8.40 -1.39
CA SER A 22 -0.47 7.43 -1.91
C SER A 22 0.01 7.82 -3.31
N CYS A 23 0.95 7.02 -3.83
CA CYS A 23 1.50 7.14 -5.17
C CYS A 23 0.92 6.03 -6.04
N GLU A 24 0.80 6.27 -7.35
CA GLU A 24 0.26 5.29 -8.29
C GLU A 24 0.99 3.94 -8.15
N GLY A 25 2.31 3.96 -7.96
CA GLY A 25 3.08 2.74 -7.78
C GLY A 25 2.52 1.90 -6.62
N CYS A 26 2.27 2.56 -5.48
CA CYS A 26 1.71 1.91 -4.31
C CYS A 26 0.27 1.48 -4.59
N LYS A 27 -0.50 2.31 -5.32
CA LYS A 27 -1.86 1.95 -5.71
C LYS A 27 -1.82 0.62 -6.47
N GLY A 28 -1.00 0.55 -7.52
CA GLY A 28 -0.81 -0.63 -8.34
C GLY A 28 -0.39 -1.82 -7.48
N PHE A 29 0.66 -1.65 -6.68
CA PHE A 29 1.15 -2.67 -5.77
C PHE A 29 0.00 -3.22 -4.92
N PHE A 30 -0.72 -2.34 -4.23
CA PHE A 30 -1.84 -2.72 -3.38
C PHE A 30 -2.88 -3.47 -4.20
N LYS A 31 -3.30 -2.91 -5.34
CA LYS A 31 -4.27 -3.52 -6.24
C LYS A 31 -3.87 -4.96 -6.57
N ARG A 32 -2.68 -5.15 -7.13
CA ARG A 32 -2.15 -6.46 -7.50
C ARG A 32 -2.14 -7.39 -6.28
N THR A 33 -1.54 -6.92 -5.18
CA THR A 33 -1.42 -7.67 -3.95
C THR A 33 -2.80 -8.16 -3.49
N VAL A 34 -3.78 -7.26 -3.42
CA VAL A 34 -5.13 -7.52 -2.97
C VAL A 34 -5.83 -8.51 -3.90
N ARG A 35 -5.81 -8.25 -5.21
CA ARG A 35 -6.44 -9.09 -6.21
C ARG A 35 -6.12 -10.57 -6.00
N LYS A 36 -4.83 -10.86 -5.77
CA LYS A 36 -4.32 -12.20 -5.55
C LYS A 36 -4.27 -12.58 -4.06
N ASP A 37 -4.33 -11.59 -3.17
CA ASP A 37 -4.12 -11.70 -1.73
C ASP A 37 -2.75 -12.33 -1.49
N LEU A 38 -1.72 -11.72 -2.09
CA LEU A 38 -0.37 -12.25 -2.04
C LEU A 38 0.14 -12.44 -0.61
N THR A 39 0.42 -13.69 -0.28
CA THR A 39 0.88 -14.11 1.03
C THR A 39 2.36 -13.77 1.19
N TYR A 40 2.65 -12.48 1.34
CA TYR A 40 4.01 -12.01 1.57
C TYR A 40 4.38 -12.31 3.02
N THR A 41 5.68 -12.36 3.34
CA THR A 41 6.13 -12.61 4.70
C THR A 41 7.51 -11.99 4.92
N CYS A 42 7.59 -10.90 5.69
CA CYS A 42 8.85 -10.29 6.06
C CYS A 42 9.45 -11.11 7.21
N ARG A 43 10.75 -10.95 7.48
CA ARG A 43 11.43 -11.70 8.53
C ARG A 43 10.87 -11.36 9.92
N ASP A 44 10.19 -10.22 10.05
CA ASP A 44 9.53 -9.76 11.26
C ASP A 44 8.10 -9.37 10.87
N ASN A 45 7.21 -9.27 11.86
CA ASN A 45 5.82 -8.91 11.60
C ASN A 45 5.71 -7.40 11.38
N LYS A 46 4.48 -6.91 11.18
CA LYS A 46 4.14 -5.52 10.89
C LYS A 46 4.67 -4.45 11.87
N ASP A 47 5.53 -4.81 12.83
CA ASP A 47 6.23 -3.87 13.69
C ASP A 47 7.35 -3.25 12.86
N CYS A 48 7.83 -3.94 11.81
CA CYS A 48 8.81 -3.46 10.85
C CYS A 48 8.13 -2.47 9.89
N LEU A 49 7.53 -1.44 10.46
CA LEU A 49 6.75 -0.41 9.77
C LEU A 49 7.57 0.27 8.69
N ILE A 50 6.97 0.47 7.52
CA ILE A 50 7.62 1.12 6.40
C ILE A 50 7.90 2.58 6.78
N ASP A 51 9.00 3.10 6.26
CA ASP A 51 9.49 4.46 6.42
C ASP A 51 10.20 4.77 5.11
N LYS A 52 10.51 6.04 4.85
CA LYS A 52 11.28 6.44 3.67
C LYS A 52 12.52 5.54 3.56
N ARG A 53 13.17 5.31 4.70
CA ARG A 53 14.34 4.45 4.85
C ARG A 53 14.14 3.05 4.26
N GLN A 54 12.95 2.46 4.39
CA GLN A 54 12.67 1.13 3.89
C GLN A 54 12.45 1.15 2.37
N ARG A 55 13.49 1.49 1.62
CA ARG A 55 13.45 1.50 0.17
C ARG A 55 13.33 0.07 -0.39
N ASN A 56 13.82 -0.91 0.37
CA ASN A 56 13.79 -2.33 0.02
C ASN A 56 12.35 -2.82 -0.17
N ARG A 57 12.18 -3.91 -0.93
CA ARG A 57 10.90 -4.53 -1.22
C ARG A 57 10.32 -5.27 -0.03
N CYS A 58 10.01 -4.53 1.03
CA CYS A 58 9.39 -5.03 2.25
C CYS A 58 7.87 -5.13 2.01
N GLN A 59 7.51 -5.89 0.96
CA GLN A 59 6.15 -6.07 0.44
C GLN A 59 5.12 -6.36 1.54
N TYR A 60 5.40 -7.34 2.40
CA TYR A 60 4.51 -7.70 3.49
C TYR A 60 4.20 -6.50 4.36
N CYS A 61 5.23 -5.81 4.86
CA CYS A 61 5.04 -4.66 5.72
C CYS A 61 4.29 -3.56 4.96
N ARG A 62 4.57 -3.36 3.66
CA ARG A 62 3.83 -2.40 2.86
C ARG A 62 2.33 -2.75 2.87
N TYR A 63 2.00 -3.99 2.53
CA TYR A 63 0.62 -4.47 2.50
C TYR A 63 -0.04 -4.29 3.87
N GLN A 64 0.61 -4.81 4.92
CA GLN A 64 0.12 -4.69 6.28
C GLN A 64 -0.12 -3.23 6.67
N LYS A 65 0.82 -2.33 6.40
CA LYS A 65 0.64 -0.94 6.79
C LYS A 65 -0.51 -0.34 5.99
N ALA A 66 -0.59 -0.62 4.67
CA ALA A 66 -1.68 -0.15 3.82
C ALA A 66 -3.02 -0.53 4.45
N LEU A 67 -3.16 -1.80 4.83
CA LEU A 67 -4.36 -2.29 5.49
C LEU A 67 -4.59 -1.55 6.81
N ALA A 68 -3.57 -1.50 7.67
CA ALA A 68 -3.62 -0.85 8.97
C ALA A 68 -4.10 0.60 8.86
N MET A 69 -3.59 1.35 7.88
CA MET A 69 -3.97 2.74 7.64
C MET A 69 -5.38 2.86 7.06
N GLY A 70 -6.04 1.74 6.76
CA GLY A 70 -7.41 1.72 6.29
C GLY A 70 -7.54 1.88 4.79
N MET A 71 -6.56 1.42 3.99
CA MET A 71 -6.76 1.47 2.54
C MET A 71 -7.97 0.59 2.22
N LYS A 72 -8.96 1.15 1.52
CA LYS A 72 -10.18 0.47 1.20
C LYS A 72 -9.95 -0.68 0.23
N ARG A 73 -9.53 -1.83 0.78
CA ARG A 73 -9.28 -3.07 0.06
C ARG A 73 -10.35 -3.35 -0.99
N GLU A 74 -11.62 -3.12 -0.64
CA GLU A 74 -12.74 -3.38 -1.53
C GLU A 74 -12.65 -2.57 -2.82
N ALA A 75 -12.09 -1.36 -2.79
CA ALA A 75 -11.95 -0.53 -3.97
C ALA A 75 -11.14 -1.23 -5.07
N VAL A 76 -10.25 -2.17 -4.73
CA VAL A 76 -9.50 -2.93 -5.72
C VAL A 76 -10.43 -3.71 -6.64
N GLN A 77 -11.62 -4.07 -6.13
CA GLN A 77 -12.64 -4.77 -6.89
C GLN A 77 -13.15 -3.90 -8.05
N GLU A 78 -12.73 -2.63 -8.13
CA GLU A 78 -13.02 -1.77 -9.28
C GLU A 78 -12.57 -2.48 -10.55
N GLU A 79 -11.43 -3.18 -10.46
CA GLU A 79 -10.87 -3.97 -11.54
C GLU A 79 -11.39 -5.39 -11.43
N ARG A 80 -11.19 -6.02 -10.26
CA ARG A 80 -11.68 -7.37 -10.00
C ARG A 80 -13.17 -7.35 -9.70
N GLN A 81 -13.99 -7.04 -10.72
CA GLN A 81 -15.43 -7.04 -10.58
C GLN A 81 -15.90 -8.41 -10.09
N ARG A 82 -15.31 -9.49 -10.62
CA ARG A 82 -15.57 -10.85 -10.16
C ARG A 82 -14.85 -11.08 -8.83
N GLY A 83 -15.31 -10.39 -7.78
CA GLY A 83 -14.73 -10.48 -6.44
C GLY A 83 -13.30 -9.94 -6.44
ZN ZN B . 4.00 4.78 -2.24
ZN ZN C . 9.35 -5.62 7.14
N PHE A 1 -1.73 8.60 3.71
CA PHE A 1 -2.07 9.06 5.05
C PHE A 1 -3.26 10.02 4.97
N THR A 2 -3.46 10.80 6.02
CA THR A 2 -4.46 11.86 6.08
C THR A 2 -3.89 13.02 5.28
N LYS A 3 -2.70 13.47 5.71
CA LYS A 3 -1.91 14.48 5.05
C LYS A 3 -1.45 13.91 3.70
N HIS A 4 -1.04 14.77 2.76
CA HIS A 4 -0.64 14.35 1.43
C HIS A 4 0.75 13.71 1.38
N ILE A 5 0.91 12.62 2.12
CA ILE A 5 2.06 11.73 2.14
C ILE A 5 1.47 10.32 2.08
N CYS A 6 2.24 9.36 1.57
CA CYS A 6 1.79 7.99 1.45
C CYS A 6 1.74 7.33 2.82
N ALA A 7 0.59 6.79 3.23
CA ALA A 7 0.45 6.12 4.51
C ALA A 7 1.55 5.08 4.71
N ILE A 8 1.76 4.25 3.69
CA ILE A 8 2.67 3.12 3.71
C ILE A 8 4.14 3.51 3.86
N CYS A 9 4.66 4.41 3.00
CA CYS A 9 6.08 4.75 2.95
C CYS A 9 6.44 6.20 3.30
N GLY A 10 5.46 7.08 3.47
CA GLY A 10 5.71 8.47 3.84
C GLY A 10 6.28 9.32 2.70
N ASP A 11 6.32 8.81 1.47
CA ASP A 11 6.77 9.59 0.32
C ASP A 11 5.65 10.53 -0.07
N ARG A 12 5.94 11.63 -0.78
CA ARG A 12 4.90 12.53 -1.23
C ARG A 12 3.99 11.73 -2.16
N SER A 13 2.72 11.59 -1.79
CA SER A 13 1.76 10.77 -2.51
C SER A 13 1.43 11.36 -3.88
N SER A 14 0.79 10.54 -4.73
CA SER A 14 0.31 10.93 -6.04
C SER A 14 -1.05 11.60 -5.85
N GLY A 15 -1.91 11.01 -5.01
CA GLY A 15 -3.22 11.56 -4.72
C GLY A 15 -3.96 10.67 -3.72
N LYS A 16 -5.24 10.98 -3.49
CA LYS A 16 -6.11 10.20 -2.62
C LYS A 16 -6.51 8.95 -3.42
N HIS A 17 -6.12 7.77 -2.95
CA HIS A 17 -6.35 6.49 -3.60
C HIS A 17 -6.85 5.51 -2.55
N TYR A 18 -7.91 4.75 -2.87
CA TYR A 18 -8.48 3.76 -1.96
C TYR A 18 -8.76 4.38 -0.59
N GLY A 19 -9.24 5.62 -0.58
CA GLY A 19 -9.63 6.36 0.61
C GLY A 19 -8.49 6.93 1.43
N VAL A 20 -7.22 6.79 1.02
CA VAL A 20 -6.07 7.28 1.77
C VAL A 20 -5.09 7.95 0.81
N TYR A 21 -4.27 8.91 1.25
CA TYR A 21 -3.32 9.54 0.33
C TYR A 21 -2.20 8.54 0.06
N SER A 22 -1.91 8.25 -1.23
CA SER A 22 -0.91 7.25 -1.59
C SER A 22 -0.21 7.59 -2.90
N CYS A 23 0.88 6.88 -3.18
CA CYS A 23 1.70 7.04 -4.38
C CYS A 23 1.40 5.90 -5.35
N GLU A 24 1.40 6.21 -6.66
CA GLU A 24 1.11 5.29 -7.75
C GLU A 24 1.74 3.90 -7.55
N GLY A 25 3.01 3.85 -7.17
CA GLY A 25 3.70 2.58 -6.93
C GLY A 25 2.99 1.76 -5.86
N CYS A 26 2.70 2.38 -4.71
CA CYS A 26 1.99 1.74 -3.62
C CYS A 26 0.57 1.37 -4.04
N LYS A 27 -0.10 2.24 -4.79
CA LYS A 27 -1.44 1.99 -5.29
C LYS A 27 -1.43 0.70 -6.13
N GLY A 28 -0.57 0.64 -7.15
CA GLY A 28 -0.43 -0.52 -8.02
C GLY A 28 -0.07 -1.77 -7.22
N PHE A 29 0.96 -1.66 -6.37
CA PHE A 29 1.42 -2.73 -5.49
C PHE A 29 0.23 -3.30 -4.71
N PHE A 30 -0.52 -2.42 -4.05
CA PHE A 30 -1.68 -2.79 -3.26
C PHE A 30 -2.70 -3.48 -4.16
N LYS A 31 -3.04 -2.88 -5.30
CA LYS A 31 -3.98 -3.45 -6.25
C LYS A 31 -3.62 -4.90 -6.57
N ARG A 32 -2.42 -5.12 -7.12
CA ARG A 32 -1.94 -6.45 -7.47
C ARG A 32 -1.99 -7.38 -6.25
N THR A 33 -1.38 -6.94 -5.16
CA THR A 33 -1.33 -7.70 -3.92
C THR A 33 -2.72 -8.12 -3.46
N VAL A 34 -3.70 -7.23 -3.49
CA VAL A 34 -5.06 -7.50 -3.06
C VAL A 34 -5.71 -8.56 -3.94
N ARG A 35 -5.67 -8.32 -5.26
CA ARG A 35 -6.28 -9.24 -6.22
C ARG A 35 -5.70 -10.66 -6.08
N LYS A 36 -4.38 -10.75 -6.01
CA LYS A 36 -3.68 -12.02 -5.92
C LYS A 36 -3.72 -12.62 -4.50
N ASP A 37 -3.69 -11.75 -3.49
CA ASP A 37 -3.65 -12.05 -2.06
C ASP A 37 -2.43 -12.89 -1.67
N LEU A 38 -1.23 -12.40 -2.00
CA LEU A 38 0.02 -13.07 -1.68
C LEU A 38 0.18 -13.21 -0.17
N THR A 39 0.42 -14.43 0.30
CA THR A 39 0.69 -14.71 1.70
C THR A 39 2.14 -14.33 1.96
N TYR A 40 2.44 -13.03 2.02
CA TYR A 40 3.78 -12.54 2.25
C TYR A 40 4.13 -12.70 3.74
N THR A 41 5.39 -12.52 4.10
CA THR A 41 5.87 -12.59 5.48
C THR A 41 7.15 -11.74 5.57
N CYS A 42 7.53 -11.36 6.79
CA CYS A 42 8.74 -10.62 7.13
C CYS A 42 9.08 -11.03 8.56
N ARG A 43 10.35 -10.87 8.96
CA ARG A 43 10.77 -11.21 10.32
C ARG A 43 10.05 -10.28 11.31
N ASP A 44 10.09 -8.98 11.01
CA ASP A 44 9.46 -7.95 11.82
C ASP A 44 7.97 -7.91 11.52
N ASN A 45 7.20 -7.29 12.42
CA ASN A 45 5.77 -7.11 12.23
C ASN A 45 5.56 -5.94 11.27
N LYS A 46 4.30 -5.61 10.98
CA LYS A 46 3.93 -4.55 10.05
C LYS A 46 4.69 -3.23 10.28
N ASP A 47 4.98 -2.91 11.54
CA ASP A 47 5.69 -1.69 11.94
C ASP A 47 7.19 -1.86 11.69
N CYS A 48 7.54 -2.11 10.43
CA CYS A 48 8.89 -2.33 9.94
C CYS A 48 9.45 -1.02 9.38
N LEU A 49 10.76 -0.98 9.09
CA LEU A 49 11.44 0.22 8.59
C LEU A 49 11.12 0.49 7.11
N ILE A 50 9.85 0.75 6.81
CA ILE A 50 9.36 1.07 5.47
C ILE A 50 9.71 2.53 5.16
N ASP A 51 11.00 2.82 5.06
CA ASP A 51 11.48 4.17 4.78
C ASP A 51 11.31 4.47 3.29
N LYS A 52 11.72 5.67 2.88
CA LYS A 52 11.69 6.06 1.48
C LYS A 52 12.68 5.14 0.76
N ARG A 53 13.92 5.16 1.25
CA ARG A 53 15.00 4.30 0.77
C ARG A 53 14.87 2.93 1.43
N GLN A 54 13.76 2.24 1.15
CA GLN A 54 13.51 0.90 1.65
C GLN A 54 14.41 -0.08 0.90
N ARG A 55 15.37 -0.68 1.60
CA ARG A 55 16.39 -1.57 1.05
C ARG A 55 15.76 -2.74 0.29
N ASN A 56 14.91 -3.51 0.98
CA ASN A 56 14.30 -4.70 0.43
C ASN A 56 12.83 -4.46 0.08
N ARG A 57 12.30 -5.28 -0.82
CA ARG A 57 10.91 -5.26 -1.22
C ARG A 57 10.09 -5.89 -0.09
N CYS A 58 9.89 -5.14 0.98
CA CYS A 58 9.19 -5.58 2.18
C CYS A 58 7.66 -5.61 1.98
N GLN A 59 7.24 -6.41 0.99
CA GLN A 59 5.86 -6.58 0.55
C GLN A 59 4.87 -6.77 1.71
N TYR A 60 5.14 -7.72 2.62
CA TYR A 60 4.27 -8.03 3.75
C TYR A 60 3.92 -6.78 4.54
N CYS A 61 4.93 -6.18 5.14
CA CYS A 61 4.74 -5.00 5.96
C CYS A 61 4.04 -3.91 5.16
N ARG A 62 4.41 -3.70 3.89
CA ARG A 62 3.72 -2.71 3.07
C ARG A 62 2.21 -3.02 2.99
N TYR A 63 1.86 -4.27 2.68
CA TYR A 63 0.46 -4.70 2.57
C TYR A 63 -0.26 -4.47 3.90
N GLN A 64 0.32 -4.97 5.00
CA GLN A 64 -0.22 -4.80 6.33
C GLN A 64 -0.41 -3.33 6.67
N LYS A 65 0.58 -2.49 6.39
CA LYS A 65 0.53 -1.05 6.64
C LYS A 65 -0.65 -0.46 5.87
N ALA A 66 -0.74 -0.77 4.58
CA ALA A 66 -1.82 -0.31 3.73
C ALA A 66 -3.18 -0.63 4.35
N LEU A 67 -3.39 -1.92 4.68
CA LEU A 67 -4.63 -2.36 5.29
C LEU A 67 -4.89 -1.62 6.60
N ALA A 68 -3.92 -1.68 7.51
CA ALA A 68 -3.99 -1.05 8.83
C ALA A 68 -4.38 0.42 8.75
N MET A 69 -3.78 1.18 7.83
CA MET A 69 -4.07 2.60 7.68
C MET A 69 -5.35 2.89 6.89
N GLY A 70 -6.08 1.85 6.46
CA GLY A 70 -7.40 2.00 5.88
C GLY A 70 -7.48 2.00 4.36
N MET A 71 -6.50 1.44 3.64
CA MET A 71 -6.65 1.32 2.20
C MET A 71 -7.88 0.45 1.92
N LYS A 72 -8.91 1.03 1.31
CA LYS A 72 -10.17 0.37 1.03
C LYS A 72 -9.99 -0.74 0.01
N ARG A 73 -9.60 -1.92 0.49
CA ARG A 73 -9.40 -3.15 -0.27
C ARG A 73 -10.48 -3.32 -1.35
N GLU A 74 -11.74 -3.04 -0.99
CA GLU A 74 -12.88 -3.13 -1.87
C GLU A 74 -12.63 -2.40 -3.21
N ALA A 75 -12.11 -1.17 -3.12
CA ALA A 75 -11.86 -0.32 -4.28
C ALA A 75 -10.92 -0.95 -5.31
N VAL A 76 -10.09 -1.92 -4.92
CA VAL A 76 -9.24 -2.60 -5.87
C VAL A 76 -10.07 -3.30 -6.95
N GLN A 77 -11.31 -3.69 -6.61
CA GLN A 77 -12.21 -4.32 -7.56
C GLN A 77 -12.80 -3.31 -8.55
N GLU A 78 -12.35 -2.05 -8.55
CA GLU A 78 -12.80 -0.99 -9.47
C GLU A 78 -12.98 -1.50 -10.90
N GLU A 79 -11.99 -2.23 -11.40
CA GLU A 79 -12.01 -2.81 -12.73
C GLU A 79 -12.88 -4.05 -12.72
N ARG A 80 -12.51 -5.01 -11.86
CA ARG A 80 -13.17 -6.29 -11.71
C ARG A 80 -14.40 -6.17 -10.81
N GLN A 81 -15.39 -5.38 -11.24
CA GLN A 81 -16.64 -5.23 -10.49
C GLN A 81 -17.30 -6.61 -10.36
N ARG A 82 -17.33 -7.35 -11.47
CA ARG A 82 -17.85 -8.71 -11.52
C ARG A 82 -16.84 -9.67 -10.88
N GLY A 83 -16.53 -9.47 -9.60
CA GLY A 83 -15.58 -10.29 -8.86
C GLY A 83 -14.27 -10.45 -9.63
ZN ZN B . 3.88 4.74 -1.04
ZN ZN C . 9.12 -5.85 7.19
N PHE A 1 -2.17 14.42 6.06
CA PHE A 1 -1.46 15.55 6.61
C PHE A 1 -1.35 16.63 5.53
N THR A 2 -0.95 17.84 5.92
CA THR A 2 -0.77 18.99 5.02
C THR A 2 0.03 18.53 3.79
N LYS A 3 1.31 18.25 4.01
CA LYS A 3 2.15 17.65 3.00
C LYS A 3 1.65 16.20 2.93
N HIS A 4 0.93 15.85 1.86
CA HIS A 4 0.33 14.54 1.70
C HIS A 4 1.40 13.45 1.53
N ILE A 5 2.06 13.06 2.62
CA ILE A 5 3.00 11.97 2.59
C ILE A 5 2.21 10.66 2.50
N CYS A 6 2.81 9.68 1.83
CA CYS A 6 2.23 8.38 1.59
C CYS A 6 2.08 7.66 2.92
N ALA A 7 0.85 7.32 3.31
CA ALA A 7 0.61 6.64 4.58
C ALA A 7 1.52 5.41 4.77
N ILE A 8 1.75 4.67 3.68
CA ILE A 8 2.50 3.43 3.71
C ILE A 8 4.03 3.62 3.78
N CYS A 9 4.62 4.64 3.13
CA CYS A 9 6.08 4.78 3.09
C CYS A 9 6.64 6.20 3.18
N GLY A 10 5.81 7.19 3.53
CA GLY A 10 6.27 8.56 3.73
C GLY A 10 6.68 9.33 2.47
N ASP A 11 6.66 8.71 1.28
CA ASP A 11 7.01 9.39 0.03
C ASP A 11 5.93 10.43 -0.29
N ARG A 12 6.26 11.49 -1.03
CA ARG A 12 5.23 12.45 -1.41
C ARG A 12 4.18 11.72 -2.25
N SER A 13 2.91 11.74 -1.83
CA SER A 13 1.85 10.99 -2.50
C SER A 13 1.64 11.44 -3.94
N SER A 14 1.28 10.48 -4.78
CA SER A 14 0.89 10.73 -6.16
C SER A 14 -0.53 11.27 -6.14
N GLY A 15 -1.35 10.80 -5.20
CA GLY A 15 -2.71 11.28 -5.03
C GLY A 15 -3.40 10.49 -3.92
N LYS A 16 -4.71 10.69 -3.79
CA LYS A 16 -5.52 9.93 -2.86
C LYS A 16 -5.81 8.60 -3.56
N HIS A 17 -5.50 7.48 -2.91
CA HIS A 17 -5.64 6.16 -3.48
C HIS A 17 -6.37 5.28 -2.46
N TYR A 18 -7.43 4.61 -2.90
CA TYR A 18 -8.23 3.70 -2.09
C TYR A 18 -8.57 4.30 -0.71
N GLY A 19 -8.85 5.61 -0.68
CA GLY A 19 -9.26 6.32 0.52
C GLY A 19 -8.13 7.05 1.27
N VAL A 20 -6.84 6.82 0.98
CA VAL A 20 -5.75 7.46 1.72
C VAL A 20 -4.67 7.99 0.79
N TYR A 21 -3.95 9.05 1.19
CA TYR A 21 -2.88 9.63 0.39
C TYR A 21 -1.77 8.59 0.21
N SER A 22 -1.38 8.31 -1.03
CA SER A 22 -0.35 7.33 -1.32
C SER A 22 0.32 7.61 -2.67
N CYS A 23 1.32 6.80 -2.99
CA CYS A 23 2.11 6.90 -4.21
C CYS A 23 1.78 5.74 -5.16
N GLU A 24 1.88 5.96 -6.46
CA GLU A 24 1.56 4.95 -7.48
C GLU A 24 2.18 3.58 -7.17
N GLY A 25 3.43 3.54 -6.74
CA GLY A 25 4.11 2.29 -6.40
C GLY A 25 3.32 1.51 -5.35
N CYS A 26 2.90 2.20 -4.29
CA CYS A 26 2.10 1.63 -3.22
C CYS A 26 0.71 1.26 -3.76
N LYS A 27 0.11 2.11 -4.59
CA LYS A 27 -1.18 1.81 -5.21
C LYS A 27 -1.11 0.47 -5.93
N GLY A 28 -0.20 0.37 -6.91
CA GLY A 28 0.02 -0.82 -7.71
C GLY A 28 0.32 -2.02 -6.81
N PHE A 29 1.22 -1.85 -5.86
CA PHE A 29 1.58 -2.90 -4.90
C PHE A 29 0.33 -3.42 -4.19
N PHE A 30 -0.46 -2.52 -3.61
CA PHE A 30 -1.68 -2.90 -2.91
C PHE A 30 -2.62 -3.62 -3.88
N LYS A 31 -2.83 -3.05 -5.08
CA LYS A 31 -3.69 -3.64 -6.09
C LYS A 31 -3.28 -5.10 -6.35
N ARG A 32 -2.03 -5.32 -6.76
CA ARG A 32 -1.48 -6.64 -7.01
C ARG A 32 -1.70 -7.55 -5.79
N THR A 33 -1.24 -7.09 -4.64
CA THR A 33 -1.33 -7.84 -3.39
C THR A 33 -2.76 -8.26 -3.08
N VAL A 34 -3.74 -7.35 -3.18
CA VAL A 34 -5.12 -7.63 -2.90
C VAL A 34 -5.66 -8.69 -3.85
N ARG A 35 -5.46 -8.48 -5.15
CA ARG A 35 -5.93 -9.42 -6.17
C ARG A 35 -5.41 -10.84 -5.89
N LYS A 36 -4.12 -10.94 -5.59
CA LYS A 36 -3.47 -12.22 -5.32
C LYS A 36 -3.71 -12.72 -3.89
N ASP A 37 -4.00 -11.79 -2.97
CA ASP A 37 -4.12 -11.98 -1.53
C ASP A 37 -2.89 -12.69 -0.99
N LEU A 38 -1.71 -12.16 -1.35
CA LEU A 38 -0.44 -12.76 -0.99
C LEU A 38 -0.11 -12.61 0.49
N THR A 39 -0.08 -13.75 1.19
CA THR A 39 0.28 -13.83 2.59
C THR A 39 1.81 -13.78 2.66
N TYR A 40 2.38 -12.58 2.54
CA TYR A 40 3.82 -12.39 2.52
C TYR A 40 4.40 -12.50 3.93
N THR A 41 5.71 -12.29 4.04
CA THR A 41 6.45 -12.26 5.29
C THR A 41 7.64 -11.31 5.05
N CYS A 42 8.23 -10.79 6.13
CA CYS A 42 9.38 -9.89 6.10
C CYS A 42 10.32 -10.31 7.22
N ARG A 43 11.58 -9.88 7.12
CA ARG A 43 12.64 -10.14 8.07
C ARG A 43 12.24 -9.70 9.48
N ASP A 44 11.47 -8.61 9.58
CA ASP A 44 10.94 -8.04 10.81
C ASP A 44 9.41 -8.07 10.73
N ASN A 45 8.76 -7.95 11.89
CA ASN A 45 7.30 -7.98 11.99
C ASN A 45 6.71 -6.62 11.58
N LYS A 46 5.40 -6.44 11.78
CA LYS A 46 4.65 -5.23 11.44
C LYS A 46 5.29 -3.92 11.93
N ASP A 47 6.20 -3.99 12.92
CA ASP A 47 6.88 -2.81 13.46
C ASP A 47 7.97 -2.28 12.52
N CYS A 48 8.36 -3.07 11.51
CA CYS A 48 9.37 -2.73 10.53
C CYS A 48 9.16 -1.31 9.96
N LEU A 49 10.09 -0.39 10.20
CA LEU A 49 10.00 0.97 9.70
C LEU A 49 10.08 0.96 8.18
N ILE A 50 9.00 1.33 7.49
CA ILE A 50 8.98 1.41 6.02
C ILE A 50 9.65 2.72 5.59
N ASP A 51 10.96 2.66 5.34
CA ASP A 51 11.71 3.83 4.88
C ASP A 51 11.24 4.22 3.48
N LYS A 52 11.52 5.47 3.11
CA LYS A 52 11.18 6.07 1.82
C LYS A 52 11.41 5.13 0.63
N ARG A 53 12.55 4.44 0.60
CA ARG A 53 12.94 3.58 -0.51
C ARG A 53 12.45 2.13 -0.41
N GLN A 54 11.75 1.76 0.68
CA GLN A 54 11.27 0.39 0.81
C GLN A 54 10.04 0.17 -0.08
N ARG A 55 10.29 -0.34 -1.30
CA ARG A 55 9.27 -0.67 -2.27
C ARG A 55 8.73 -2.07 -2.00
N ASN A 56 8.07 -2.69 -2.98
CA ASN A 56 7.42 -4.00 -2.88
C ASN A 56 8.35 -5.21 -2.69
N ARG A 57 9.27 -5.12 -1.73
CA ARG A 57 10.15 -6.18 -1.24
C ARG A 57 9.79 -6.39 0.22
N CYS A 58 9.57 -5.29 0.98
CA CYS A 58 9.06 -5.32 2.35
C CYS A 58 7.53 -5.45 2.30
N GLN A 59 7.10 -6.43 1.51
CA GLN A 59 5.74 -6.72 1.12
C GLN A 59 4.78 -6.84 2.31
N TYR A 60 5.04 -7.78 3.23
CA TYR A 60 4.21 -8.01 4.40
C TYR A 60 3.89 -6.72 5.13
N CYS A 61 4.93 -6.03 5.59
CA CYS A 61 4.81 -4.79 6.33
C CYS A 61 4.01 -3.76 5.53
N ARG A 62 4.36 -3.55 4.26
CA ARG A 62 3.63 -2.60 3.42
C ARG A 62 2.14 -2.95 3.36
N TYR A 63 1.81 -4.22 3.14
CA TYR A 63 0.43 -4.70 3.09
C TYR A 63 -0.25 -4.42 4.44
N GLN A 64 0.40 -4.79 5.54
CA GLN A 64 -0.10 -4.55 6.89
C GLN A 64 -0.38 -3.06 7.10
N LYS A 65 0.54 -2.17 6.68
CA LYS A 65 0.33 -0.74 6.77
C LYS A 65 -0.94 -0.36 6.01
N ALA A 66 -1.01 -0.74 4.73
CA ALA A 66 -2.15 -0.44 3.87
C ALA A 66 -3.46 -0.86 4.54
N LEU A 67 -3.51 -2.09 5.04
CA LEU A 67 -4.68 -2.62 5.71
C LEU A 67 -4.99 -1.82 6.97
N ALA A 68 -3.99 -1.60 7.82
CA ALA A 68 -4.13 -0.87 9.07
C ALA A 68 -4.73 0.51 8.83
N MET A 69 -4.24 1.26 7.85
CA MET A 69 -4.79 2.57 7.54
C MET A 69 -6.14 2.51 6.82
N GLY A 70 -6.67 1.31 6.56
CA GLY A 70 -7.99 1.14 5.99
C GLY A 70 -8.03 1.38 4.49
N MET A 71 -6.99 0.97 3.76
CA MET A 71 -7.03 1.07 2.31
C MET A 71 -8.24 0.26 1.83
N LYS A 72 -9.15 0.90 1.08
CA LYS A 72 -10.38 0.30 0.64
C LYS A 72 -10.13 -0.80 -0.39
N ARG A 73 -9.84 -2.01 0.12
CA ARG A 73 -9.62 -3.23 -0.65
C ARG A 73 -10.60 -3.32 -1.83
N GLU A 74 -11.88 -3.04 -1.57
CA GLU A 74 -12.94 -3.09 -2.55
C GLU A 74 -12.60 -2.30 -3.81
N ALA A 75 -12.00 -1.12 -3.65
CA ALA A 75 -11.64 -0.25 -4.75
C ALA A 75 -10.67 -0.92 -5.74
N VAL A 76 -9.88 -1.91 -5.32
CA VAL A 76 -9.00 -2.63 -6.24
C VAL A 76 -9.80 -3.26 -7.37
N GLN A 77 -11.01 -3.74 -7.05
CA GLN A 77 -11.91 -4.32 -8.02
C GLN A 77 -12.56 -3.25 -8.90
N GLU A 78 -12.15 -1.97 -8.83
CA GLU A 78 -12.66 -0.93 -9.71
C GLU A 78 -11.89 -1.04 -11.02
N GLU A 79 -10.55 -1.02 -10.94
CA GLU A 79 -9.71 -1.17 -12.11
C GLU A 79 -9.75 -2.62 -12.58
N ARG A 80 -9.65 -3.55 -11.64
CA ARG A 80 -9.58 -4.98 -11.93
C ARG A 80 -10.85 -5.71 -11.52
N GLN A 81 -11.95 -5.28 -12.12
CA GLN A 81 -13.25 -5.92 -11.95
C GLN A 81 -13.09 -7.39 -12.32
N ARG A 82 -12.43 -7.61 -13.46
CA ARG A 82 -12.05 -8.92 -13.97
C ARG A 82 -10.97 -9.52 -13.05
N GLY A 83 -11.36 -9.91 -11.85
CA GLY A 83 -10.48 -10.45 -10.82
C GLY A 83 -9.44 -9.42 -10.43
ZN ZN B . 4.15 4.73 -0.85
ZN ZN C . 9.31 -5.11 6.83
N PHE A 1 5.65 17.44 -0.02
CA PHE A 1 4.34 18.05 0.15
C PHE A 1 3.63 17.38 1.34
N THR A 2 4.03 17.80 2.53
CA THR A 2 3.53 17.35 3.83
C THR A 2 2.02 17.14 3.82
N LYS A 3 1.30 18.11 3.25
CA LYS A 3 -0.15 18.11 3.15
C LYS A 3 -0.70 16.77 2.65
N HIS A 4 -0.04 16.11 1.68
CA HIS A 4 -0.46 14.81 1.18
C HIS A 4 0.74 13.86 1.07
N ILE A 5 1.32 13.49 2.21
CA ILE A 5 2.35 12.45 2.20
C ILE A 5 1.64 11.10 2.04
N CYS A 6 2.33 10.13 1.46
CA CYS A 6 1.79 8.80 1.23
C CYS A 6 1.63 8.13 2.58
N ALA A 7 0.41 7.72 2.93
CA ALA A 7 0.16 7.08 4.21
C ALA A 7 1.16 5.95 4.50
N ILE A 8 1.42 5.12 3.50
CA ILE A 8 2.26 3.93 3.61
C ILE A 8 3.76 4.23 3.80
N CYS A 9 4.38 5.04 2.93
CA CYS A 9 5.82 5.29 2.95
C CYS A 9 6.25 6.74 3.16
N GLY A 10 5.31 7.68 3.30
CA GLY A 10 5.60 9.08 3.56
C GLY A 10 6.15 9.85 2.37
N ASP A 11 6.25 9.24 1.17
CA ASP A 11 6.71 9.93 -0.02
C ASP A 11 5.62 10.91 -0.47
N ARG A 12 5.92 11.83 -1.39
CA ARG A 12 4.89 12.72 -1.91
C ARG A 12 3.82 11.89 -2.63
N SER A 13 2.54 12.02 -2.23
CA SER A 13 1.49 11.25 -2.87
C SER A 13 1.29 11.67 -4.32
N SER A 14 0.87 10.72 -5.14
CA SER A 14 0.46 10.95 -6.52
C SER A 14 -0.98 11.48 -6.47
N GLY A 15 -1.79 10.96 -5.54
CA GLY A 15 -3.16 11.42 -5.36
C GLY A 15 -3.83 10.62 -4.26
N LYS A 16 -5.15 10.80 -4.13
CA LYS A 16 -5.97 10.06 -3.19
C LYS A 16 -6.28 8.72 -3.85
N HIS A 17 -5.92 7.62 -3.21
CA HIS A 17 -6.05 6.27 -3.74
C HIS A 17 -6.70 5.40 -2.67
N TYR A 18 -7.73 4.63 -3.05
CA TYR A 18 -8.45 3.76 -2.15
C TYR A 18 -8.90 4.50 -0.87
N GLY A 19 -9.21 5.80 -1.01
CA GLY A 19 -9.68 6.65 0.07
C GLY A 19 -8.59 7.40 0.84
N VAL A 20 -7.29 7.15 0.59
CA VAL A 20 -6.22 7.79 1.35
C VAL A 20 -5.08 8.25 0.42
N TYR A 21 -4.37 9.32 0.79
CA TYR A 21 -3.27 9.87 0.00
C TYR A 21 -2.13 8.85 -0.14
N SER A 22 -1.73 8.55 -1.38
CA SER A 22 -0.68 7.59 -1.66
C SER A 22 -0.01 7.87 -3.01
N CYS A 23 1.05 7.11 -3.30
CA CYS A 23 1.86 7.23 -4.51
C CYS A 23 1.62 6.05 -5.45
N GLU A 24 1.74 6.28 -6.76
CA GLU A 24 1.52 5.27 -7.80
C GLU A 24 2.12 3.89 -7.49
N GLY A 25 3.36 3.85 -7.00
CA GLY A 25 4.03 2.59 -6.67
C GLY A 25 3.23 1.82 -5.62
N CYS A 26 2.83 2.51 -4.55
CA CYS A 26 2.02 1.93 -3.49
C CYS A 26 0.65 1.55 -4.04
N LYS A 27 0.06 2.40 -4.89
CA LYS A 27 -1.23 2.15 -5.51
C LYS A 27 -1.20 0.79 -6.23
N GLY A 28 -0.29 0.66 -7.20
CA GLY A 28 -0.12 -0.53 -8.00
C GLY A 28 0.22 -1.73 -7.13
N PHE A 29 1.18 -1.56 -6.21
CA PHE A 29 1.59 -2.60 -5.28
C PHE A 29 0.37 -3.15 -4.54
N PHE A 30 -0.41 -2.26 -3.92
CA PHE A 30 -1.60 -2.65 -3.17
C PHE A 30 -2.58 -3.38 -4.10
N LYS A 31 -2.83 -2.82 -5.29
CA LYS A 31 -3.72 -3.45 -6.25
C LYS A 31 -3.30 -4.90 -6.50
N ARG A 32 -2.06 -5.09 -6.97
CA ARG A 32 -1.51 -6.41 -7.26
C ARG A 32 -1.60 -7.32 -6.04
N THR A 33 -1.16 -6.82 -4.88
CA THR A 33 -1.20 -7.54 -3.62
C THR A 33 -2.60 -8.08 -3.36
N VAL A 34 -3.59 -7.19 -3.32
CA VAL A 34 -4.97 -7.50 -3.03
C VAL A 34 -5.58 -8.47 -4.05
N ARG A 35 -5.41 -8.19 -5.34
CA ARG A 35 -6.01 -9.00 -6.42
C ARG A 35 -5.89 -10.50 -6.15
N LYS A 36 -4.68 -10.95 -5.82
CA LYS A 36 -4.43 -12.35 -5.50
C LYS A 36 -4.49 -12.60 -3.99
N ASP A 37 -4.22 -11.56 -3.19
CA ASP A 37 -4.11 -11.55 -1.74
C ASP A 37 -2.79 -12.18 -1.32
N LEU A 38 -1.68 -11.60 -1.79
CA LEU A 38 -0.33 -12.07 -1.52
C LEU A 38 -0.06 -12.26 -0.02
N THR A 39 0.11 -13.51 0.40
CA THR A 39 0.44 -13.87 1.76
C THR A 39 1.92 -13.61 1.99
N TYR A 40 2.30 -12.33 2.10
CA TYR A 40 3.68 -11.94 2.28
C TYR A 40 4.14 -12.17 3.72
N THR A 41 5.43 -11.94 3.97
CA THR A 41 6.07 -11.99 5.28
C THR A 41 7.33 -11.12 5.14
N CYS A 42 7.45 -10.05 5.92
CA CYS A 42 8.60 -9.18 5.81
C CYS A 42 9.80 -9.84 6.49
N ARG A 43 10.94 -9.86 5.81
CA ARG A 43 12.15 -10.45 6.32
C ARG A 43 12.82 -9.46 7.29
N ASP A 44 12.11 -9.14 8.37
CA ASP A 44 12.54 -8.28 9.48
C ASP A 44 11.77 -8.72 10.72
N ASN A 45 10.68 -8.04 11.08
CA ASN A 45 9.80 -8.34 12.20
C ASN A 45 8.39 -8.01 11.73
N LYS A 46 7.39 -8.65 12.33
CA LYS A 46 5.97 -8.48 12.01
C LYS A 46 5.56 -7.00 11.95
N ASP A 47 6.15 -6.17 12.81
CA ASP A 47 5.84 -4.75 12.95
C ASP A 47 6.91 -3.85 12.34
N CYS A 48 7.74 -4.37 11.43
CA CYS A 48 8.78 -3.58 10.80
C CYS A 48 8.20 -2.33 10.12
N LEU A 49 8.88 -1.19 10.30
CA LEU A 49 8.44 0.10 9.76
C LEU A 49 8.81 0.22 8.28
N ILE A 50 8.17 1.17 7.58
CA ILE A 50 8.40 1.41 6.17
C ILE A 50 9.36 2.58 5.97
N ASP A 51 10.61 2.28 5.62
CA ASP A 51 11.55 3.32 5.23
C ASP A 51 11.10 3.84 3.87
N LYS A 52 11.53 5.03 3.46
CA LYS A 52 11.20 5.57 2.13
C LYS A 52 11.57 4.55 1.06
N ARG A 53 12.81 4.07 1.13
CA ARG A 53 13.36 3.09 0.21
C ARG A 53 13.62 1.82 1.02
N GLN A 54 12.54 1.10 1.31
CA GLN A 54 12.52 -0.14 2.07
C GLN A 54 13.11 -1.28 1.24
N ARG A 55 14.43 -1.22 0.97
CA ARG A 55 15.17 -2.18 0.18
C ARG A 55 15.32 -3.55 0.87
N ASN A 56 14.20 -4.26 1.01
CA ASN A 56 14.08 -5.60 1.55
C ASN A 56 12.73 -6.09 1.04
N ARG A 57 12.37 -7.36 1.25
CA ARG A 57 11.07 -7.91 0.86
C ARG A 57 9.97 -7.44 1.82
N CYS A 58 9.95 -6.14 2.15
CA CYS A 58 9.06 -5.47 3.09
C CYS A 58 7.67 -5.21 2.51
N GLN A 59 7.14 -6.24 1.85
CA GLN A 59 5.84 -6.23 1.19
C GLN A 59 4.73 -6.29 2.25
N TYR A 60 4.86 -7.27 3.16
CA TYR A 60 3.92 -7.50 4.23
C TYR A 60 3.66 -6.22 5.01
N CYS A 61 4.72 -5.52 5.39
CA CYS A 61 4.60 -4.27 6.12
C CYS A 61 3.82 -3.25 5.29
N ARG A 62 4.16 -3.09 4.00
CA ARG A 62 3.45 -2.14 3.14
C ARG A 62 1.95 -2.48 3.14
N TYR A 63 1.61 -3.76 2.95
CA TYR A 63 0.24 -4.21 2.95
C TYR A 63 -0.43 -3.91 4.29
N GLN A 64 0.19 -4.31 5.41
CA GLN A 64 -0.32 -4.04 6.74
C GLN A 64 -0.57 -2.54 6.93
N LYS A 65 0.41 -1.69 6.59
CA LYS A 65 0.29 -0.24 6.71
C LYS A 65 -0.94 0.21 5.92
N ALA A 66 -1.02 -0.19 4.65
CA ALA A 66 -2.15 0.15 3.78
C ALA A 66 -3.48 -0.20 4.45
N LEU A 67 -3.62 -1.45 4.90
CA LEU A 67 -4.85 -1.90 5.54
C LEU A 67 -5.14 -1.08 6.80
N ALA A 68 -4.16 -1.02 7.72
CA ALA A 68 -4.25 -0.32 8.99
C ALA A 68 -4.70 1.13 8.81
N MET A 69 -4.14 1.83 7.83
CA MET A 69 -4.49 3.22 7.57
C MET A 69 -5.79 3.38 6.78
N GLY A 70 -6.52 2.28 6.52
CA GLY A 70 -7.84 2.32 5.94
C GLY A 70 -7.88 2.33 4.41
N MET A 71 -6.89 1.73 3.75
CA MET A 71 -6.97 1.62 2.29
C MET A 71 -8.14 0.72 1.96
N LYS A 72 -9.14 1.25 1.24
CA LYS A 72 -10.35 0.52 0.89
C LYS A 72 -10.05 -0.59 -0.11
N ARG A 73 -9.53 -1.71 0.40
CA ARG A 73 -9.22 -2.93 -0.31
C ARG A 73 -10.29 -3.25 -1.37
N GLU A 74 -11.56 -3.06 -1.01
CA GLU A 74 -12.70 -3.29 -1.87
C GLU A 74 -12.52 -2.62 -3.25
N ALA A 75 -12.08 -1.36 -3.24
CA ALA A 75 -11.90 -0.55 -4.43
C ALA A 75 -10.94 -1.17 -5.43
N VAL A 76 -10.01 -2.03 -5.01
CA VAL A 76 -9.11 -2.70 -5.94
C VAL A 76 -9.92 -3.47 -6.98
N GLN A 77 -11.07 -3.99 -6.60
CA GLN A 77 -11.91 -4.76 -7.49
C GLN A 77 -12.67 -3.88 -8.51
N GLU A 78 -12.38 -2.57 -8.58
CA GLU A 78 -13.06 -1.67 -9.51
C GLU A 78 -13.01 -2.25 -10.93
N GLU A 79 -11.83 -2.71 -11.36
CA GLU A 79 -11.68 -3.30 -12.68
C GLU A 79 -12.47 -4.60 -12.79
N ARG A 80 -12.27 -5.49 -11.81
CA ARG A 80 -12.89 -6.81 -11.72
C ARG A 80 -14.41 -6.78 -11.84
N GLN A 81 -15.06 -5.64 -11.56
CA GLN A 81 -16.50 -5.48 -11.78
C GLN A 81 -16.90 -6.01 -13.16
N ARG A 82 -16.03 -5.79 -14.16
CA ARG A 82 -16.22 -6.30 -15.51
C ARG A 82 -15.87 -7.79 -15.51
N GLY A 83 -16.66 -8.59 -14.79
CA GLY A 83 -16.42 -10.02 -14.65
C GLY A 83 -15.07 -10.25 -13.98
ZN ZN B . 3.92 5.20 -1.07
ZN ZN C . 9.08 -4.61 6.91
N PHE A 1 0.06 17.29 6.29
CA PHE A 1 0.85 18.39 5.76
C PHE A 1 0.29 18.76 4.38
N THR A 2 0.71 19.91 3.84
CA THR A 2 0.28 20.40 2.52
C THR A 2 0.73 19.40 1.46
N LYS A 3 2.05 19.21 1.39
CA LYS A 3 2.67 18.27 0.47
C LYS A 3 2.44 16.85 1.03
N HIS A 4 1.19 16.39 0.92
CA HIS A 4 0.70 15.11 1.42
C HIS A 4 1.71 13.98 1.21
N ILE A 5 2.29 13.46 2.29
CA ILE A 5 3.18 12.33 2.20
C ILE A 5 2.36 11.04 2.01
N CYS A 6 3.01 10.00 1.52
CA CYS A 6 2.41 8.70 1.31
C CYS A 6 2.34 7.99 2.64
N ALA A 7 1.13 7.68 3.11
CA ALA A 7 0.89 7.00 4.37
C ALA A 7 1.82 5.82 4.62
N ILE A 8 2.07 5.01 3.59
CA ILE A 8 2.85 3.79 3.69
C ILE A 8 4.37 4.02 3.73
N CYS A 9 4.95 4.69 2.73
CA CYS A 9 6.40 4.83 2.59
C CYS A 9 6.97 6.25 2.79
N GLY A 10 6.12 7.26 2.99
CA GLY A 10 6.58 8.62 3.25
C GLY A 10 7.08 9.38 2.02
N ASP A 11 6.90 8.85 0.81
CA ASP A 11 7.23 9.56 -0.44
C ASP A 11 6.16 10.63 -0.65
N ARG A 12 6.36 11.58 -1.57
CA ARG A 12 5.29 12.53 -1.88
C ARG A 12 4.13 11.72 -2.47
N SER A 13 2.91 11.84 -1.93
CA SER A 13 1.79 11.09 -2.46
C SER A 13 1.46 11.57 -3.88
N SER A 14 0.79 10.70 -4.64
CA SER A 14 0.29 11.01 -5.97
C SER A 14 -1.16 11.47 -5.81
N GLY A 15 -1.92 10.85 -4.89
CA GLY A 15 -3.29 11.24 -4.63
C GLY A 15 -3.87 10.45 -3.46
N LYS A 16 -5.13 10.76 -3.12
CA LYS A 16 -5.89 10.09 -2.06
C LYS A 16 -6.37 8.74 -2.62
N HIS A 17 -5.41 7.86 -2.91
CA HIS A 17 -5.66 6.58 -3.52
C HIS A 17 -6.28 5.62 -2.52
N TYR A 18 -7.36 4.95 -2.95
CA TYR A 18 -8.11 4.02 -2.14
C TYR A 18 -8.43 4.61 -0.75
N GLY A 19 -8.70 5.92 -0.72
CA GLY A 19 -9.10 6.66 0.47
C GLY A 19 -7.95 7.28 1.28
N VAL A 20 -6.67 7.02 0.95
CA VAL A 20 -5.56 7.56 1.74
C VAL A 20 -4.49 8.15 0.83
N TYR A 21 -3.82 9.23 1.29
CA TYR A 21 -2.74 9.86 0.56
C TYR A 21 -1.64 8.84 0.31
N SER A 22 -1.39 8.49 -0.95
CA SER A 22 -0.37 7.53 -1.34
C SER A 22 0.09 7.77 -2.77
N CYS A 23 1.22 7.15 -3.12
CA CYS A 23 1.85 7.27 -4.41
C CYS A 23 1.38 6.17 -5.36
N GLU A 24 1.37 6.45 -6.67
CA GLU A 24 0.94 5.49 -7.69
C GLU A 24 1.59 4.11 -7.46
N GLY A 25 2.88 4.10 -7.15
CA GLY A 25 3.61 2.86 -6.87
C GLY A 25 2.91 2.05 -5.78
N CYS A 26 2.54 2.72 -4.67
CA CYS A 26 1.83 2.09 -3.58
C CYS A 26 0.44 1.65 -4.01
N LYS A 27 -0.26 2.47 -4.80
CA LYS A 27 -1.58 2.11 -5.31
C LYS A 27 -1.47 0.79 -6.08
N GLY A 28 -0.62 0.77 -7.12
CA GLY A 28 -0.38 -0.39 -7.96
C GLY A 28 0.04 -1.59 -7.11
N PHE A 29 0.99 -1.38 -6.20
CA PHE A 29 1.46 -2.41 -5.28
C PHE A 29 0.28 -3.02 -4.54
N PHE A 30 -0.50 -2.19 -3.84
CA PHE A 30 -1.66 -2.62 -3.07
C PHE A 30 -2.62 -3.39 -3.97
N LYS A 31 -2.93 -2.82 -5.14
CA LYS A 31 -3.82 -3.45 -6.10
C LYS A 31 -3.35 -4.87 -6.41
N ARG A 32 -2.14 -5.00 -6.95
CA ARG A 32 -1.55 -6.29 -7.30
C ARG A 32 -1.56 -7.24 -6.10
N THR A 33 -1.13 -6.74 -4.94
CA THR A 33 -1.10 -7.49 -3.70
C THR A 33 -2.46 -8.09 -3.38
N VAL A 34 -3.48 -7.23 -3.25
CA VAL A 34 -4.85 -7.60 -2.92
C VAL A 34 -5.43 -8.58 -3.95
N ARG A 35 -5.27 -8.27 -5.24
CA ARG A 35 -5.83 -9.08 -6.32
C ARG A 35 -5.62 -10.59 -6.08
N LYS A 36 -4.38 -10.99 -5.88
CA LYS A 36 -4.03 -12.39 -5.65
C LYS A 36 -3.94 -12.72 -4.15
N ASP A 37 -3.75 -11.70 -3.30
CA ASP A 37 -3.52 -11.79 -1.87
C ASP A 37 -2.11 -12.34 -1.62
N LEU A 38 -1.10 -11.65 -2.13
CA LEU A 38 0.30 -12.03 -2.02
C LEU A 38 0.73 -12.34 -0.58
N THR A 39 1.08 -13.60 -0.33
CA THR A 39 1.56 -14.08 0.96
C THR A 39 3.03 -13.68 1.11
N TYR A 40 3.27 -12.40 1.38
CA TYR A 40 4.62 -11.85 1.54
C TYR A 40 5.19 -12.20 2.92
N THR A 41 6.45 -11.83 3.17
CA THR A 41 7.13 -12.06 4.44
C THR A 41 8.22 -11.01 4.65
N CYS A 42 8.52 -10.71 5.92
CA CYS A 42 9.56 -9.82 6.42
C CYS A 42 10.03 -10.47 7.72
N ARG A 43 11.28 -10.28 8.10
CA ARG A 43 11.79 -10.85 9.35
C ARG A 43 11.05 -10.22 10.53
N ASP A 44 10.81 -8.91 10.43
CA ASP A 44 10.08 -8.16 11.44
C ASP A 44 8.58 -8.41 11.26
N ASN A 45 7.81 -8.15 12.32
CA ASN A 45 6.35 -8.25 12.28
C ASN A 45 5.82 -6.99 11.60
N LYS A 46 4.50 -6.90 11.41
CA LYS A 46 3.84 -5.76 10.77
C LYS A 46 4.32 -4.40 11.29
N ASP A 47 4.64 -4.33 12.59
CA ASP A 47 5.10 -3.12 13.26
C ASP A 47 6.58 -2.90 12.95
N CYS A 48 6.89 -2.76 11.66
CA CYS A 48 8.22 -2.57 11.11
C CYS A 48 8.39 -1.11 10.71
N LEU A 49 9.63 -0.63 10.68
CA LEU A 49 9.94 0.73 10.26
C LEU A 49 9.92 0.74 8.73
N ILE A 50 9.01 1.50 8.11
CA ILE A 50 8.86 1.58 6.66
C ILE A 50 9.23 2.98 6.19
N ASP A 51 9.97 3.04 5.09
CA ASP A 51 10.42 4.23 4.38
C ASP A 51 10.68 3.77 2.95
N LYS A 52 11.19 4.67 2.11
CA LYS A 52 11.55 4.47 0.71
C LYS A 52 12.19 3.10 0.47
N ARG A 53 13.47 2.95 0.86
CA ARG A 53 14.28 1.75 0.63
C ARG A 53 13.53 0.43 0.87
N GLN A 54 12.85 0.33 2.02
CA GLN A 54 12.11 -0.85 2.42
C GLN A 54 11.17 -1.37 1.33
N ARG A 55 10.65 -0.50 0.46
CA ARG A 55 9.79 -0.89 -0.64
C ARG A 55 10.39 -2.00 -1.50
N ASN A 56 11.72 -2.16 -1.48
CA ASN A 56 12.39 -3.17 -2.28
C ASN A 56 12.04 -4.60 -1.86
N ARG A 57 11.65 -4.85 -0.60
CA ARG A 57 11.31 -6.20 -0.15
C ARG A 57 10.32 -6.27 1.01
N CYS A 58 10.07 -5.18 1.72
CA CYS A 58 9.21 -5.18 2.91
C CYS A 58 7.73 -5.12 2.55
N GLN A 59 7.35 -5.99 1.60
CA GLN A 59 6.02 -6.08 1.03
C GLN A 59 4.97 -6.41 2.08
N TYR A 60 5.24 -7.41 2.93
CA TYR A 60 4.32 -7.82 4.00
C TYR A 60 3.92 -6.60 4.83
N CYS A 61 4.92 -5.94 5.41
CA CYS A 61 4.67 -4.77 6.23
C CYS A 61 3.98 -3.69 5.43
N ARG A 62 4.43 -3.36 4.21
CA ARG A 62 3.72 -2.35 3.42
C ARG A 62 2.23 -2.70 3.26
N TYR A 63 1.91 -3.96 2.97
CA TYR A 63 0.54 -4.42 2.84
C TYR A 63 -0.20 -4.21 4.18
N GLN A 64 0.41 -4.66 5.28
CA GLN A 64 -0.16 -4.48 6.60
C GLN A 64 -0.41 -2.98 6.90
N LYS A 65 0.53 -2.11 6.57
CA LYS A 65 0.40 -0.67 6.77
C LYS A 65 -0.79 -0.16 5.96
N ALA A 66 -0.85 -0.52 4.67
CA ALA A 66 -1.94 -0.15 3.78
C ALA A 66 -3.28 -0.51 4.43
N LEU A 67 -3.41 -1.76 4.88
CA LEU A 67 -4.62 -2.22 5.54
C LEU A 67 -4.88 -1.44 6.83
N ALA A 68 -3.85 -1.28 7.67
CA ALA A 68 -3.93 -0.57 8.94
C ALA A 68 -4.52 0.83 8.76
N MET A 69 -4.01 1.60 7.78
CA MET A 69 -4.52 2.94 7.51
C MET A 69 -5.89 2.92 6.81
N GLY A 70 -6.44 1.74 6.53
CA GLY A 70 -7.78 1.61 5.97
C GLY A 70 -7.81 1.80 4.47
N MET A 71 -6.78 1.35 3.75
CA MET A 71 -6.82 1.39 2.29
C MET A 71 -8.04 0.59 1.84
N LYS A 72 -8.94 1.22 1.09
CA LYS A 72 -10.18 0.61 0.67
C LYS A 72 -9.96 -0.53 -0.32
N ARG A 73 -9.60 -1.71 0.22
CA ARG A 73 -9.41 -2.97 -0.46
C ARG A 73 -10.49 -3.16 -1.54
N GLU A 74 -11.74 -2.83 -1.19
CA GLU A 74 -12.89 -2.91 -2.08
C GLU A 74 -12.58 -2.29 -3.45
N ALA A 75 -11.99 -1.09 -3.44
CA ALA A 75 -11.65 -0.36 -4.65
C ALA A 75 -10.76 -1.17 -5.60
N VAL A 76 -9.94 -2.09 -5.08
CA VAL A 76 -9.11 -2.94 -5.94
C VAL A 76 -9.98 -3.77 -6.88
N GLN A 77 -11.21 -4.09 -6.48
CA GLN A 77 -12.13 -4.85 -7.32
C GLN A 77 -12.66 -4.01 -8.50
N GLU A 78 -12.21 -2.75 -8.66
CA GLU A 78 -12.61 -1.86 -9.75
C GLU A 78 -12.58 -2.56 -11.13
N GLU A 79 -11.52 -3.33 -11.42
CA GLU A 79 -11.41 -4.09 -12.67
C GLU A 79 -12.23 -5.37 -12.60
N ARG A 80 -12.24 -6.02 -11.44
CA ARG A 80 -12.96 -7.26 -11.22
C ARG A 80 -14.43 -6.97 -10.95
N GLN A 81 -15.12 -6.34 -11.91
CA GLN A 81 -16.55 -6.05 -11.76
C GLN A 81 -17.31 -7.35 -11.46
N ARG A 82 -16.88 -8.45 -12.08
CA ARG A 82 -17.41 -9.79 -11.84
C ARG A 82 -16.86 -10.28 -10.50
N GLY A 83 -17.22 -9.60 -9.41
CA GLY A 83 -16.71 -9.91 -8.08
C GLY A 83 -15.20 -9.71 -8.06
ZN ZN B . 4.09 4.99 -1.23
ZN ZN C . 9.02 -5.15 7.59
N PHE A 1 2.20 20.60 -3.62
CA PHE A 1 2.54 19.20 -3.40
C PHE A 1 1.48 18.60 -2.48
N THR A 2 1.38 17.27 -2.45
CA THR A 2 0.47 16.56 -1.60
C THR A 2 1.04 16.55 -0.18
N LYS A 3 0.78 17.62 0.58
CA LYS A 3 1.23 17.81 1.97
C LYS A 3 1.14 16.50 2.76
N HIS A 4 0.00 15.80 2.66
CA HIS A 4 -0.13 14.49 3.28
C HIS A 4 0.70 13.52 2.44
N ILE A 5 1.98 13.40 2.77
CA ILE A 5 2.90 12.49 2.11
C ILE A 5 2.38 11.04 2.14
N CYS A 6 2.98 10.21 1.30
CA CYS A 6 2.56 8.85 1.08
C CYS A 6 2.53 8.04 2.37
N ALA A 7 1.31 7.69 2.81
CA ALA A 7 1.05 6.91 4.01
C ALA A 7 2.04 5.78 4.26
N ILE A 8 2.36 5.02 3.21
CA ILE A 8 3.20 3.83 3.28
C ILE A 8 4.65 4.08 2.86
N CYS A 9 5.04 5.29 2.42
CA CYS A 9 6.43 5.52 1.97
C CYS A 9 7.08 6.85 2.39
N GLY A 10 6.30 7.93 2.50
CA GLY A 10 6.84 9.26 2.78
C GLY A 10 7.09 10.06 1.50
N ASP A 11 6.92 9.43 0.32
CA ASP A 11 7.06 10.09 -0.97
C ASP A 11 5.95 11.12 -1.16
N ARG A 12 6.09 11.98 -2.17
CA ARG A 12 5.07 12.95 -2.50
C ARG A 12 3.92 12.19 -3.17
N SER A 13 2.85 11.90 -2.41
CA SER A 13 1.71 11.11 -2.84
C SER A 13 1.22 11.47 -4.24
N SER A 14 0.89 10.45 -5.04
CA SER A 14 0.33 10.60 -6.35
C SER A 14 -1.16 10.91 -6.20
N GLY A 15 -1.84 10.25 -5.25
CA GLY A 15 -3.25 10.51 -5.03
C GLY A 15 -3.79 9.78 -3.79
N LYS A 16 -5.05 10.08 -3.46
CA LYS A 16 -5.78 9.49 -2.35
C LYS A 16 -6.24 8.09 -2.77
N HIS A 17 -5.28 7.17 -2.85
CA HIS A 17 -5.51 5.82 -3.34
C HIS A 17 -6.28 5.01 -2.29
N TYR A 18 -7.45 4.53 -2.70
CA TYR A 18 -8.33 3.75 -1.85
C TYR A 18 -8.64 4.50 -0.55
N GLY A 19 -8.73 5.84 -0.63
CA GLY A 19 -9.02 6.68 0.51
C GLY A 19 -7.78 7.15 1.28
N VAL A 20 -6.57 6.69 0.94
CA VAL A 20 -5.35 7.03 1.65
C VAL A 20 -4.34 7.67 0.69
N TYR A 21 -3.80 8.83 1.05
CA TYR A 21 -2.78 9.52 0.27
C TYR A 21 -1.55 8.61 0.12
N SER A 22 -1.22 8.24 -1.12
CA SER A 22 -0.11 7.35 -1.41
C SER A 22 0.39 7.56 -2.84
N CYS A 23 1.44 6.82 -3.22
CA CYS A 23 2.07 6.90 -4.52
C CYS A 23 1.54 5.78 -5.43
N GLU A 24 1.56 5.98 -6.76
CA GLU A 24 1.09 4.99 -7.73
C GLU A 24 1.65 3.60 -7.44
N GLY A 25 2.91 3.51 -7.01
CA GLY A 25 3.54 2.26 -6.64
C GLY A 25 2.68 1.51 -5.62
N CYS A 26 2.23 2.20 -4.58
CA CYS A 26 1.36 1.62 -3.58
C CYS A 26 0.04 1.24 -4.21
N LYS A 27 -0.52 2.11 -5.06
CA LYS A 27 -1.79 1.83 -5.71
C LYS A 27 -1.72 0.45 -6.38
N GLY A 28 -0.79 0.28 -7.32
CA GLY A 28 -0.59 -0.95 -8.06
C GLY A 28 -0.30 -2.13 -7.13
N PHE A 29 0.70 -1.95 -6.25
CA PHE A 29 1.11 -2.95 -5.27
C PHE A 29 -0.11 -3.50 -4.52
N PHE A 30 -0.87 -2.61 -3.89
CA PHE A 30 -2.04 -2.96 -3.12
C PHE A 30 -3.07 -3.61 -4.03
N LYS A 31 -3.32 -3.07 -5.22
CA LYS A 31 -4.27 -3.64 -6.17
C LYS A 31 -3.96 -5.13 -6.38
N ARG A 32 -2.72 -5.43 -6.78
CA ARG A 32 -2.25 -6.78 -6.99
C ARG A 32 -2.47 -7.61 -5.72
N THR A 33 -1.90 -7.14 -4.60
CA THR A 33 -1.93 -7.87 -3.35
C THR A 33 -3.37 -8.19 -2.93
N VAL A 34 -4.30 -7.25 -3.05
CA VAL A 34 -5.68 -7.50 -2.67
C VAL A 34 -6.29 -8.57 -3.56
N ARG A 35 -6.13 -8.43 -4.88
CA ARG A 35 -6.71 -9.37 -5.83
C ARG A 35 -6.13 -10.78 -5.74
N LYS A 36 -4.81 -10.90 -5.60
CA LYS A 36 -4.09 -12.16 -5.60
C LYS A 36 -3.80 -12.73 -4.20
N ASP A 37 -3.69 -11.87 -3.18
CA ASP A 37 -3.36 -12.20 -1.80
C ASP A 37 -2.03 -12.94 -1.69
N LEU A 38 -0.97 -12.30 -2.19
CA LEU A 38 0.38 -12.83 -2.12
C LEU A 38 0.78 -13.09 -0.67
N THR A 39 1.25 -14.32 -0.40
CA THR A 39 1.71 -14.72 0.91
C THR A 39 3.10 -14.11 1.12
N TYR A 40 3.15 -12.80 1.36
CA TYR A 40 4.40 -12.10 1.57
C TYR A 40 4.92 -12.39 2.98
N THR A 41 6.19 -12.05 3.23
CA THR A 41 6.82 -12.20 4.54
C THR A 41 7.96 -11.19 4.64
N CYS A 42 8.07 -10.51 5.78
CA CYS A 42 9.15 -9.59 6.09
C CYS A 42 9.97 -10.24 7.20
N ARG A 43 11.29 -10.12 7.14
CA ARG A 43 12.20 -10.68 8.13
C ARG A 43 12.21 -9.83 9.42
N ASP A 44 11.01 -9.54 9.95
CA ASP A 44 10.77 -8.77 11.16
C ASP A 44 9.38 -9.19 11.68
N ASN A 45 8.48 -8.24 11.91
CA ASN A 45 7.09 -8.43 12.33
C ASN A 45 6.29 -7.32 11.66
N LYS A 46 4.96 -7.44 11.62
CA LYS A 46 4.05 -6.47 11.00
C LYS A 46 4.28 -5.01 11.43
N ASP A 47 4.91 -4.79 12.58
CA ASP A 47 5.17 -3.46 13.12
C ASP A 47 6.32 -2.77 12.39
N CYS A 48 7.20 -3.53 11.72
CA CYS A 48 8.33 -2.98 10.97
C CYS A 48 7.83 -1.93 9.96
N LEU A 49 8.16 -0.66 10.23
CA LEU A 49 7.72 0.49 9.45
C LEU A 49 8.30 0.49 8.04
N ILE A 50 7.66 1.24 7.14
CA ILE A 50 8.10 1.47 5.77
C ILE A 50 8.36 2.97 5.64
N ASP A 51 9.47 3.35 5.03
CA ASP A 51 9.85 4.72 4.75
C ASP A 51 10.81 4.66 3.56
N LYS A 52 11.17 5.83 3.04
CA LYS A 52 12.09 6.05 1.92
C LYS A 52 13.29 5.09 1.92
N ARG A 53 13.85 4.82 3.10
CA ARG A 53 15.04 4.00 3.26
C ARG A 53 14.79 2.51 3.01
N GLN A 54 13.61 1.99 3.35
CA GLN A 54 13.29 0.56 3.27
C GLN A 54 13.05 0.08 1.83
N ARG A 55 14.03 0.30 0.94
CA ARG A 55 13.97 -0.15 -0.44
C ARG A 55 14.39 -1.62 -0.49
N ASN A 56 13.59 -2.46 0.16
CA ASN A 56 13.74 -3.91 0.25
C ASN A 56 12.36 -4.52 0.05
N ARG A 57 12.27 -5.83 -0.17
CA ARG A 57 11.01 -6.55 -0.35
C ARG A 57 10.25 -6.67 0.98
N CYS A 58 9.91 -5.54 1.60
CA CYS A 58 9.18 -5.44 2.85
C CYS A 58 7.68 -5.40 2.53
N GLN A 59 7.28 -6.33 1.66
CA GLN A 59 5.95 -6.42 1.08
C GLN A 59 4.86 -6.70 2.12
N TYR A 60 5.12 -7.66 3.01
CA TYR A 60 4.16 -8.00 4.06
C TYR A 60 3.80 -6.75 4.87
N CYS A 61 4.84 -6.05 5.33
CA CYS A 61 4.68 -4.83 6.09
C CYS A 61 3.94 -3.79 5.25
N ARG A 62 4.32 -3.57 3.97
CA ARG A 62 3.60 -2.63 3.12
C ARG A 62 2.10 -2.95 3.08
N TYR A 63 1.75 -4.21 2.84
CA TYR A 63 0.37 -4.67 2.80
C TYR A 63 -0.32 -4.37 4.13
N GLN A 64 0.29 -4.81 5.24
CA GLN A 64 -0.23 -4.55 6.58
C GLN A 64 -0.42 -3.05 6.82
N LYS A 65 0.53 -2.21 6.40
CA LYS A 65 0.46 -0.77 6.56
C LYS A 65 -0.76 -0.24 5.80
N ALA A 66 -0.88 -0.59 4.52
CA ALA A 66 -2.01 -0.17 3.70
C ALA A 66 -3.33 -0.53 4.38
N LEU A 67 -3.45 -1.77 4.83
CA LEU A 67 -4.65 -2.24 5.51
C LEU A 67 -4.88 -1.42 6.79
N ALA A 68 -3.89 -1.37 7.67
CA ALA A 68 -3.95 -0.66 8.94
C ALA A 68 -4.37 0.80 8.77
N MET A 69 -3.81 1.49 7.77
CA MET A 69 -4.14 2.89 7.51
C MET A 69 -5.49 3.05 6.79
N GLY A 70 -6.19 1.95 6.51
CA GLY A 70 -7.54 1.99 6.00
C GLY A 70 -7.66 2.10 4.49
N MET A 71 -6.71 1.51 3.73
CA MET A 71 -6.88 1.46 2.29
C MET A 71 -8.11 0.60 2.00
N LYS A 72 -9.14 1.20 1.41
CA LYS A 72 -10.41 0.55 1.16
C LYS A 72 -10.27 -0.56 0.12
N ARG A 73 -9.91 -1.75 0.59
CA ARG A 73 -9.80 -2.99 -0.16
C ARG A 73 -10.93 -3.10 -1.20
N GLU A 74 -12.15 -2.78 -0.76
CA GLU A 74 -13.37 -2.80 -1.55
C GLU A 74 -13.18 -2.13 -2.92
N ALA A 75 -12.50 -0.98 -2.94
CA ALA A 75 -12.29 -0.20 -4.16
C ALA A 75 -11.37 -0.90 -5.17
N VAL A 76 -10.49 -1.82 -4.75
CA VAL A 76 -9.63 -2.53 -5.68
C VAL A 76 -10.47 -3.30 -6.72
N GLN A 77 -11.70 -3.65 -6.36
CA GLN A 77 -12.63 -4.33 -7.23
C GLN A 77 -12.95 -3.49 -8.49
N GLU A 78 -12.57 -2.21 -8.52
CA GLU A 78 -12.72 -1.31 -9.67
C GLU A 78 -12.25 -1.95 -10.97
N GLU A 79 -11.25 -2.83 -10.89
CA GLU A 79 -10.68 -3.52 -12.04
C GLU A 79 -11.72 -4.37 -12.79
N ARG A 80 -12.81 -4.77 -12.12
CA ARG A 80 -13.85 -5.63 -12.72
C ARG A 80 -14.76 -4.83 -13.66
N GLN A 81 -14.17 -4.26 -14.71
CA GLN A 81 -14.85 -3.49 -15.73
C GLN A 81 -15.41 -4.46 -16.78
N ARG A 82 -16.47 -5.18 -16.41
CA ARG A 82 -17.16 -6.12 -17.27
C ARG A 82 -17.97 -5.37 -18.33
N GLY A 83 -17.29 -4.67 -19.24
CA GLY A 83 -17.92 -3.87 -20.27
C GLY A 83 -18.74 -2.75 -19.64
ZN ZN B . 4.00 4.66 -1.40
ZN ZN C . 9.05 -5.03 7.35
N PHE A 1 -1.29 18.04 4.43
CA PHE A 1 -0.45 18.89 3.61
C PHE A 1 -0.92 18.74 2.16
N THR A 2 -0.83 19.79 1.35
CA THR A 2 -1.17 19.74 -0.07
C THR A 2 -0.32 18.66 -0.73
N LYS A 3 0.99 18.81 -0.55
CA LYS A 3 2.01 17.87 -1.01
C LYS A 3 1.94 16.64 -0.09
N HIS A 4 0.88 15.85 -0.25
CA HIS A 4 0.64 14.65 0.54
C HIS A 4 1.77 13.64 0.38
N ILE A 5 2.09 12.96 1.49
CA ILE A 5 3.03 11.86 1.54
C ILE A 5 2.24 10.56 1.55
N CYS A 6 2.86 9.47 1.13
CA CYS A 6 2.26 8.18 1.07
C CYS A 6 2.08 7.64 2.47
N ALA A 7 0.84 7.29 2.86
CA ALA A 7 0.58 6.75 4.19
C ALA A 7 1.48 5.57 4.54
N ILE A 8 1.73 4.70 3.56
CA ILE A 8 2.48 3.46 3.74
C ILE A 8 4.00 3.65 3.86
N CYS A 9 4.62 4.56 3.09
CA CYS A 9 6.08 4.70 3.07
C CYS A 9 6.62 6.13 3.11
N GLY A 10 5.76 7.15 3.23
CA GLY A 10 6.17 8.53 3.36
C GLY A 10 6.74 9.17 2.10
N ASP A 11 6.75 8.47 0.96
CA ASP A 11 7.24 9.02 -0.30
C ASP A 11 6.19 9.97 -0.87
N ARG A 12 6.52 10.73 -1.92
CA ARG A 12 5.58 11.64 -2.54
C ARG A 12 4.33 10.87 -2.99
N SER A 13 3.15 11.25 -2.48
CA SER A 13 1.92 10.59 -2.89
C SER A 13 1.65 10.92 -4.37
N SER A 14 1.19 9.92 -5.11
CA SER A 14 0.75 10.05 -6.49
C SER A 14 -0.70 10.53 -6.45
N GLY A 15 -1.48 10.08 -5.47
CA GLY A 15 -2.85 10.51 -5.31
C GLY A 15 -3.58 9.71 -4.24
N LYS A 16 -4.90 9.93 -4.18
CA LYS A 16 -5.81 9.25 -3.28
C LYS A 16 -6.02 7.85 -3.87
N HIS A 17 -5.68 6.79 -3.12
CA HIS A 17 -5.78 5.41 -3.57
C HIS A 17 -6.47 4.63 -2.46
N TYR A 18 -7.52 3.87 -2.80
CA TYR A 18 -8.30 3.09 -1.84
C TYR A 18 -8.69 3.91 -0.59
N GLY A 19 -8.94 5.21 -0.77
CA GLY A 19 -9.36 6.12 0.29
C GLY A 19 -8.22 6.82 1.05
N VAL A 20 -6.95 6.53 0.76
CA VAL A 20 -5.82 7.16 1.47
C VAL A 20 -4.74 7.61 0.48
N TYR A 21 -4.03 8.69 0.82
CA TYR A 21 -2.96 9.22 -0.02
C TYR A 21 -1.82 8.20 -0.11
N SER A 22 -1.43 7.81 -1.33
CA SER A 22 -0.38 6.84 -1.54
C SER A 22 0.30 7.06 -2.89
N CYS A 23 1.36 6.30 -3.17
CA CYS A 23 2.19 6.42 -4.36
C CYS A 23 1.98 5.25 -5.33
N GLU A 24 2.21 5.48 -6.63
CA GLU A 24 2.05 4.51 -7.70
C GLU A 24 2.53 3.09 -7.36
N GLY A 25 3.71 2.94 -6.76
CA GLY A 25 4.25 1.63 -6.39
C GLY A 25 3.28 0.92 -5.45
N CYS A 26 2.96 1.58 -4.33
CA CYS A 26 2.02 1.11 -3.34
C CYS A 26 0.65 0.86 -3.98
N LYS A 27 0.23 1.75 -4.88
CA LYS A 27 -1.03 1.63 -5.61
C LYS A 27 -1.09 0.27 -6.31
N GLY A 28 -0.22 0.08 -7.31
CA GLY A 28 -0.18 -1.14 -8.11
C GLY A 28 0.01 -2.36 -7.20
N PHE A 29 0.97 -2.26 -6.28
CA PHE A 29 1.26 -3.30 -5.32
C PHE A 29 0.00 -3.76 -4.60
N PHE A 30 -0.71 -2.84 -3.95
CA PHE A 30 -1.92 -3.16 -3.20
C PHE A 30 -2.97 -3.74 -4.15
N LYS A 31 -3.18 -3.09 -5.30
CA LYS A 31 -4.18 -3.56 -6.26
C LYS A 31 -3.96 -5.03 -6.61
N ARG A 32 -2.74 -5.40 -6.98
CA ARG A 32 -2.41 -6.78 -7.32
C ARG A 32 -2.49 -7.67 -6.08
N THR A 33 -1.80 -7.27 -5.00
CA THR A 33 -1.74 -8.01 -3.75
C THR A 33 -3.14 -8.35 -3.23
N VAL A 34 -4.09 -7.44 -3.29
CA VAL A 34 -5.44 -7.71 -2.81
C VAL A 34 -6.05 -8.89 -3.56
N ARG A 35 -5.99 -8.84 -4.89
CA ARG A 35 -6.55 -9.88 -5.73
C ARG A 35 -5.81 -11.21 -5.60
N LYS A 36 -4.49 -11.18 -5.64
CA LYS A 36 -3.64 -12.36 -5.60
C LYS A 36 -3.49 -12.95 -4.19
N ASP A 37 -3.49 -12.09 -3.18
CA ASP A 37 -3.30 -12.37 -1.76
C ASP A 37 -2.02 -13.14 -1.47
N LEU A 38 -0.88 -12.56 -1.90
CA LEU A 38 0.43 -13.14 -1.68
C LEU A 38 0.70 -13.29 -0.18
N THR A 39 1.02 -14.50 0.25
CA THR A 39 1.35 -14.80 1.63
C THR A 39 2.78 -14.33 1.90
N TYR A 40 2.98 -13.01 1.99
CA TYR A 40 4.29 -12.44 2.23
C TYR A 40 4.65 -12.63 3.72
N THR A 41 5.93 -12.40 4.07
CA THR A 41 6.41 -12.48 5.44
C THR A 41 7.65 -11.57 5.53
N CYS A 42 8.02 -11.15 6.74
CA CYS A 42 9.20 -10.33 7.03
C CYS A 42 9.67 -10.76 8.42
N ARG A 43 10.98 -10.81 8.65
CA ARG A 43 11.55 -11.20 9.93
C ARG A 43 11.48 -10.03 10.93
N ASP A 44 10.28 -9.46 11.11
CA ASP A 44 10.00 -8.34 12.01
C ASP A 44 8.52 -8.48 12.41
N ASN A 45 7.77 -7.37 12.38
CA ASN A 45 6.34 -7.26 12.64
C ASN A 45 5.85 -6.19 11.67
N LYS A 46 4.53 -6.04 11.51
CA LYS A 46 3.94 -5.07 10.60
C LYS A 46 4.55 -3.66 10.73
N ASP A 47 4.81 -3.21 11.96
CA ASP A 47 5.42 -1.92 12.25
C ASP A 47 6.93 -2.00 12.04
N CYS A 48 7.32 -2.30 10.80
CA CYS A 48 8.72 -2.44 10.39
C CYS A 48 9.28 -1.07 9.98
N LEU A 49 10.60 -0.99 9.80
CA LEU A 49 11.30 0.24 9.42
C LEU A 49 11.04 0.55 7.94
N ILE A 50 9.80 0.93 7.60
CA ILE A 50 9.42 1.27 6.23
C ILE A 50 9.92 2.68 5.89
N ASP A 51 11.24 2.84 5.83
CA ASP A 51 11.86 4.09 5.41
C ASP A 51 11.59 4.27 3.92
N LYS A 52 11.71 5.50 3.41
CA LYS A 52 11.48 5.84 2.01
C LYS A 52 12.08 4.81 1.05
N ARG A 53 13.34 4.45 1.29
CA ARG A 53 14.08 3.48 0.50
C ARG A 53 13.32 2.16 0.29
N GLN A 54 12.50 1.75 1.27
CA GLN A 54 11.74 0.51 1.19
C GLN A 54 10.40 0.67 0.47
N ARG A 55 10.15 1.82 -0.21
CA ARG A 55 8.92 2.16 -0.91
C ARG A 55 8.24 0.98 -1.62
N ASN A 56 9.04 0.10 -2.23
CA ASN A 56 8.52 -1.10 -2.85
C ASN A 56 9.47 -2.28 -2.62
N ARG A 57 9.89 -2.46 -1.36
CA ARG A 57 10.78 -3.53 -0.96
C ARG A 57 10.09 -4.47 0.04
N CYS A 58 9.78 -3.96 1.23
CA CYS A 58 9.24 -4.73 2.33
C CYS A 58 7.74 -5.08 2.17
N GLN A 59 7.44 -5.89 1.15
CA GLN A 59 6.09 -6.31 0.76
C GLN A 59 5.14 -6.58 1.93
N TYR A 60 5.42 -7.59 2.75
CA TYR A 60 4.54 -7.97 3.86
C TYR A 60 4.11 -6.77 4.69
N CYS A 61 5.09 -6.09 5.28
CA CYS A 61 4.84 -4.95 6.12
C CYS A 61 4.07 -3.89 5.35
N ARG A 62 4.39 -3.61 4.08
CA ARG A 62 3.60 -2.66 3.30
C ARG A 62 2.13 -3.10 3.24
N TYR A 63 1.86 -4.37 2.94
CA TYR A 63 0.49 -4.88 2.87
C TYR A 63 -0.21 -4.69 4.22
N GLN A 64 0.45 -5.15 5.30
CA GLN A 64 -0.07 -5.01 6.66
C GLN A 64 -0.35 -3.54 6.98
N LYS A 65 0.57 -2.64 6.66
CA LYS A 65 0.43 -1.20 6.90
C LYS A 65 -0.78 -0.68 6.12
N ALA A 66 -0.86 -1.01 4.83
CA ALA A 66 -1.99 -0.62 3.98
C ALA A 66 -3.31 -1.02 4.64
N LEU A 67 -3.40 -2.28 5.09
CA LEU A 67 -4.58 -2.77 5.76
C LEU A 67 -4.81 -2.01 7.08
N ALA A 68 -3.77 -1.82 7.87
CA ALA A 68 -3.82 -1.12 9.15
C ALA A 68 -4.43 0.28 9.00
N MET A 69 -3.97 1.06 8.01
CA MET A 69 -4.55 2.38 7.77
C MET A 69 -5.94 2.32 7.14
N GLY A 70 -6.47 1.12 6.86
CA GLY A 70 -7.81 0.94 6.36
C GLY A 70 -7.91 1.21 4.87
N MET A 71 -6.90 0.78 4.09
CA MET A 71 -6.99 0.88 2.64
C MET A 71 -8.22 0.08 2.20
N LYS A 72 -9.17 0.74 1.54
CA LYS A 72 -10.44 0.14 1.16
C LYS A 72 -10.24 -0.91 0.08
N ARG A 73 -9.93 -2.14 0.51
CA ARG A 73 -9.76 -3.33 -0.31
C ARG A 73 -10.77 -3.36 -1.45
N GLU A 74 -12.03 -3.05 -1.13
CA GLU A 74 -13.14 -3.00 -2.08
C GLU A 74 -12.79 -2.20 -3.34
N ALA A 75 -12.17 -1.03 -3.15
CA ALA A 75 -11.81 -0.13 -4.24
C ALA A 75 -10.85 -0.77 -5.24
N VAL A 76 -10.12 -1.83 -4.88
CA VAL A 76 -9.27 -2.53 -5.84
C VAL A 76 -10.14 -3.08 -6.98
N GLN A 77 -11.37 -3.46 -6.67
CA GLN A 77 -12.31 -3.97 -7.65
C GLN A 77 -12.88 -2.84 -8.52
N GLU A 78 -12.66 -1.57 -8.13
CA GLU A 78 -13.10 -0.40 -8.88
C GLU A 78 -11.97 0.20 -9.72
N GLU A 79 -10.81 0.42 -9.10
CA GLU A 79 -9.65 1.01 -9.75
C GLU A 79 -9.27 0.21 -11.00
N ARG A 80 -9.53 -1.10 -11.00
CA ARG A 80 -9.42 -1.97 -12.17
C ARG A 80 -10.82 -2.53 -12.41
N GLN A 81 -11.66 -1.82 -13.17
CA GLN A 81 -13.01 -2.27 -13.49
C GLN A 81 -12.96 -3.67 -14.12
N ARG A 82 -14.00 -4.48 -13.90
CA ARG A 82 -14.11 -5.83 -14.45
C ARG A 82 -14.42 -5.80 -15.95
N GLY A 83 -13.51 -5.23 -16.75
CA GLY A 83 -13.70 -5.09 -18.18
C GLY A 83 -14.89 -4.18 -18.47
ZN ZN B . 4.11 4.32 -0.97
ZN ZN C . 9.25 -5.61 7.30
N PHE A 1 -1.52 14.46 5.49
CA PHE A 1 -0.76 15.66 5.78
C PHE A 1 -0.95 16.65 4.61
N THR A 2 -0.48 17.89 4.74
CA THR A 2 -0.58 18.91 3.72
C THR A 2 0.21 18.44 2.50
N LYS A 3 1.53 18.33 2.68
CA LYS A 3 2.43 17.82 1.68
C LYS A 3 2.25 16.29 1.64
N HIS A 4 1.15 15.85 1.03
CA HIS A 4 0.69 14.47 0.95
C HIS A 4 1.81 13.44 0.81
N ILE A 5 2.29 12.91 1.93
CA ILE A 5 3.31 11.86 1.95
C ILE A 5 2.57 10.53 1.97
N CYS A 6 3.09 9.56 1.22
CA CYS A 6 2.47 8.27 1.06
C CYS A 6 2.36 7.59 2.42
N ALA A 7 1.14 7.37 2.90
CA ALA A 7 0.88 6.73 4.17
C ALA A 7 1.74 5.47 4.37
N ILE A 8 1.88 4.70 3.29
CA ILE A 8 2.58 3.42 3.30
C ILE A 8 4.11 3.54 3.30
N CYS A 9 4.72 4.56 2.68
CA CYS A 9 6.19 4.62 2.58
C CYS A 9 6.83 6.01 2.56
N GLY A 10 6.09 7.06 2.90
CA GLY A 10 6.61 8.42 3.01
C GLY A 10 7.05 9.10 1.72
N ASP A 11 6.81 8.48 0.56
CA ASP A 11 7.17 9.04 -0.74
C ASP A 11 6.16 10.10 -1.16
N ARG A 12 6.43 10.83 -2.24
CA ARG A 12 5.50 11.84 -2.75
C ARG A 12 4.23 11.13 -3.22
N SER A 13 3.08 11.41 -2.61
CA SER A 13 1.84 10.77 -3.03
C SER A 13 1.42 11.26 -4.41
N SER A 14 0.87 10.38 -5.23
CA SER A 14 0.30 10.73 -6.52
C SER A 14 -1.19 11.05 -6.32
N GLY A 15 -1.84 10.46 -5.32
CA GLY A 15 -3.23 10.76 -5.06
C GLY A 15 -3.76 10.05 -3.81
N LYS A 16 -5.00 10.38 -3.46
CA LYS A 16 -5.73 9.79 -2.34
C LYS A 16 -6.25 8.43 -2.79
N HIS A 17 -5.32 7.50 -3.01
CA HIS A 17 -5.62 6.19 -3.56
C HIS A 17 -6.31 5.32 -2.50
N TYR A 18 -7.42 4.72 -2.89
CA TYR A 18 -8.25 3.88 -2.05
C TYR A 18 -8.57 4.57 -0.72
N GLY A 19 -8.73 5.90 -0.76
CA GLY A 19 -9.08 6.73 0.37
C GLY A 19 -7.89 7.30 1.16
N VAL A 20 -6.64 6.97 0.84
CA VAL A 20 -5.48 7.46 1.59
C VAL A 20 -4.39 7.96 0.64
N TYR A 21 -3.70 9.05 1.03
CA TYR A 21 -2.61 9.61 0.25
C TYR A 21 -1.52 8.56 0.04
N SER A 22 -1.25 8.22 -1.22
CA SER A 22 -0.26 7.21 -1.58
C SER A 22 0.28 7.44 -2.98
N CYS A 23 1.32 6.67 -3.31
CA CYS A 23 2.02 6.71 -4.60
C CYS A 23 1.57 5.55 -5.48
N GLU A 24 1.51 5.76 -6.80
CA GLU A 24 1.11 4.75 -7.78
C GLU A 24 1.78 3.39 -7.51
N GLY A 25 3.07 3.41 -7.14
CA GLY A 25 3.81 2.21 -6.81
C GLY A 25 3.09 1.38 -5.74
N CYS A 26 2.55 2.05 -4.71
CA CYS A 26 1.79 1.41 -3.66
C CYS A 26 0.41 1.05 -4.18
N LYS A 27 -0.22 1.95 -4.95
CA LYS A 27 -1.53 1.72 -5.53
C LYS A 27 -1.57 0.36 -6.26
N GLY A 28 -0.68 0.20 -7.25
CA GLY A 28 -0.58 -1.00 -8.07
C GLY A 28 -0.19 -2.21 -7.23
N PHE A 29 0.81 -2.05 -6.36
CA PHE A 29 1.27 -3.12 -5.47
C PHE A 29 0.08 -3.67 -4.67
N PHE A 30 -0.65 -2.76 -4.00
CA PHE A 30 -1.81 -3.14 -3.21
C PHE A 30 -2.85 -3.79 -4.11
N LYS A 31 -3.13 -3.21 -5.28
CA LYS A 31 -4.09 -3.78 -6.24
C LYS A 31 -3.78 -5.25 -6.50
N ARG A 32 -2.57 -5.53 -6.98
CA ARG A 32 -2.11 -6.87 -7.28
C ARG A 32 -2.17 -7.76 -6.04
N THR A 33 -1.58 -7.28 -4.94
CA THR A 33 -1.54 -8.00 -3.69
C THR A 33 -2.94 -8.43 -3.24
N VAL A 34 -3.92 -7.52 -3.29
CA VAL A 34 -5.30 -7.78 -2.91
C VAL A 34 -5.90 -8.80 -3.86
N ARG A 35 -5.80 -8.56 -5.17
CA ARG A 35 -6.34 -9.45 -6.19
C ARG A 35 -5.88 -10.90 -5.97
N LYS A 36 -4.58 -11.07 -5.72
CA LYS A 36 -3.97 -12.37 -5.48
C LYS A 36 -4.14 -12.83 -4.02
N ASP A 37 -4.33 -11.88 -3.11
CA ASP A 37 -4.37 -12.03 -1.66
C ASP A 37 -3.09 -12.73 -1.19
N LEU A 38 -1.95 -12.18 -1.61
CA LEU A 38 -0.65 -12.77 -1.33
C LEU A 38 -0.27 -12.70 0.15
N THR A 39 -0.21 -13.87 0.77
CA THR A 39 0.16 -14.05 2.17
C THR A 39 1.68 -13.95 2.29
N TYR A 40 2.20 -12.72 2.22
CA TYR A 40 3.62 -12.48 2.33
C TYR A 40 4.07 -12.58 3.80
N THR A 41 5.37 -12.49 4.06
CA THR A 41 5.94 -12.50 5.40
C THR A 41 7.28 -11.77 5.37
N CYS A 42 7.61 -11.02 6.44
CA CYS A 42 8.87 -10.31 6.62
C CYS A 42 9.51 -10.89 7.88
N ARG A 43 10.81 -11.23 7.81
CA ARG A 43 11.56 -11.82 8.90
C ARG A 43 11.94 -10.76 9.96
N ASP A 44 10.93 -10.04 10.45
CA ASP A 44 11.04 -9.02 11.48
C ASP A 44 9.71 -9.04 12.24
N ASN A 45 8.86 -8.02 12.03
CA ASN A 45 7.54 -7.88 12.59
C ASN A 45 6.79 -7.00 11.61
N LYS A 46 5.45 -6.93 11.72
CA LYS A 46 4.65 -6.07 10.86
C LYS A 46 5.09 -4.60 10.98
N ASP A 47 5.51 -4.19 12.17
CA ASP A 47 5.98 -2.84 12.48
C ASP A 47 7.42 -2.67 12.01
N CYS A 48 7.62 -2.84 10.71
CA CYS A 48 8.91 -2.72 10.03
C CYS A 48 9.12 -1.25 9.64
N LEU A 49 10.38 -0.85 9.47
CA LEU A 49 10.73 0.54 9.17
C LEU A 49 10.38 0.92 7.73
N ILE A 50 9.09 0.93 7.37
CA ILE A 50 8.64 1.30 6.03
C ILE A 50 8.59 2.83 5.95
N ASP A 51 9.78 3.44 6.03
CA ASP A 51 9.98 4.88 5.95
C ASP A 51 10.46 5.22 4.54
N LYS A 52 10.70 6.51 4.28
CA LYS A 52 11.20 7.00 3.00
C LYS A 52 12.41 6.16 2.57
N ARG A 53 13.36 5.96 3.49
CA ARG A 53 14.56 5.17 3.27
C ARG A 53 14.25 3.67 3.33
N GLN A 54 13.31 3.22 2.49
CA GLN A 54 12.91 1.83 2.39
C GLN A 54 14.03 1.05 1.67
N ARG A 55 14.66 0.11 2.37
CA ARG A 55 15.76 -0.68 1.82
C ARG A 55 15.33 -1.41 0.55
N ASN A 56 14.07 -1.87 0.52
CA ASN A 56 13.46 -2.57 -0.59
C ASN A 56 11.94 -2.47 -0.41
N ARG A 57 11.19 -2.84 -1.44
CA ARG A 57 9.74 -2.86 -1.36
C ARG A 57 9.31 -4.07 -0.52
N CYS A 58 9.42 -3.93 0.80
CA CYS A 58 9.08 -4.93 1.80
C CYS A 58 7.56 -5.24 1.78
N GLN A 59 7.16 -6.01 0.76
CA GLN A 59 5.79 -6.39 0.42
C GLN A 59 4.89 -6.64 1.62
N TYR A 60 5.25 -7.59 2.50
CA TYR A 60 4.40 -7.93 3.64
C TYR A 60 4.04 -6.69 4.44
N CYS A 61 5.04 -6.04 5.02
CA CYS A 61 4.83 -4.88 5.85
C CYS A 61 4.08 -3.78 5.10
N ARG A 62 4.38 -3.58 3.81
CA ARG A 62 3.66 -2.59 3.01
C ARG A 62 2.16 -2.97 2.97
N TYR A 63 1.85 -4.25 2.76
CA TYR A 63 0.47 -4.74 2.75
C TYR A 63 -0.16 -4.53 4.12
N GLN A 64 0.53 -4.92 5.20
CA GLN A 64 0.03 -4.71 6.56
C GLN A 64 -0.26 -3.24 6.81
N LYS A 65 0.66 -2.33 6.44
CA LYS A 65 0.46 -0.91 6.57
C LYS A 65 -0.84 -0.52 5.87
N ALA A 66 -0.93 -0.83 4.57
CA ALA A 66 -2.09 -0.53 3.75
C ALA A 66 -3.39 -0.97 4.44
N LEU A 67 -3.45 -2.24 4.87
CA LEU A 67 -4.62 -2.77 5.55
C LEU A 67 -4.90 -2.01 6.83
N ALA A 68 -3.90 -1.92 7.71
CA ALA A 68 -4.00 -1.25 9.01
C ALA A 68 -4.53 0.17 8.89
N MET A 69 -4.05 0.93 7.90
CA MET A 69 -4.48 2.30 7.69
C MET A 69 -5.86 2.38 7.03
N GLY A 70 -6.45 1.24 6.65
CA GLY A 70 -7.79 1.20 6.10
C GLY A 70 -7.83 1.51 4.61
N MET A 71 -6.84 1.06 3.84
CA MET A 71 -6.90 1.21 2.39
C MET A 71 -8.16 0.48 1.93
N LYS A 72 -9.05 1.16 1.19
CA LYS A 72 -10.31 0.59 0.77
C LYS A 72 -10.13 -0.55 -0.22
N ARG A 73 -9.84 -1.75 0.30
CA ARG A 73 -9.68 -3.00 -0.43
C ARG A 73 -10.73 -3.11 -1.54
N GLU A 74 -11.98 -2.78 -1.22
CA GLU A 74 -13.10 -2.82 -2.15
C GLU A 74 -12.79 -2.10 -3.47
N ALA A 75 -12.12 -0.95 -3.38
CA ALA A 75 -11.76 -0.15 -4.54
C ALA A 75 -10.87 -0.92 -5.52
N VAL A 76 -10.13 -1.93 -5.05
CA VAL A 76 -9.32 -2.75 -5.96
C VAL A 76 -10.23 -3.46 -6.97
N GLN A 77 -11.49 -3.71 -6.60
CA GLN A 77 -12.47 -4.34 -7.47
C GLN A 77 -13.11 -3.32 -8.42
N GLU A 78 -12.62 -2.07 -8.47
CA GLU A 78 -13.07 -1.08 -9.44
C GLU A 78 -12.91 -1.66 -10.85
N GLU A 79 -11.95 -2.57 -11.03
CA GLU A 79 -11.71 -3.26 -12.29
C GLU A 79 -12.99 -3.86 -12.87
N ARG A 80 -13.96 -4.26 -12.04
CA ARG A 80 -15.23 -4.79 -12.52
C ARG A 80 -15.90 -3.81 -13.50
N GLN A 81 -15.71 -2.51 -13.31
CA GLN A 81 -16.24 -1.48 -14.19
C GLN A 81 -15.61 -1.59 -15.59
N ARG A 82 -14.30 -1.87 -15.62
CA ARG A 82 -13.53 -2.01 -16.85
C ARG A 82 -13.92 -3.32 -17.53
N GLY A 83 -14.04 -4.39 -16.74
CA GLY A 83 -14.41 -5.71 -17.23
C GLY A 83 -13.49 -6.16 -18.36
ZN ZN B . 4.07 4.41 -1.32
ZN ZN C . 9.20 -5.75 6.84
N PHE A 1 -0.64 20.49 4.70
CA PHE A 1 0.06 19.46 3.95
C PHE A 1 -0.84 18.91 2.83
N THR A 2 -1.31 19.81 1.97
CA THR A 2 -2.14 19.47 0.81
C THR A 2 -1.46 18.38 0.01
N LYS A 3 -0.17 18.59 -0.28
CA LYS A 3 0.70 17.62 -0.92
C LYS A 3 1.05 16.57 0.13
N HIS A 4 0.07 15.74 0.49
CA HIS A 4 0.22 14.71 1.50
C HIS A 4 1.33 13.73 1.10
N ILE A 5 2.00 13.15 2.10
CA ILE A 5 3.02 12.13 1.91
C ILE A 5 2.36 10.76 1.97
N CYS A 6 2.97 9.79 1.30
CA CYS A 6 2.44 8.44 1.20
C CYS A 6 2.36 7.81 2.59
N ALA A 7 1.15 7.48 3.03
CA ALA A 7 0.88 6.85 4.32
C ALA A 7 1.87 5.72 4.64
N ILE A 8 2.17 4.91 3.62
CA ILE A 8 2.99 3.71 3.76
C ILE A 8 4.49 4.00 3.80
N CYS A 9 5.03 4.98 3.06
CA CYS A 9 6.49 5.16 2.97
C CYS A 9 7.01 6.60 2.96
N GLY A 10 6.16 7.60 3.12
CA GLY A 10 6.59 8.99 3.18
C GLY A 10 6.98 9.61 1.83
N ASP A 11 6.84 8.86 0.72
CA ASP A 11 7.15 9.36 -0.61
C ASP A 11 6.05 10.32 -1.08
N ARG A 12 6.28 11.02 -2.18
CA ARG A 12 5.31 11.95 -2.72
C ARG A 12 4.04 11.19 -3.13
N SER A 13 2.90 11.48 -2.50
CA SER A 13 1.66 10.82 -2.90
C SER A 13 1.26 11.27 -4.30
N SER A 14 0.79 10.32 -5.12
CA SER A 14 0.22 10.60 -6.43
C SER A 14 -1.26 10.93 -6.23
N GLY A 15 -1.91 10.34 -5.21
CA GLY A 15 -3.30 10.63 -4.93
C GLY A 15 -3.80 9.87 -3.70
N LYS A 16 -5.04 10.16 -3.31
CA LYS A 16 -5.71 9.53 -2.18
C LYS A 16 -6.27 8.18 -2.64
N HIS A 17 -5.37 7.27 -3.02
CA HIS A 17 -5.77 5.99 -3.58
C HIS A 17 -6.32 5.09 -2.49
N TYR A 18 -7.44 4.42 -2.79
CA TYR A 18 -8.14 3.56 -1.85
C TYR A 18 -8.49 4.32 -0.56
N GLY A 19 -8.70 5.64 -0.67
CA GLY A 19 -9.03 6.49 0.45
C GLY A 19 -7.82 6.91 1.30
N VAL A 20 -6.59 6.59 0.90
CA VAL A 20 -5.39 6.93 1.67
C VAL A 20 -4.33 7.55 0.75
N TYR A 21 -3.73 8.66 1.18
CA TYR A 21 -2.67 9.36 0.45
C TYR A 21 -1.54 8.37 0.18
N SER A 22 -1.27 8.08 -1.10
CA SER A 22 -0.27 7.11 -1.47
C SER A 22 0.36 7.42 -2.83
N CYS A 23 1.51 6.78 -3.10
CA CYS A 23 2.30 6.92 -4.31
C CYS A 23 2.06 5.74 -5.24
N GLU A 24 2.11 5.99 -6.55
CA GLU A 24 1.89 5.03 -7.62
C GLU A 24 2.48 3.64 -7.36
N GLY A 25 3.72 3.56 -6.89
CA GLY A 25 4.37 2.29 -6.58
C GLY A 25 3.52 1.50 -5.57
N CYS A 26 3.23 2.13 -4.42
CA CYS A 26 2.41 1.56 -3.38
C CYS A 26 1.01 1.25 -3.92
N LYS A 27 0.45 2.16 -4.73
CA LYS A 27 -0.86 1.98 -5.33
C LYS A 27 -0.92 0.65 -6.10
N GLY A 28 -0.05 0.50 -7.09
CA GLY A 28 0.03 -0.68 -7.94
C GLY A 28 0.30 -1.92 -7.09
N PHE A 29 1.31 -1.82 -6.22
CA PHE A 29 1.69 -2.88 -5.31
C PHE A 29 0.45 -3.40 -4.55
N PHE A 30 -0.25 -2.49 -3.88
CA PHE A 30 -1.45 -2.84 -3.12
C PHE A 30 -2.48 -3.48 -4.04
N LYS A 31 -2.73 -2.87 -5.21
CA LYS A 31 -3.69 -3.39 -6.17
C LYS A 31 -3.39 -4.87 -6.48
N ARG A 32 -2.18 -5.15 -6.98
CA ARG A 32 -1.77 -6.50 -7.33
C ARG A 32 -1.84 -7.43 -6.11
N THR A 33 -1.30 -6.97 -4.98
CA THR A 33 -1.33 -7.72 -3.73
C THR A 33 -2.74 -8.16 -3.39
N VAL A 34 -3.71 -7.23 -3.40
CA VAL A 34 -5.10 -7.49 -3.09
C VAL A 34 -5.72 -8.43 -4.13
N ARG A 35 -5.59 -8.09 -5.42
CA ARG A 35 -6.17 -8.88 -6.51
C ARG A 35 -5.99 -10.39 -6.31
N LYS A 36 -4.75 -10.77 -5.99
CA LYS A 36 -4.35 -12.16 -5.77
C LYS A 36 -4.23 -12.52 -4.27
N ASP A 37 -4.53 -11.59 -3.37
CA ASP A 37 -4.41 -11.68 -1.91
C ASP A 37 -3.09 -12.33 -1.49
N LEU A 38 -1.97 -11.75 -1.93
CA LEU A 38 -0.64 -12.24 -1.61
C LEU A 38 -0.43 -12.24 -0.09
N THR A 39 -0.53 -13.44 0.48
CA THR A 39 -0.35 -13.68 1.89
C THR A 39 1.15 -13.73 2.16
N TYR A 40 1.79 -12.55 2.15
CA TYR A 40 3.22 -12.42 2.35
C TYR A 40 3.59 -12.59 3.82
N THR A 41 4.89 -12.66 4.12
CA THR A 41 5.42 -12.75 5.48
C THR A 41 6.86 -12.23 5.46
N CYS A 42 7.19 -11.28 6.33
CA CYS A 42 8.53 -10.72 6.49
C CYS A 42 9.18 -11.41 7.70
N ARG A 43 10.50 -11.25 7.85
CA ARG A 43 11.26 -11.87 8.94
C ARG A 43 10.79 -11.37 10.31
N ASP A 44 10.16 -10.20 10.35
CA ASP A 44 9.57 -9.58 11.53
C ASP A 44 8.20 -9.05 11.10
N ASN A 45 7.33 -8.74 12.06
CA ASN A 45 6.00 -8.23 11.75
C ASN A 45 6.08 -6.73 11.41
N LYS A 46 4.95 -6.02 11.45
CA LYS A 46 4.83 -4.60 11.15
C LYS A 46 5.76 -3.66 11.95
N ASP A 47 6.59 -4.20 12.85
CA ASP A 47 7.59 -3.44 13.58
C ASP A 47 8.75 -3.13 12.62
N CYS A 48 8.90 -3.93 11.56
CA CYS A 48 9.86 -3.67 10.49
C CYS A 48 9.27 -2.52 9.66
N LEU A 49 9.44 -1.30 10.17
CA LEU A 49 8.89 -0.08 9.60
C LEU A 49 9.26 0.14 8.13
N ILE A 50 8.44 0.96 7.48
CA ILE A 50 8.58 1.41 6.11
C ILE A 50 8.67 2.93 6.19
N ASP A 51 9.70 3.51 5.57
CA ASP A 51 9.99 4.93 5.51
C ASP A 51 10.67 5.18 4.16
N LYS A 52 11.12 6.41 3.90
CA LYS A 52 11.78 6.83 2.67
C LYS A 52 12.77 5.79 2.11
N ARG A 53 13.67 5.27 2.95
CA ARG A 53 14.70 4.33 2.52
C ARG A 53 14.15 2.94 2.17
N GLN A 54 12.93 2.62 2.60
CA GLN A 54 12.29 1.33 2.36
C GLN A 54 11.51 1.38 1.07
N ARG A 55 12.19 1.09 -0.05
CA ARG A 55 11.57 1.00 -1.36
C ARG A 55 10.57 -0.17 -1.35
N ASN A 56 9.77 -0.34 -2.40
CA ASN A 56 8.72 -1.35 -2.48
C ASN A 56 9.23 -2.79 -2.64
N ARG A 57 10.09 -3.21 -1.73
CA ARG A 57 10.67 -4.55 -1.62
C ARG A 57 10.02 -5.28 -0.44
N CYS A 58 9.82 -4.59 0.69
CA CYS A 58 9.25 -5.17 1.90
C CYS A 58 7.72 -5.23 1.79
N GLN A 59 7.27 -6.01 0.82
CA GLN A 59 5.87 -6.21 0.44
C GLN A 59 4.95 -6.48 1.64
N TYR A 60 5.27 -7.47 2.48
CA TYR A 60 4.43 -7.79 3.64
C TYR A 60 4.16 -6.55 4.49
N CYS A 61 5.21 -5.93 5.03
CA CYS A 61 5.07 -4.78 5.90
C CYS A 61 4.29 -3.67 5.18
N ARG A 62 4.53 -3.46 3.89
CA ARG A 62 3.73 -2.49 3.14
C ARG A 62 2.25 -2.87 3.19
N TYR A 63 1.92 -4.15 2.93
CA TYR A 63 0.54 -4.63 2.97
C TYR A 63 -0.05 -4.36 4.36
N GLN A 64 0.69 -4.75 5.42
CA GLN A 64 0.26 -4.49 6.78
C GLN A 64 -0.03 -3.00 7.00
N LYS A 65 0.88 -2.11 6.60
CA LYS A 65 0.67 -0.67 6.75
C LYS A 65 -0.58 -0.23 5.99
N ALA A 66 -0.71 -0.63 4.73
CA ALA A 66 -1.85 -0.30 3.89
C ALA A 66 -3.15 -0.67 4.61
N LEU A 67 -3.20 -1.90 5.15
CA LEU A 67 -4.35 -2.36 5.89
C LEU A 67 -4.55 -1.55 7.17
N ALA A 68 -3.48 -1.31 7.92
CA ALA A 68 -3.49 -0.52 9.14
C ALA A 68 -4.17 0.83 8.91
N MET A 69 -3.76 1.57 7.88
CA MET A 69 -4.36 2.85 7.56
C MET A 69 -5.73 2.74 6.90
N GLY A 70 -6.22 1.51 6.66
CA GLY A 70 -7.55 1.28 6.15
C GLY A 70 -7.67 1.53 4.66
N MET A 71 -6.68 1.11 3.87
CA MET A 71 -6.79 1.21 2.42
C MET A 71 -8.01 0.38 1.98
N LYS A 72 -8.97 1.03 1.32
CA LYS A 72 -10.22 0.40 0.92
C LYS A 72 -10.01 -0.65 -0.17
N ARG A 73 -9.62 -1.85 0.27
CA ARG A 73 -9.42 -3.06 -0.52
C ARG A 73 -10.49 -3.15 -1.61
N GLU A 74 -11.74 -2.87 -1.23
CA GLU A 74 -12.90 -2.89 -2.10
C GLU A 74 -12.62 -2.22 -3.45
N ALA A 75 -12.02 -1.03 -3.43
CA ALA A 75 -11.75 -0.27 -4.64
C ALA A 75 -10.83 -1.01 -5.61
N VAL A 76 -9.96 -1.90 -5.12
CA VAL A 76 -9.10 -2.68 -6.03
C VAL A 76 -9.95 -3.51 -6.98
N GLN A 77 -11.15 -3.92 -6.54
CA GLN A 77 -12.07 -4.68 -7.37
C GLN A 77 -12.55 -3.87 -8.58
N GLU A 78 -12.17 -2.59 -8.71
CA GLU A 78 -12.50 -1.79 -9.88
C GLU A 78 -12.06 -2.53 -11.15
N GLU A 79 -10.92 -3.24 -11.10
CA GLU A 79 -10.41 -4.02 -12.22
C GLU A 79 -11.28 -5.25 -12.51
N ARG A 80 -12.00 -5.73 -11.50
CA ARG A 80 -12.89 -6.89 -11.58
C ARG A 80 -14.33 -6.40 -11.46
N GLN A 81 -14.79 -5.65 -12.49
CA GLN A 81 -16.15 -5.11 -12.54
C GLN A 81 -17.17 -6.17 -12.14
N ARG A 82 -17.01 -7.38 -12.67
CA ARG A 82 -17.84 -8.53 -12.33
C ARG A 82 -17.45 -9.05 -10.95
N GLY A 83 -17.67 -8.24 -9.92
CA GLY A 83 -17.30 -8.57 -8.55
C GLY A 83 -15.78 -8.66 -8.42
ZN ZN B . 4.42 4.75 -1.00
ZN ZN C . 9.43 -5.95 6.84
#